data_3SXP
#
_entry.id   3SXP
#
_cell.length_a   130.940
_cell.length_b   106.770
_cell.length_c   152.220
_cell.angle_alpha   90.00
_cell.angle_beta   108.35
_cell.angle_gamma   90.00
#
_symmetry.space_group_name_H-M   'I 1 2 1'
#
loop_
_entity.id
_entity.type
_entity.pdbx_description
1 polymer ADP-L-glycero-D-mannoheptose-6-epimerase
2 non-polymer NICOTINAMIDE-ADENINE-DINUCLEOTIDE
3 water water
#
_entity_poly.entity_id   1
_entity_poly.type   'polypeptide(L)'
_entity_poly.pdbx_seq_one_letter_code
;MRYIDDELENQTILITGGAGFVGSNLAFHFQENHPKAKVVVLDKFRSNTLFSNNRPSSLGHFKNLIGFKGEVIAADINNP
LDLRRLEKLHFDYLFHQAAVSDTTMLNQELVMKTNYQAFLNLLEIARSKKAKVIYASSAGVYGNTKAPNVVGKNESPENV
YGFSKLCMDEFVLSHSNDNVQVGLRYFNVYGPREFYKEKTASMVLQLALGAMAFKEVKLFEFGEQLRDFVYIEDVIQANV
KAMKAQKSGVYNVGYSQARSYNEIVSILKEHLGDFKVTYIKNPYAFFQKHTQAHIEPTILDLDYTPLYDLESGIKDYLPH
IHAIFKGQRAKGELNSKLEGKPIPNLLGLDSTRTGHHHHHHH
;
_entity_poly.pdbx_strand_id   A,B,C,D,E
#
loop_
_chem_comp.id
_chem_comp.type
_chem_comp.name
_chem_comp.formula
NAD non-polymer NICOTINAMIDE-ADENINE-DINUCLEOTIDE 'C21 H27 N7 O14 P2'
#
# COMPACT_ATOMS: atom_id res chain seq x y z
N MET A 1 -9.05 2.22 46.33
CA MET A 1 -9.49 3.39 47.12
C MET A 1 -10.05 4.49 46.25
N ARG A 2 -11.35 4.77 46.41
CA ARG A 2 -12.00 5.82 45.63
C ARG A 2 -11.33 7.17 45.81
N TYR A 3 -11.14 7.88 44.71
CA TYR A 3 -10.51 9.18 44.76
C TYR A 3 -11.54 10.27 44.53
N ILE A 4 -12.77 9.84 44.26
CA ILE A 4 -13.90 10.75 44.06
C ILE A 4 -15.13 9.97 44.49
N ASP A 5 -16.04 10.61 45.19
CA ASP A 5 -17.22 9.91 45.67
C ASP A 5 -18.31 9.91 44.62
N ASP A 6 -17.92 9.67 43.38
CA ASP A 6 -18.88 9.59 42.30
C ASP A 6 -18.98 8.12 41.96
N GLU A 7 -20.18 7.65 41.67
CA GLU A 7 -20.42 6.25 41.36
C GLU A 7 -19.96 5.89 39.95
N LEU A 8 -20.03 6.88 39.06
CA LEU A 8 -19.69 6.71 37.66
C LEU A 8 -20.62 5.61 37.14
N GLU A 9 -21.81 5.56 37.72
CA GLU A 9 -22.79 4.53 37.41
C GLU A 9 -22.99 4.05 35.96
N ASN A 10 -23.39 4.91 35.03
CA ASN A 10 -23.58 4.41 33.68
C ASN A 10 -22.63 5.04 32.70
N GLN A 11 -21.45 5.39 33.21
CA GLN A 11 -20.43 6.03 32.40
C GLN A 11 -19.55 5.04 31.66
N THR A 12 -19.14 5.42 30.47
CA THR A 12 -18.24 4.58 29.69
C THR A 12 -16.88 5.28 29.66
N ILE A 13 -15.87 4.56 30.14
CA ILE A 13 -14.51 5.07 30.22
C ILE A 13 -13.59 4.45 29.19
N LEU A 14 -13.06 5.27 28.31
CA LEU A 14 -12.16 4.79 27.29
C LEU A 14 -10.70 5.10 27.66
N ILE A 15 -9.88 4.05 27.78
CA ILE A 15 -8.47 4.20 28.12
C ILE A 15 -7.61 3.67 26.98
N THR A 16 -6.92 4.59 26.29
CA THR A 16 -6.03 4.22 25.20
C THR A 16 -4.68 3.88 25.83
N GLY A 17 -3.93 2.97 25.21
CA GLY A 17 -2.67 2.55 25.78
C GLY A 17 -2.97 1.71 27.02
N GLY A 18 -4.18 1.15 27.05
CA GLY A 18 -4.65 0.35 28.16
C GLY A 18 -3.88 -0.93 28.44
N ALA A 19 -3.07 -1.38 27.49
CA ALA A 19 -2.28 -2.59 27.69
C ALA A 19 -0.92 -2.18 28.24
N GLY A 20 -0.71 -0.88 28.41
CA GLY A 20 0.55 -0.38 28.92
C GLY A 20 0.54 -0.17 30.43
N PHE A 21 1.64 0.38 30.94
CA PHE A 21 1.81 0.62 32.38
C PHE A 21 0.67 1.39 33.05
N VAL A 22 0.64 2.72 32.90
CA VAL A 22 -0.39 3.51 33.56
C VAL A 22 -1.81 3.20 33.09
N GLY A 23 -1.98 2.94 31.80
CA GLY A 23 -3.29 2.63 31.28
C GLY A 23 -3.94 1.42 31.92
N SER A 24 -3.17 0.34 32.05
CA SER A 24 -3.68 -0.89 32.64
C SER A 24 -3.97 -0.71 34.12
N ASN A 25 -3.08 -0.01 34.83
CA ASN A 25 -3.31 0.23 36.26
C ASN A 25 -4.59 1.05 36.45
N LEU A 26 -4.77 2.04 35.60
CA LEU A 26 -5.93 2.92 35.61
C LEU A 26 -7.19 2.13 35.37
N ALA A 27 -7.17 1.27 34.36
CA ALA A 27 -8.32 0.43 34.02
C ALA A 27 -8.76 -0.44 35.20
N PHE A 28 -7.78 -0.94 35.96
CA PHE A 28 -8.04 -1.78 37.14
C PHE A 28 -8.62 -0.95 38.28
N HIS A 29 -8.13 0.28 38.44
CA HIS A 29 -8.62 1.14 39.49
C HIS A 29 -10.13 1.30 39.33
N PHE A 30 -10.56 1.69 38.14
CA PHE A 30 -11.99 1.88 37.88
C PHE A 30 -12.74 0.58 38.05
N GLN A 31 -12.11 -0.51 37.62
CA GLN A 31 -12.73 -1.82 37.75
C GLN A 31 -13.08 -2.14 39.20
N GLU A 32 -12.12 -1.90 40.05
CA GLU A 32 -12.26 -2.18 41.47
C GLU A 32 -12.98 -1.10 42.27
N ASN A 33 -12.75 0.16 41.94
CA ASN A 33 -13.35 1.25 42.69
C ASN A 33 -14.68 1.81 42.17
N HIS A 34 -14.92 1.70 40.87
CA HIS A 34 -16.17 2.18 40.29
C HIS A 34 -16.70 1.08 39.39
N PRO A 35 -17.08 -0.04 40.01
CA PRO A 35 -17.61 -1.23 39.34
C PRO A 35 -18.83 -0.96 38.47
N LYS A 36 -19.48 0.18 38.66
CA LYS A 36 -20.64 0.49 37.86
C LYS A 36 -20.26 1.06 36.49
N ALA A 37 -19.10 1.69 36.42
CA ALA A 37 -18.63 2.28 35.17
C ALA A 37 -18.19 1.22 34.16
N LYS A 38 -18.34 1.53 32.87
CA LYS A 38 -17.92 0.60 31.81
C LYS A 38 -16.50 0.99 31.44
N VAL A 39 -15.57 0.09 31.68
CA VAL A 39 -14.17 0.35 31.35
C VAL A 39 -13.78 -0.35 30.05
N VAL A 40 -13.47 0.43 29.03
CA VAL A 40 -13.04 -0.18 27.77
C VAL A 40 -11.61 0.24 27.49
N VAL A 41 -10.75 -0.76 27.39
CA VAL A 41 -9.34 -0.57 27.13
C VAL A 41 -8.97 -0.72 25.65
N LEU A 42 -8.23 0.25 25.11
CA LEU A 42 -7.82 0.20 23.70
C LEU A 42 -6.32 0.15 23.57
N ASP A 43 -5.81 -0.71 22.70
CA ASP A 43 -4.37 -0.81 22.52
C ASP A 43 -3.96 -1.54 21.22
N LYS A 44 -2.82 -1.15 20.66
CA LYS A 44 -2.26 -1.74 19.45
C LYS A 44 -1.77 -3.15 19.83
N PHE A 45 -1.15 -3.24 21.01
CA PHE A 45 -0.69 -4.48 21.61
C PHE A 45 0.66 -5.06 21.28
N ARG A 46 1.72 -4.31 21.49
CA ARG A 46 3.06 -4.86 21.28
C ARG A 46 3.37 -5.32 19.87
N SER A 47 4.10 -4.48 19.15
CA SER A 47 4.49 -4.78 17.79
C SER A 47 6.00 -5.07 17.76
N ASN A 48 6.36 -6.36 17.71
CA ASN A 48 7.76 -6.81 17.64
C ASN A 48 7.88 -8.23 17.13
N PRO A 56 10.81 -2.38 20.99
CA PRO A 56 10.53 -1.33 20.00
C PRO A 56 9.04 -0.98 19.82
N SER A 57 8.79 0.23 19.33
CA SER A 57 7.44 0.75 19.08
C SER A 57 6.47 0.69 20.27
N SER A 58 5.41 -0.11 20.14
CA SER A 58 4.42 -0.22 21.21
C SER A 58 4.76 -1.32 22.21
N LEU A 59 4.95 -0.93 23.48
CA LEU A 59 5.27 -1.93 24.47
C LEU A 59 4.11 -2.33 25.40
N GLY A 60 2.92 -2.47 24.82
CA GLY A 60 1.75 -2.87 25.57
C GLY A 60 1.84 -4.37 25.71
N HIS A 61 1.19 -4.95 26.71
CA HIS A 61 1.30 -6.40 26.87
C HIS A 61 0.13 -6.98 27.65
N PHE A 62 -0.53 -7.98 27.06
CA PHE A 62 -1.70 -8.57 27.71
C PHE A 62 -1.49 -8.98 29.16
N LYS A 63 -0.25 -9.24 29.55
CA LYS A 63 0.02 -9.65 30.92
C LYS A 63 -0.43 -8.58 31.91
N ASN A 64 -0.41 -7.32 31.45
CA ASN A 64 -0.81 -6.20 32.27
C ASN A 64 -2.32 -6.11 32.44
N LEU A 65 -3.05 -6.97 31.76
CA LEU A 65 -4.51 -6.97 31.85
C LEU A 65 -5.05 -8.30 32.34
N ILE A 66 -4.19 -9.13 32.91
CA ILE A 66 -4.59 -10.46 33.37
C ILE A 66 -5.89 -10.57 34.18
N GLY A 67 -6.18 -9.65 35.07
CA GLY A 67 -7.44 -9.78 35.80
C GLY A 67 -8.56 -8.86 35.34
N PHE A 68 -8.45 -8.32 34.13
CA PHE A 68 -9.44 -7.38 33.60
C PHE A 68 -10.73 -8.04 33.14
N LYS A 69 -11.85 -7.62 33.72
CA LYS A 69 -13.17 -8.16 33.37
C LYS A 69 -13.94 -7.25 32.39
N GLY A 70 -13.39 -6.07 32.10
CA GLY A 70 -14.04 -5.13 31.17
C GLY A 70 -13.86 -5.57 29.72
N GLU A 71 -13.85 -4.62 28.78
CA GLU A 71 -13.65 -5.03 27.39
C GLU A 71 -12.47 -4.35 26.70
N VAL A 72 -11.99 -5.01 25.65
CA VAL A 72 -10.83 -4.54 24.91
C VAL A 72 -11.12 -4.14 23.49
N ILE A 73 -10.27 -3.27 22.96
CA ILE A 73 -10.38 -2.85 21.58
C ILE A 73 -8.98 -2.91 21.00
N ALA A 74 -8.79 -3.84 20.09
CA ALA A 74 -7.49 -3.99 19.44
C ALA A 74 -7.47 -2.95 18.33
N ALA A 75 -6.71 -1.89 18.52
CA ALA A 75 -6.67 -0.85 17.52
C ALA A 75 -5.38 -0.06 17.52
N ASP A 76 -5.05 0.53 16.38
CA ASP A 76 -3.88 1.37 16.22
C ASP A 76 -4.44 2.79 15.97
N ILE A 77 -4.18 3.70 16.90
CA ILE A 77 -4.70 5.07 16.81
C ILE A 77 -4.29 5.83 15.57
N ASN A 78 -3.33 5.29 14.83
CA ASN A 78 -2.87 5.92 13.59
C ASN A 78 -3.61 5.38 12.38
N ASN A 79 -4.35 4.29 12.59
CA ASN A 79 -5.10 3.62 11.54
C ASN A 79 -6.48 4.24 11.37
N PRO A 80 -6.70 4.98 10.26
CA PRO A 80 -7.99 5.63 9.98
C PRO A 80 -9.21 4.73 10.17
N LEU A 81 -9.11 3.50 9.66
CA LEU A 81 -10.21 2.57 9.75
C LEU A 81 -10.54 2.26 11.20
N ASP A 82 -9.51 2.06 12.02
CA ASP A 82 -9.72 1.78 13.44
C ASP A 82 -10.34 2.97 14.14
N LEU A 83 -9.88 4.16 13.80
CA LEU A 83 -10.41 5.37 14.42
C LEU A 83 -11.86 5.58 13.98
N ARG A 84 -12.13 5.26 12.73
CA ARG A 84 -13.47 5.43 12.18
C ARG A 84 -14.44 4.48 12.87
N ARG A 85 -13.93 3.30 13.22
CA ARG A 85 -14.72 2.27 13.88
C ARG A 85 -14.95 2.64 15.34
N LEU A 86 -13.97 3.35 15.88
CA LEU A 86 -14.00 3.81 17.26
C LEU A 86 -15.13 4.82 17.49
N GLU A 87 -15.55 5.49 16.42
CA GLU A 87 -16.60 6.49 16.53
C GLU A 87 -17.93 5.82 16.82
N LYS A 88 -18.02 4.52 16.55
CA LYS A 88 -19.25 3.77 16.83
C LYS A 88 -19.46 3.67 18.34
N LEU A 89 -18.36 3.67 19.08
CA LEU A 89 -18.39 3.55 20.54
C LEU A 89 -18.80 4.84 21.22
N HIS A 90 -19.75 4.73 22.13
CA HIS A 90 -20.17 5.91 22.86
C HIS A 90 -19.47 5.87 24.20
N PHE A 91 -18.56 6.82 24.44
CA PHE A 91 -17.85 6.88 25.71
C PHE A 91 -18.01 8.26 26.34
N ASP A 92 -17.98 8.31 27.66
CA ASP A 92 -18.13 9.56 28.39
C ASP A 92 -16.81 10.21 28.74
N TYR A 93 -15.76 9.40 28.88
CA TYR A 93 -14.44 9.90 29.22
C TYR A 93 -13.37 9.24 28.36
N LEU A 94 -12.32 9.98 28.09
CA LEU A 94 -11.21 9.46 27.33
C LEU A 94 -9.94 9.75 28.10
N PHE A 95 -9.24 8.69 28.49
CA PHE A 95 -7.96 8.83 29.19
C PHE A 95 -6.93 8.42 28.16
N HIS A 96 -6.31 9.40 27.50
CA HIS A 96 -5.33 9.09 26.47
C HIS A 96 -3.94 8.81 27.02
N GLN A 97 -3.64 7.52 27.19
CA GLN A 97 -2.34 7.10 27.72
C GLN A 97 -1.42 6.52 26.63
N ALA A 98 -1.97 6.22 25.46
CA ALA A 98 -1.20 5.62 24.38
C ALA A 98 -0.19 6.56 23.75
N ALA A 99 1.04 6.10 23.67
CA ALA A 99 2.11 6.87 23.06
C ALA A 99 3.26 5.93 22.70
N VAL A 100 4.32 6.48 22.10
CA VAL A 100 5.46 5.69 21.68
C VAL A 100 6.55 5.53 22.73
N SER A 101 7.17 4.34 22.76
CA SER A 101 8.25 4.02 23.71
C SER A 101 9.54 4.78 23.35
N ASP A 102 9.98 5.64 24.26
CA ASP A 102 11.18 6.44 24.05
C ASP A 102 12.37 5.56 23.68
N THR A 103 12.30 4.28 24.07
CA THR A 103 13.38 3.35 23.80
C THR A 103 13.84 3.40 22.33
N THR A 104 12.92 3.08 21.41
CA THR A 104 13.26 3.08 19.99
C THR A 104 12.76 4.35 19.28
N MET A 105 12.58 5.44 20.01
CA MET A 105 12.12 6.66 19.36
C MET A 105 13.24 7.21 18.48
N LEU A 106 13.36 6.55 17.32
CA LEU A 106 14.35 6.87 16.31
C LEU A 106 13.85 8.00 15.40
N ASN A 107 12.96 7.65 14.47
CA ASN A 107 12.42 8.63 13.51
C ASN A 107 11.60 9.75 14.15
N GLN A 108 11.97 10.99 13.83
CA GLN A 108 11.30 12.16 14.37
C GLN A 108 9.88 12.35 13.85
N GLU A 109 9.67 12.08 12.57
CA GLU A 109 8.36 12.24 11.99
C GLU A 109 7.33 11.27 12.56
N LEU A 110 7.75 10.04 12.84
CA LEU A 110 6.85 9.03 13.38
C LEU A 110 6.42 9.27 14.82
N VAL A 111 7.31 9.82 15.63
CA VAL A 111 6.97 10.09 17.01
C VAL A 111 5.84 11.14 17.00
N MET A 112 6.00 12.14 16.14
CA MET A 112 4.99 13.19 16.01
C MET A 112 3.66 12.64 15.53
N LYS A 113 3.70 11.70 14.58
CA LYS A 113 2.48 11.10 14.05
C LYS A 113 1.65 10.44 15.14
N THR A 114 2.23 9.47 15.83
CA THR A 114 1.48 8.77 16.86
C THR A 114 1.30 9.53 18.18
N ASN A 115 2.28 10.34 18.56
CA ASN A 115 2.17 11.07 19.83
C ASN A 115 1.37 12.36 19.75
N TYR A 116 1.32 12.96 18.57
CA TYR A 116 0.62 14.22 18.42
C TYR A 116 -0.50 14.20 17.40
N GLN A 117 -0.17 13.84 16.17
CA GLN A 117 -1.17 13.80 15.10
C GLN A 117 -2.33 12.88 15.47
N ALA A 118 -2.01 11.68 15.94
CA ALA A 118 -3.03 10.72 16.32
C ALA A 118 -3.84 11.26 17.48
N PHE A 119 -3.18 12.06 18.32
CA PHE A 119 -3.82 12.67 19.49
C PHE A 119 -4.92 13.64 19.10
N LEU A 120 -4.59 14.54 18.17
CA LEU A 120 -5.53 15.53 17.69
C LEU A 120 -6.82 14.93 17.17
N ASN A 121 -6.69 13.78 16.51
CA ASN A 121 -7.83 13.07 15.96
C ASN A 121 -8.73 12.52 17.06
N LEU A 122 -8.11 12.07 18.14
CA LEU A 122 -8.85 11.56 19.28
C LEU A 122 -9.55 12.73 19.96
N LEU A 123 -8.89 13.88 19.94
CA LEU A 123 -9.43 15.09 20.52
C LEU A 123 -10.74 15.43 19.77
N GLU A 124 -10.66 15.40 18.44
CA GLU A 124 -11.79 15.67 17.56
C GLU A 124 -12.96 14.72 17.83
N ILE A 125 -12.66 13.44 17.99
CA ILE A 125 -13.71 12.46 18.23
C ILE A 125 -14.31 12.66 19.60
N ALA A 126 -13.47 12.92 20.59
CA ALA A 126 -13.99 13.13 21.94
C ALA A 126 -14.87 14.39 21.97
N ARG A 127 -14.40 15.45 21.34
CA ARG A 127 -15.16 16.70 21.32
C ARG A 127 -16.55 16.50 20.72
N SER A 128 -16.63 15.77 19.61
CA SER A 128 -17.90 15.51 18.94
C SER A 128 -18.80 14.73 19.87
N LYS A 129 -18.22 13.77 20.59
CA LYS A 129 -18.99 12.97 21.52
C LYS A 129 -19.13 13.69 22.85
N LYS A 130 -18.64 14.92 22.93
CA LYS A 130 -18.73 15.71 24.15
C LYS A 130 -18.26 14.89 25.33
N ALA A 131 -17.18 14.15 25.14
CA ALA A 131 -16.61 13.31 26.20
C ALA A 131 -15.41 14.03 26.76
N LYS A 132 -15.33 14.12 28.09
CA LYS A 132 -14.20 14.79 28.74
C LYS A 132 -12.90 14.07 28.38
N VAL A 133 -11.84 14.84 28.22
CA VAL A 133 -10.55 14.26 27.86
C VAL A 133 -9.50 14.48 28.94
N ILE A 134 -8.78 13.42 29.29
CA ILE A 134 -7.70 13.50 30.27
C ILE A 134 -6.55 12.79 29.59
N TYR A 135 -5.47 13.50 29.32
CA TYR A 135 -4.37 12.86 28.62
C TYR A 135 -3.02 12.93 29.34
N ALA A 136 -2.15 12.01 28.97
CA ALA A 136 -0.84 11.93 29.58
C ALA A 136 0.19 12.74 28.80
N SER A 137 0.82 13.69 29.48
CA SER A 137 1.87 14.47 28.86
C SER A 137 3.16 13.94 29.51
N SER A 138 4.17 14.77 29.64
CA SER A 138 5.40 14.30 30.23
C SER A 138 6.20 15.43 30.83
N ALA A 139 7.07 15.09 31.78
CA ALA A 139 7.93 16.07 32.42
C ALA A 139 9.07 16.30 31.43
N GLY A 140 9.04 15.55 30.33
CA GLY A 140 10.06 15.68 29.32
C GLY A 140 9.97 17.01 28.59
N VAL A 141 8.83 17.68 28.72
CA VAL A 141 8.64 18.96 28.07
C VAL A 141 9.60 20.01 28.63
N TYR A 142 10.16 19.75 29.80
CA TYR A 142 11.09 20.68 30.43
C TYR A 142 12.55 20.54 30.01
N GLY A 143 12.88 19.40 29.40
CA GLY A 143 14.24 19.18 28.98
C GLY A 143 15.15 19.39 30.15
N ASN A 144 16.35 19.89 29.91
CA ASN A 144 17.32 20.12 30.99
C ASN A 144 17.25 21.53 31.56
N THR A 145 16.11 21.91 32.12
CA THR A 145 15.97 23.24 32.68
C THR A 145 15.97 23.19 34.20
N LYS A 146 16.23 24.34 34.83
CA LYS A 146 16.26 24.45 36.28
C LYS A 146 14.99 23.95 36.93
N ALA A 147 15.15 23.18 38.01
CA ALA A 147 14.02 22.67 38.76
C ALA A 147 13.83 23.74 39.84
N PRO A 148 12.63 23.83 40.44
CA PRO A 148 11.45 23.00 40.19
C PRO A 148 10.91 23.27 38.79
N ASN A 149 10.20 22.30 38.23
CA ASN A 149 9.65 22.44 36.90
C ASN A 149 8.22 22.95 36.97
N VAL A 150 8.03 24.16 36.49
CA VAL A 150 6.73 24.80 36.51
C VAL A 150 6.10 24.85 35.12
N VAL A 151 4.82 24.49 35.06
CA VAL A 151 4.09 24.49 33.80
C VAL A 151 4.03 25.92 33.33
N GLY A 152 4.42 26.14 32.08
CA GLY A 152 4.41 27.47 31.52
C GLY A 152 5.79 28.11 31.48
N LYS A 153 6.73 27.51 32.19
CA LYS A 153 8.09 28.03 32.25
C LYS A 153 9.15 27.00 31.89
N ASN A 154 10.16 27.47 31.16
CA ASN A 154 11.29 26.66 30.75
C ASN A 154 10.98 25.30 30.15
N GLU A 155 9.97 25.24 29.30
CA GLU A 155 9.68 23.97 28.67
C GLU A 155 10.49 23.90 27.37
N SER A 156 11.71 23.41 27.51
CA SER A 156 12.63 23.25 26.40
C SER A 156 13.00 21.78 26.23
N PRO A 157 12.15 21.03 25.50
CA PRO A 157 12.38 19.60 25.27
C PRO A 157 13.77 19.38 24.70
N GLU A 158 14.32 18.20 24.92
CA GLU A 158 15.65 17.87 24.40
C GLU A 158 15.53 16.77 23.33
N ASN A 159 14.38 16.12 23.28
CA ASN A 159 14.12 15.06 22.31
C ASN A 159 12.73 15.21 21.69
N VAL A 160 12.49 14.52 20.58
CA VAL A 160 11.20 14.60 19.91
C VAL A 160 10.08 14.21 20.84
N TYR A 161 10.23 13.08 21.51
CA TYR A 161 9.23 12.58 22.44
C TYR A 161 8.77 13.70 23.40
N GLY A 162 9.72 14.39 24.02
CA GLY A 162 9.35 15.48 24.92
C GLY A 162 8.62 16.60 24.21
N PHE A 163 9.08 16.92 23.00
CA PHE A 163 8.49 17.97 22.16
C PHE A 163 7.07 17.61 21.78
N SER A 164 6.88 16.38 21.32
CA SER A 164 5.57 15.92 20.92
C SER A 164 4.59 16.15 22.06
N LYS A 165 5.00 15.83 23.29
CA LYS A 165 4.14 16.02 24.44
C LYS A 165 3.83 17.48 24.65
N LEU A 166 4.82 18.32 24.40
CA LEU A 166 4.67 19.76 24.57
C LEU A 166 3.60 20.27 23.59
N CYS A 167 3.64 19.74 22.38
CA CYS A 167 2.70 20.13 21.33
C CYS A 167 1.29 19.78 21.75
N MET A 168 1.13 18.67 22.46
CA MET A 168 -0.18 18.27 22.90
C MET A 168 -0.74 19.35 23.78
N ASP A 169 0.09 19.79 24.72
CA ASP A 169 -0.33 20.82 25.66
C ASP A 169 -0.55 22.15 25.00
N GLU A 170 0.40 22.58 24.17
CA GLU A 170 0.27 23.88 23.50
C GLU A 170 -1.01 23.93 22.67
N PHE A 171 -1.51 22.76 22.28
CA PHE A 171 -2.72 22.67 21.49
C PHE A 171 -3.94 22.80 22.35
N VAL A 172 -4.02 22.00 23.41
CA VAL A 172 -5.19 22.08 24.26
C VAL A 172 -5.27 23.45 24.87
N LEU A 173 -4.12 24.08 25.13
CA LEU A 173 -4.15 25.42 25.72
C LEU A 173 -4.74 26.42 24.73
N SER A 174 -4.41 26.24 23.45
CA SER A 174 -4.92 27.11 22.39
C SER A 174 -6.41 26.83 22.18
N HIS A 175 -6.83 25.60 22.49
CA HIS A 175 -8.22 25.18 22.34
C HIS A 175 -8.85 24.80 23.66
N SER A 176 -8.55 25.58 24.69
CA SER A 176 -9.07 25.31 26.03
C SER A 176 -10.59 25.30 26.19
N ASN A 177 -11.33 25.81 25.20
CA ASN A 177 -12.78 25.83 25.30
C ASN A 177 -13.52 24.95 24.31
N ASP A 178 -12.78 24.19 23.52
CA ASP A 178 -13.39 23.28 22.54
C ASP A 178 -14.08 22.16 23.30
N ASN A 179 -13.51 21.81 24.44
CA ASN A 179 -14.01 20.72 25.29
C ASN A 179 -13.18 20.82 26.57
N VAL A 180 -13.53 20.04 27.59
CA VAL A 180 -12.75 20.02 28.82
C VAL A 180 -11.60 19.02 28.57
N GLN A 181 -10.39 19.53 28.36
CA GLN A 181 -9.24 18.68 28.09
C GLN A 181 -8.15 18.93 29.13
N VAL A 182 -7.80 17.89 29.88
CA VAL A 182 -6.80 18.00 30.95
C VAL A 182 -5.50 17.22 30.73
N GLY A 183 -4.40 17.94 30.57
CA GLY A 183 -3.11 17.31 30.37
C GLY A 183 -2.37 17.02 31.66
N LEU A 184 -1.78 15.82 31.77
CA LEU A 184 -1.07 15.42 32.98
C LEU A 184 0.41 15.12 32.73
N ARG A 185 1.30 16.01 33.19
CA ARG A 185 2.73 15.82 33.00
C ARG A 185 3.33 14.93 34.07
N TYR A 186 3.52 13.66 33.75
CA TYR A 186 4.09 12.71 34.71
C TYR A 186 5.61 12.86 34.86
N PHE A 187 6.12 12.60 36.06
CA PHE A 187 7.55 12.66 36.36
C PHE A 187 8.02 11.28 36.87
N ASN A 188 8.92 10.62 36.16
CA ASN A 188 9.43 9.31 36.63
C ASN A 188 8.44 8.52 37.46
N VAL A 189 7.49 7.89 36.78
CA VAL A 189 6.48 7.09 37.46
C VAL A 189 7.01 5.68 37.67
N TYR A 190 6.64 5.07 38.79
CA TYR A 190 7.06 3.71 39.07
C TYR A 190 5.90 2.99 39.73
N GLY A 191 5.95 1.68 39.78
CA GLY A 191 4.88 0.93 40.39
C GLY A 191 4.56 -0.29 39.56
N PRO A 192 3.60 -1.08 40.01
CA PRO A 192 3.16 -2.30 39.32
C PRO A 192 2.77 -2.16 37.84
N ARG A 193 3.14 -3.17 37.06
CA ARG A 193 2.81 -3.24 35.64
C ARG A 193 3.69 -2.41 34.70
N GLU A 194 4.92 -2.14 35.11
CA GLU A 194 5.82 -1.36 34.26
C GLU A 194 6.95 -2.27 33.80
N PHE A 195 6.89 -3.52 34.25
CA PHE A 195 7.90 -4.50 33.91
C PHE A 195 8.08 -4.70 32.41
N TYR A 196 6.98 -4.83 31.69
CA TYR A 196 7.02 -5.05 30.26
C TYR A 196 7.47 -3.87 29.42
N LYS A 197 7.82 -2.76 30.07
CA LYS A 197 8.32 -1.60 29.35
C LYS A 197 9.79 -1.89 29.08
N GLU A 198 10.21 -3.08 29.50
CA GLU A 198 11.59 -3.56 29.32
C GLU A 198 12.62 -2.61 29.89
N LYS A 199 13.57 -2.23 29.04
CA LYS A 199 14.64 -1.36 29.44
C LYS A 199 14.21 0.03 29.81
N THR A 200 12.96 0.37 29.52
CA THR A 200 12.48 1.70 29.83
C THR A 200 11.62 1.69 31.09
N ALA A 201 11.71 0.63 31.87
CA ALA A 201 10.96 0.55 33.12
C ALA A 201 11.71 1.38 34.19
N SER A 202 10.98 1.91 35.19
CA SER A 202 11.58 2.76 36.22
C SER A 202 12.86 2.24 36.85
N MET A 203 13.68 3.17 37.35
CA MET A 203 14.93 2.82 38.00
C MET A 203 14.68 2.05 39.27
N VAL A 204 13.59 2.37 39.97
CA VAL A 204 13.30 1.63 41.19
C VAL A 204 13.07 0.16 40.78
N LEU A 205 12.43 -0.07 39.65
CA LEU A 205 12.20 -1.43 39.19
C LEU A 205 13.53 -2.00 38.73
N GLN A 206 14.34 -1.17 38.07
CA GLN A 206 15.65 -1.58 37.56
C GLN A 206 16.58 -1.98 38.70
N LEU A 207 16.82 -1.05 39.60
CA LEU A 207 17.70 -1.30 40.74
C LEU A 207 17.19 -2.48 41.57
N ALA A 208 15.94 -2.41 42.02
CA ALA A 208 15.35 -3.48 42.83
C ALA A 208 15.51 -4.86 42.21
N LEU A 209 15.55 -4.93 40.89
CA LEU A 209 15.69 -6.20 40.20
C LEU A 209 17.14 -6.64 40.15
N GLY A 210 18.04 -5.69 39.95
CA GLY A 210 19.46 -6.00 39.90
C GLY A 210 19.90 -6.50 41.26
N ALA A 211 19.43 -5.82 42.30
CA ALA A 211 19.73 -6.17 43.66
C ALA A 211 19.20 -7.57 43.96
N MET A 212 17.92 -7.80 43.69
CA MET A 212 17.33 -9.11 43.95
C MET A 212 17.95 -10.23 43.13
N ALA A 213 18.46 -9.89 41.95
CA ALA A 213 19.09 -10.90 41.11
C ALA A 213 20.58 -11.03 41.38
N PHE A 214 21.36 -10.23 40.67
CA PHE A 214 22.81 -10.23 40.77
C PHE A 214 23.37 -9.71 42.10
N LYS A 215 22.49 -9.35 43.02
CA LYS A 215 22.91 -8.83 44.33
C LYS A 215 23.86 -7.64 44.17
N GLU A 216 24.02 -7.18 42.94
CA GLU A 216 24.87 -6.06 42.60
C GLU A 216 24.05 -5.12 41.71
N VAL A 217 24.31 -3.82 41.80
CA VAL A 217 23.57 -2.86 41.00
C VAL A 217 24.50 -1.82 40.38
N LYS A 218 24.34 -1.58 39.07
CA LYS A 218 25.17 -0.59 38.39
C LYS A 218 24.46 0.75 38.53
N LEU A 219 25.18 1.85 38.34
CA LEU A 219 24.59 3.18 38.45
C LEU A 219 25.61 4.19 37.94
N PHE A 220 25.17 5.10 37.08
CA PHE A 220 26.09 6.10 36.53
C PHE A 220 26.73 7.01 37.56
N GLU A 221 27.58 7.89 37.05
CA GLU A 221 28.31 8.87 37.85
C GLU A 221 27.70 9.17 39.22
N PHE A 222 28.13 8.42 40.23
CA PHE A 222 27.65 8.60 41.60
C PHE A 222 26.14 8.46 41.84
N GLY A 223 25.38 8.32 40.76
CA GLY A 223 23.94 8.17 40.89
C GLY A 223 23.25 9.00 41.95
N GLU A 224 23.67 10.25 42.09
CA GLU A 224 23.05 11.14 43.08
C GLU A 224 22.19 12.19 42.42
N GLN A 225 21.95 12.04 41.12
CA GLN A 225 21.11 12.96 40.37
C GLN A 225 19.68 12.80 40.85
N LEU A 226 18.98 13.92 41.00
CA LEU A 226 17.62 13.91 41.51
C LEU A 226 16.49 13.89 40.47
N ARG A 227 15.50 13.04 40.75
CA ARG A 227 14.33 12.89 39.91
C ARG A 227 13.14 12.92 40.83
N ASP A 228 12.02 13.46 40.35
CA ASP A 228 10.81 13.50 41.16
C ASP A 228 10.13 12.18 40.85
N PHE A 229 10.26 11.21 41.74
CA PHE A 229 9.66 9.90 41.56
C PHE A 229 8.26 9.92 42.09
N VAL A 230 7.27 9.65 41.23
CA VAL A 230 5.90 9.63 41.68
C VAL A 230 5.34 8.20 41.55
N TYR A 231 4.73 7.72 42.62
CA TYR A 231 4.18 6.37 42.60
C TYR A 231 2.95 6.28 41.70
N ILE A 232 2.85 5.16 40.99
CA ILE A 232 1.75 4.93 40.08
C ILE A 232 0.38 5.22 40.70
N GLU A 233 0.26 5.08 42.02
CA GLU A 233 -1.02 5.34 42.67
C GLU A 233 -1.38 6.81 42.68
N ASP A 234 -0.38 7.67 42.80
CA ASP A 234 -0.66 9.10 42.81
C ASP A 234 -1.01 9.55 41.40
N VAL A 235 -0.39 8.90 40.41
CA VAL A 235 -0.69 9.22 39.01
C VAL A 235 -2.18 8.90 38.76
N ILE A 236 -2.62 7.78 39.33
CA ILE A 236 -4.00 7.33 39.19
C ILE A 236 -4.93 8.35 39.86
N GLN A 237 -4.57 8.79 41.07
CA GLN A 237 -5.36 9.78 41.77
C GLN A 237 -5.55 10.99 40.86
N ALA A 238 -4.46 11.40 40.22
CA ALA A 238 -4.46 12.55 39.32
C ALA A 238 -5.43 12.41 38.17
N ASN A 239 -5.48 11.23 37.55
CA ASN A 239 -6.38 11.01 36.43
C ASN A 239 -7.86 11.06 36.86
N VAL A 240 -8.21 10.33 37.93
CA VAL A 240 -9.59 10.32 38.38
C VAL A 240 -10.02 11.68 38.95
N LYS A 241 -9.11 12.41 39.59
CA LYS A 241 -9.46 13.73 40.11
C LYS A 241 -9.67 14.66 38.90
N ALA A 242 -8.87 14.43 37.87
CA ALA A 242 -8.93 15.22 36.64
C ALA A 242 -10.26 15.09 35.90
N MET A 243 -10.97 14.00 36.09
CA MET A 243 -12.23 13.82 35.38
C MET A 243 -13.39 14.59 35.97
N LYS A 244 -13.10 15.43 36.95
CA LYS A 244 -14.13 16.25 37.56
C LYS A 244 -13.82 17.71 37.25
N ALA A 245 -12.79 17.93 36.44
CA ALA A 245 -12.39 19.27 36.06
C ALA A 245 -13.46 19.85 35.13
N GLN A 246 -13.82 21.10 35.38
CA GLN A 246 -14.83 21.77 34.59
C GLN A 246 -14.19 22.75 33.62
N LYS A 247 -12.86 22.70 33.54
CA LYS A 247 -12.11 23.57 32.65
C LYS A 247 -10.86 22.87 32.16
N SER A 248 -10.42 23.18 30.94
CA SER A 248 -9.20 22.59 30.39
C SER A 248 -7.95 23.11 31.13
N GLY A 249 -6.83 22.39 31.04
CA GLY A 249 -5.60 22.82 31.68
C GLY A 249 -4.53 21.74 31.64
N VAL A 250 -3.27 22.10 31.84
CA VAL A 250 -2.20 21.10 31.88
C VAL A 250 -1.47 21.23 33.22
N TYR A 251 -1.33 20.09 33.90
CA TYR A 251 -0.74 20.05 35.22
C TYR A 251 0.47 19.15 35.42
N ASN A 252 1.34 19.54 36.33
CA ASN A 252 2.50 18.73 36.64
C ASN A 252 1.94 17.71 37.61
N VAL A 253 2.39 16.47 37.51
CA VAL A 253 1.93 15.46 38.44
C VAL A 253 3.12 14.59 38.85
N GLY A 254 3.66 14.92 40.00
CA GLY A 254 4.78 14.22 40.59
C GLY A 254 4.52 14.29 42.08
N TYR A 255 5.51 13.93 42.89
CA TYR A 255 5.34 13.98 44.34
C TYR A 255 5.79 15.37 44.80
N SER A 256 6.40 16.12 43.89
CA SER A 256 6.92 17.47 44.11
C SER A 256 8.09 17.46 45.09
N GLN A 257 8.79 16.33 45.12
CA GLN A 257 9.94 16.16 46.00
C GLN A 257 10.96 15.28 45.30
N ALA A 258 12.07 15.89 44.90
CA ALA A 258 13.14 15.18 44.21
C ALA A 258 13.91 14.25 45.14
N ARG A 259 14.36 13.12 44.59
CA ARG A 259 15.13 12.14 45.34
C ARG A 259 16.24 11.59 44.44
N SER A 260 17.40 11.28 45.02
CA SER A 260 18.52 10.76 44.26
C SER A 260 18.40 9.26 44.03
N TYR A 261 19.07 8.74 43.00
CA TYR A 261 19.03 7.32 42.70
C TYR A 261 19.64 6.55 43.87
N ASN A 262 20.42 7.25 44.67
CA ASN A 262 21.06 6.63 45.82
C ASN A 262 20.04 6.37 46.92
N GLU A 263 19.13 7.31 47.11
CA GLU A 263 18.08 7.16 48.12
C GLU A 263 17.22 5.95 47.83
N ILE A 264 17.14 5.57 46.56
CA ILE A 264 16.37 4.39 46.16
C ILE A 264 17.19 3.21 46.64
N VAL A 265 18.45 3.17 46.24
CA VAL A 265 19.37 2.11 46.63
C VAL A 265 19.33 1.95 48.14
N SER A 266 19.28 3.07 48.83
CA SER A 266 19.20 3.11 50.28
C SER A 266 17.90 2.46 50.74
N ILE A 267 16.76 3.11 50.45
CA ILE A 267 15.45 2.59 50.83
C ILE A 267 15.31 1.13 50.39
N LEU A 268 16.10 0.75 49.39
CA LEU A 268 16.06 -0.60 48.84
C LEU A 268 16.85 -1.56 49.73
N LYS A 269 18.02 -1.11 50.18
CA LYS A 269 18.85 -1.93 51.06
C LYS A 269 18.09 -2.14 52.36
N GLU A 270 17.41 -1.10 52.80
CA GLU A 270 16.63 -1.12 54.02
C GLU A 270 15.56 -2.21 53.97
N HIS A 271 15.38 -2.82 52.80
CA HIS A 271 14.39 -3.87 52.63
C HIS A 271 15.08 -5.15 52.18
N LEU A 272 15.69 -5.09 51.00
CA LEU A 272 16.40 -6.23 50.41
C LEU A 272 17.77 -6.54 51.07
N GLY A 273 18.08 -5.89 52.18
CA GLY A 273 19.37 -6.13 52.81
C GLY A 273 20.40 -5.38 52.00
N ASP A 274 21.68 -5.71 52.15
CA ASP A 274 22.73 -5.02 51.40
C ASP A 274 23.02 -5.68 50.06
N PHE A 275 23.68 -4.93 49.17
CA PHE A 275 24.06 -5.41 47.85
C PHE A 275 25.17 -4.54 47.27
N LYS A 276 25.82 -5.00 46.20
CA LYS A 276 26.90 -4.20 45.61
C LYS A 276 26.40 -2.96 44.90
N VAL A 277 27.19 -1.88 45.00
CA VAL A 277 26.85 -0.62 44.39
C VAL A 277 27.93 -0.15 43.40
N THR A 278 28.03 -0.85 42.29
CA THR A 278 29.00 -0.55 41.25
C THR A 278 28.55 0.65 40.42
N TYR A 279 29.48 1.57 40.14
CA TYR A 279 29.17 2.75 39.34
C TYR A 279 29.66 2.64 37.91
N ILE A 280 29.78 3.79 37.27
CA ILE A 280 30.25 3.89 35.91
C ILE A 280 30.25 5.36 35.55
N LYS A 281 31.18 5.75 34.70
CA LYS A 281 31.26 7.15 34.31
C LYS A 281 31.19 7.33 32.80
N LYS A 289 20.70 16.56 34.80
CA LYS A 289 19.26 16.82 34.82
C LYS A 289 18.78 16.80 36.27
N HIS A 290 17.73 17.55 36.54
CA HIS A 290 17.17 17.62 37.90
C HIS A 290 15.71 17.99 37.79
N THR A 291 14.83 17.09 38.20
CA THR A 291 13.41 17.38 38.13
C THR A 291 12.73 17.40 39.47
N GLN A 292 11.76 18.30 39.61
CA GLN A 292 10.96 18.40 40.81
C GLN A 292 9.70 19.15 40.43
N ALA A 293 8.60 18.43 40.42
CA ALA A 293 7.32 18.98 40.04
C ALA A 293 6.77 20.12 40.92
N HIS A 294 6.48 21.25 40.29
CA HIS A 294 5.84 22.35 41.01
C HIS A 294 4.39 21.87 40.87
N ILE A 295 3.81 21.45 41.98
CA ILE A 295 2.48 20.86 42.00
C ILE A 295 1.33 21.74 42.46
N GLU A 296 1.62 22.98 42.82
CA GLU A 296 0.60 23.91 43.33
C GLU A 296 -0.73 24.00 42.59
N PRO A 297 -0.70 24.32 41.29
CA PRO A 297 -1.90 24.47 40.46
C PRO A 297 -2.73 23.19 40.37
N THR A 298 -2.03 22.06 40.38
CA THR A 298 -2.64 20.74 40.30
C THR A 298 -3.48 20.53 41.56
N ILE A 299 -2.88 20.83 42.71
CA ILE A 299 -3.56 20.72 44.00
C ILE A 299 -4.74 21.67 43.96
N LEU A 300 -4.45 22.91 43.64
CA LEU A 300 -5.45 23.96 43.56
C LEU A 300 -6.63 23.59 42.67
N ASP A 301 -6.35 23.19 41.44
CA ASP A 301 -7.41 22.84 40.49
C ASP A 301 -8.00 21.45 40.53
N LEU A 302 -7.18 20.44 40.80
CA LEU A 302 -7.66 19.05 40.82
C LEU A 302 -7.83 18.43 42.19
N ASP A 303 -7.48 19.16 43.25
CA ASP A 303 -7.57 18.62 44.59
C ASP A 303 -6.53 17.50 44.74
N TYR A 304 -5.56 17.50 43.85
CA TYR A 304 -4.50 16.50 43.88
C TYR A 304 -3.72 16.65 45.17
N THR A 305 -3.42 15.52 45.79
CA THR A 305 -2.66 15.50 47.03
C THR A 305 -1.92 14.17 47.05
N PRO A 306 -0.66 14.16 46.58
CA PRO A 306 0.12 12.93 46.55
C PRO A 306 0.41 12.35 47.91
N LEU A 307 0.35 11.03 47.97
CA LEU A 307 0.65 10.26 49.17
C LEU A 307 1.91 9.56 48.66
N TYR A 308 2.40 8.52 49.33
CA TYR A 308 3.57 7.82 48.77
C TYR A 308 4.83 8.60 48.43
N ASP A 309 5.77 8.71 49.37
CA ASP A 309 7.04 9.35 49.06
C ASP A 309 7.85 8.18 48.52
N LEU A 310 9.11 8.39 48.18
CA LEU A 310 9.90 7.30 47.64
C LEU A 310 9.82 6.09 48.54
N GLU A 311 9.74 6.32 49.84
CA GLU A 311 9.69 5.25 50.82
C GLU A 311 8.38 4.46 50.76
N SER A 312 7.27 5.16 50.92
CA SER A 312 5.94 4.54 50.88
C SER A 312 5.75 3.87 49.54
N GLY A 313 6.32 4.47 48.51
CA GLY A 313 6.22 3.92 47.18
C GLY A 313 7.00 2.63 47.07
N ILE A 314 8.32 2.70 47.28
CA ILE A 314 9.18 1.52 47.20
C ILE A 314 8.62 0.41 48.10
N LYS A 315 8.07 0.79 49.24
CA LYS A 315 7.51 -0.19 50.16
C LYS A 315 6.38 -0.93 49.49
N ASP A 316 5.34 -0.21 49.09
CA ASP A 316 4.15 -0.77 48.45
C ASP A 316 4.46 -1.55 47.15
N TYR A 317 5.44 -1.08 46.40
CA TYR A 317 5.78 -1.70 45.14
C TYR A 317 6.55 -3.01 45.30
N LEU A 318 7.53 -3.00 46.20
CA LEU A 318 8.42 -4.13 46.45
C LEU A 318 7.85 -5.55 46.50
N PRO A 319 6.65 -5.74 47.06
CA PRO A 319 6.09 -7.09 47.10
C PRO A 319 5.93 -7.65 45.69
N HIS A 320 5.41 -6.81 44.80
CA HIS A 320 5.20 -7.21 43.41
C HIS A 320 6.54 -7.51 42.73
N ILE A 321 7.55 -6.68 43.01
CA ILE A 321 8.87 -6.86 42.44
C ILE A 321 9.42 -8.22 42.83
N HIS A 322 8.93 -8.75 43.94
CA HIS A 322 9.35 -10.05 44.42
C HIS A 322 8.87 -11.17 43.52
N ALA A 323 7.84 -10.90 42.73
CA ALA A 323 7.34 -11.89 41.80
C ALA A 323 8.43 -12.13 40.75
N ILE A 324 9.31 -13.07 41.05
CA ILE A 324 10.42 -13.46 40.17
C ILE A 324 10.27 -14.94 39.83
N MET B 1 7.09 28.21 -37.16
CA MET B 1 6.31 28.35 -38.43
C MET B 1 4.91 27.77 -38.29
N ARG B 2 3.88 28.61 -38.41
CA ARG B 2 2.50 28.17 -38.30
C ARG B 2 2.16 27.09 -39.32
N TYR B 3 1.48 26.05 -38.86
CA TYR B 3 1.09 24.95 -39.74
C TYR B 3 -0.38 25.00 -40.03
N ILE B 4 -1.07 25.94 -39.38
CA ILE B 4 -2.49 26.17 -39.60
C ILE B 4 -2.70 27.66 -39.33
N ASP B 5 -3.51 28.32 -40.14
CA ASP B 5 -3.73 29.75 -39.95
C ASP B 5 -4.83 30.01 -38.94
N ASP B 6 -4.81 29.24 -37.87
CA ASP B 6 -5.80 29.45 -36.82
C ASP B 6 -5.04 30.10 -35.68
N GLU B 7 -5.69 31.02 -35.01
CA GLU B 7 -5.07 31.74 -33.91
C GLU B 7 -5.02 30.92 -32.64
N LEU B 8 -5.98 30.02 -32.49
CA LEU B 8 -6.10 29.17 -31.30
C LEU B 8 -6.22 30.12 -30.13
N GLU B 9 -6.81 31.28 -30.38
CA GLU B 9 -6.93 32.34 -29.39
C GLU B 9 -7.25 32.00 -27.93
N ASN B 10 -8.40 31.43 -27.63
CA ASN B 10 -8.67 31.14 -26.21
C ASN B 10 -8.74 29.65 -25.93
N GLN B 11 -8.00 28.89 -26.71
CA GLN B 11 -7.96 27.44 -26.58
C GLN B 11 -6.95 26.96 -25.56
N THR B 12 -7.30 25.89 -24.86
CA THR B 12 -6.41 25.31 -23.87
C THR B 12 -5.93 23.99 -24.46
N ILE B 13 -4.61 23.86 -24.56
CA ILE B 13 -3.98 22.69 -25.14
C ILE B 13 -3.28 21.85 -24.08
N LEU B 14 -3.71 20.61 -23.93
CA LEU B 14 -3.11 19.73 -22.93
C LEU B 14 -2.19 18.73 -23.61
N ILE B 15 -0.92 18.76 -23.22
CA ILE B 15 0.08 17.85 -23.77
C ILE B 15 0.63 16.93 -22.71
N THR B 16 0.30 15.65 -22.79
CA THR B 16 0.78 14.69 -21.82
C THR B 16 2.16 14.22 -22.31
N GLY B 17 3.05 13.86 -21.39
CA GLY B 17 4.40 13.46 -21.78
C GLY B 17 5.11 14.71 -22.27
N GLY B 18 4.65 15.86 -21.78
CA GLY B 18 5.23 17.14 -22.16
C GLY B 18 6.64 17.40 -21.73
N ALA B 19 7.16 16.59 -20.81
CA ALA B 19 8.55 16.75 -20.36
C ALA B 19 9.45 15.86 -21.24
N GLY B 20 8.84 15.13 -22.16
CA GLY B 20 9.56 14.26 -23.07
C GLY B 20 9.89 14.90 -24.43
N PHE B 21 10.51 14.11 -25.29
CA PHE B 21 10.94 14.56 -26.60
C PHE B 21 9.89 15.29 -27.43
N VAL B 22 8.96 14.57 -28.05
CA VAL B 22 7.96 15.24 -28.90
C VAL B 22 7.04 16.16 -28.13
N GLY B 23 6.63 15.75 -26.94
CA GLY B 23 5.74 16.56 -26.14
C GLY B 23 6.30 17.95 -25.86
N SER B 24 7.57 18.02 -25.44
CA SER B 24 8.18 19.30 -25.15
C SER B 24 8.34 20.13 -26.42
N ASN B 25 8.75 19.50 -27.52
CA ASN B 25 8.92 20.23 -28.77
C ASN B 25 7.59 20.83 -29.21
N LEU B 26 6.56 20.03 -29.05
CA LEU B 26 5.20 20.40 -29.43
C LEU B 26 4.73 21.58 -28.61
N ALA B 27 4.97 21.52 -27.30
CA ALA B 27 4.59 22.57 -26.39
C ALA B 27 5.23 23.90 -26.77
N PHE B 28 6.48 23.83 -27.23
CA PHE B 28 7.21 25.03 -27.65
C PHE B 28 6.69 25.59 -28.95
N HIS B 29 6.32 24.70 -29.87
CA HIS B 29 5.77 25.14 -31.13
C HIS B 29 4.55 26.05 -30.87
N PHE B 30 3.59 25.55 -30.11
CA PHE B 30 2.40 26.32 -29.80
C PHE B 30 2.76 27.60 -29.08
N GLN B 31 3.76 27.51 -28.21
CA GLN B 31 4.20 28.67 -27.43
C GLN B 31 4.62 29.80 -28.37
N GLU B 32 5.46 29.44 -29.33
CA GLU B 32 6.01 30.37 -30.28
C GLU B 32 5.09 30.73 -31.45
N ASN B 33 4.34 29.76 -31.93
CA ASN B 33 3.48 30.01 -33.08
C ASN B 33 2.02 30.39 -32.80
N HIS B 34 1.48 29.97 -31.66
CA HIS B 34 0.10 30.32 -31.33
C HIS B 34 0.12 30.80 -29.90
N PRO B 35 0.78 31.94 -29.66
CA PRO B 35 0.95 32.59 -28.37
C PRO B 35 -0.35 32.89 -27.65
N LYS B 36 -1.46 32.87 -28.37
CA LYS B 36 -2.76 33.14 -27.73
C LYS B 36 -3.34 31.90 -27.03
N ALA B 37 -2.91 30.72 -27.48
CA ALA B 37 -3.40 29.47 -26.91
C ALA B 37 -2.76 29.16 -25.55
N LYS B 38 -3.50 28.50 -24.66
CA LYS B 38 -3.00 28.13 -23.33
C LYS B 38 -2.37 26.76 -23.46
N VAL B 39 -1.05 26.69 -23.27
CA VAL B 39 -0.38 25.42 -23.37
C VAL B 39 -0.08 24.88 -21.99
N VAL B 40 -0.71 23.76 -21.64
CA VAL B 40 -0.46 23.14 -20.35
C VAL B 40 0.16 21.76 -20.57
N VAL B 41 1.37 21.60 -20.02
CA VAL B 41 2.16 20.38 -20.14
C VAL B 41 2.00 19.48 -18.92
N LEU B 42 1.75 18.19 -19.14
CA LEU B 42 1.58 17.25 -18.04
C LEU B 42 2.62 16.17 -18.12
N ASP B 43 3.23 15.82 -16.99
CA ASP B 43 4.24 14.76 -16.98
C ASP B 43 4.54 14.23 -15.58
N LYS B 44 4.92 12.95 -15.52
CA LYS B 44 5.29 12.24 -14.28
C LYS B 44 6.64 12.81 -13.84
N PHE B 45 7.51 13.03 -14.84
CA PHE B 45 8.82 13.63 -14.67
C PHE B 45 10.03 12.82 -14.27
N ARG B 46 10.34 11.76 -15.00
CA ARG B 46 11.56 11.01 -14.70
C ARG B 46 11.61 10.33 -13.34
N SER B 47 11.33 9.03 -13.35
CA SER B 47 11.35 8.22 -12.13
C SER B 47 12.57 7.29 -12.13
N ASN B 48 13.62 7.68 -11.39
CA ASN B 48 14.86 6.88 -11.28
C ASN B 48 15.66 7.28 -10.05
N PRO B 56 15.30 4.12 -16.97
CA PRO B 56 14.10 3.31 -16.74
C PRO B 56 12.78 4.10 -16.61
N SER B 57 11.67 3.41 -16.90
CA SER B 57 10.31 3.94 -16.83
C SER B 57 10.07 5.26 -17.57
N SER B 58 9.80 6.36 -16.86
CA SER B 58 9.54 7.64 -17.52
C SER B 58 10.80 8.46 -17.73
N LEU B 59 11.11 8.77 -18.98
CA LEU B 59 12.31 9.54 -19.24
C LEU B 59 12.07 10.99 -19.61
N GLY B 60 11.13 11.61 -18.91
CA GLY B 60 10.84 13.01 -19.13
C GLY B 60 11.92 13.79 -18.38
N HIS B 61 12.15 15.04 -18.74
CA HIS B 61 13.21 15.79 -18.06
C HIS B 61 13.00 17.28 -18.16
N PHE B 62 12.98 17.98 -17.03
CA PHE B 62 12.76 19.43 -17.01
C PHE B 62 13.67 20.19 -17.97
N LYS B 63 14.83 19.64 -18.29
CA LYS B 63 15.74 20.34 -19.20
C LYS B 63 15.08 20.60 -20.54
N ASN B 64 14.16 19.71 -20.93
CA ASN B 64 13.45 19.83 -22.21
C ASN B 64 12.39 20.92 -22.16
N LEU B 65 12.18 21.54 -21.01
CA LEU B 65 11.19 22.61 -20.87
C LEU B 65 11.82 23.90 -20.40
N ILE B 66 13.13 24.01 -20.53
CA ILE B 66 13.84 25.19 -20.05
C ILE B 66 13.31 26.56 -20.43
N GLY B 67 12.79 26.73 -21.64
CA GLY B 67 12.26 28.06 -22.00
C GLY B 67 10.74 28.14 -22.01
N PHE B 68 10.07 27.20 -21.37
CA PHE B 68 8.61 27.14 -21.35
C PHE B 68 7.95 28.16 -20.41
N LYS B 69 7.12 29.03 -20.96
CA LYS B 69 6.43 30.05 -20.18
C LYS B 69 4.96 29.64 -19.84
N GLY B 70 4.51 28.50 -20.35
CA GLY B 70 3.15 28.05 -20.07
C GLY B 70 3.06 27.44 -18.67
N GLU B 71 2.13 26.49 -18.46
CA GLU B 71 2.06 25.86 -17.13
C GLU B 71 2.23 24.34 -17.13
N VAL B 72 2.65 23.82 -15.97
CA VAL B 72 2.94 22.40 -15.80
C VAL B 72 1.97 21.71 -14.85
N ILE B 73 1.84 20.40 -15.02
CA ILE B 73 1.02 19.58 -14.15
C ILE B 73 1.84 18.34 -13.86
N ALA B 74 2.30 18.23 -12.61
CA ALA B 74 3.08 17.08 -12.20
C ALA B 74 2.05 15.99 -11.93
N ALA B 75 1.94 15.00 -12.80
CA ALA B 75 0.97 13.95 -12.60
C ALA B 75 1.38 12.65 -13.25
N ASP B 76 0.84 11.56 -12.71
CA ASP B 76 1.07 10.21 -13.23
C ASP B 76 -0.28 9.75 -13.77
N ILE B 77 -0.38 9.58 -15.10
CA ILE B 77 -1.63 9.17 -15.74
C ILE B 77 -2.26 7.89 -15.22
N ASN B 78 -1.50 7.14 -14.44
CA ASN B 78 -1.99 5.89 -13.90
C ASN B 78 -2.59 6.11 -12.51
N ASN B 79 -2.32 7.26 -11.94
CA ASN B 79 -2.78 7.62 -10.62
C ASN B 79 -4.21 8.20 -10.65
N PRO B 80 -5.19 7.45 -10.14
CA PRO B 80 -6.60 7.87 -10.12
C PRO B 80 -6.80 9.27 -9.55
N LEU B 81 -6.09 9.58 -8.49
CA LEU B 81 -6.20 10.87 -7.84
C LEU B 81 -5.75 11.97 -8.80
N ASP B 82 -4.65 11.73 -9.50
CA ASP B 82 -4.14 12.71 -10.44
C ASP B 82 -5.11 12.92 -11.59
N LEU B 83 -5.65 11.82 -12.09
CA LEU B 83 -6.59 11.89 -13.20
C LEU B 83 -7.87 12.59 -12.77
N ARG B 84 -8.30 12.31 -11.54
CA ARG B 84 -9.52 12.91 -11.00
C ARG B 84 -9.37 14.41 -10.86
N ARG B 85 -8.15 14.83 -10.53
CA ARG B 85 -7.80 16.24 -10.36
C ARG B 85 -7.69 16.92 -11.71
N LEU B 86 -7.31 16.13 -12.71
CA LEU B 86 -7.16 16.60 -14.08
C LEU B 86 -8.51 17.00 -14.70
N GLU B 87 -9.58 16.42 -14.16
CA GLU B 87 -10.91 16.70 -14.66
C GLU B 87 -11.32 18.13 -14.34
N LYS B 88 -10.65 18.72 -13.35
CA LYS B 88 -10.92 20.11 -12.95
C LYS B 88 -10.48 21.07 -14.06
N LEU B 89 -9.48 20.66 -14.82
CA LEU B 89 -8.93 21.46 -15.93
C LEU B 89 -9.80 21.42 -17.17
N HIS B 90 -10.12 22.58 -17.70
CA HIS B 90 -10.91 22.61 -18.91
C HIS B 90 -9.95 22.79 -20.06
N PHE B 91 -9.85 21.79 -20.92
CA PHE B 91 -8.96 21.87 -22.09
C PHE B 91 -9.72 21.59 -23.38
N ASP B 92 -9.28 22.21 -24.47
CA ASP B 92 -9.94 22.05 -25.75
C ASP B 92 -9.30 20.96 -26.61
N TYR B 93 -8.02 20.71 -26.37
CA TYR B 93 -7.31 19.69 -27.12
C TYR B 93 -6.44 18.87 -26.21
N LEU B 94 -6.28 17.60 -26.57
CA LEU B 94 -5.41 16.71 -25.83
C LEU B 94 -4.47 16.02 -26.80
N PHE B 95 -3.17 16.27 -26.61
CA PHE B 95 -2.14 15.64 -27.42
C PHE B 95 -1.52 14.62 -26.48
N HIS B 96 -1.93 13.37 -26.62
CA HIS B 96 -1.41 12.35 -25.73
C HIS B 96 -0.07 11.79 -26.18
N GLN B 97 1.02 12.32 -25.63
CA GLN B 97 2.36 11.86 -25.99
C GLN B 97 2.99 10.98 -24.94
N ALA B 98 2.41 10.95 -23.75
CA ALA B 98 2.94 10.17 -22.63
C ALA B 98 2.84 8.66 -22.79
N ALA B 99 3.98 7.98 -22.65
CA ALA B 99 4.04 6.54 -22.76
C ALA B 99 5.33 6.05 -22.11
N VAL B 100 5.51 4.72 -22.08
CA VAL B 100 6.68 4.09 -21.46
C VAL B 100 7.90 3.93 -22.37
N SER B 101 9.08 4.11 -21.77
CA SER B 101 10.35 3.99 -22.49
C SER B 101 10.63 2.52 -22.84
N ASP B 102 10.70 2.23 -24.14
CA ASP B 102 10.96 0.88 -24.60
C ASP B 102 12.24 0.32 -23.97
N THR B 103 13.12 1.21 -23.53
CA THR B 103 14.38 0.79 -22.93
C THR B 103 14.17 -0.28 -21.84
N THR B 104 13.43 0.06 -20.78
CA THR B 104 13.18 -0.88 -19.68
C THR B 104 11.79 -1.54 -19.77
N MET B 105 11.21 -1.62 -20.98
CA MET B 105 9.89 -2.23 -21.11
C MET B 105 10.03 -3.73 -20.85
N LEU B 106 10.13 -4.05 -19.56
CA LEU B 106 10.29 -5.40 -19.08
C LEU B 106 8.93 -6.08 -18.93
N ASN B 107 8.21 -5.72 -17.87
CA ASN B 107 6.91 -6.32 -17.61
C ASN B 107 5.84 -6.00 -18.64
N GLN B 108 5.21 -7.04 -19.17
CA GLN B 108 4.18 -6.90 -20.17
C GLN B 108 2.90 -6.26 -19.67
N GLU B 109 2.50 -6.59 -18.44
CA GLU B 109 1.29 -6.05 -17.86
C GLU B 109 1.38 -4.55 -17.62
N LEU B 110 2.54 -4.09 -17.19
CA LEU B 110 2.75 -2.68 -16.92
C LEU B 110 2.79 -1.79 -18.14
N VAL B 111 3.33 -2.32 -19.25
CA VAL B 111 3.37 -1.52 -20.47
C VAL B 111 1.92 -1.25 -20.90
N MET B 112 1.08 -2.28 -20.80
CA MET B 112 -0.30 -2.15 -21.17
C MET B 112 -1.04 -1.18 -20.26
N LYS B 113 -0.72 -1.20 -18.97
CA LYS B 113 -1.38 -0.31 -18.01
C LYS B 113 -1.19 1.14 -18.40
N THR B 114 0.06 1.58 -18.46
CA THR B 114 0.32 2.97 -18.81
C THR B 114 0.16 3.37 -20.28
N ASN B 115 0.45 2.47 -21.21
CA ASN B 115 0.33 2.78 -22.64
C ASN B 115 -1.06 2.63 -23.19
N TYR B 116 -1.88 1.77 -22.59
CA TYR B 116 -3.22 1.55 -23.11
C TYR B 116 -4.32 1.84 -22.10
N GLN B 117 -4.29 1.16 -20.96
CA GLN B 117 -5.30 1.38 -19.95
C GLN B 117 -5.41 2.86 -19.56
N ALA B 118 -4.25 3.48 -19.29
CA ALA B 118 -4.19 4.87 -18.89
C ALA B 118 -4.75 5.74 -20.00
N PHE B 119 -4.48 5.32 -21.23
CA PHE B 119 -4.96 6.03 -22.43
C PHE B 119 -6.47 6.08 -22.51
N LEU B 120 -7.10 4.93 -22.32
CA LEU B 120 -8.55 4.84 -22.38
C LEU B 120 -9.24 5.82 -21.44
N ASN B 121 -8.65 5.98 -20.27
CA ASN B 121 -9.19 6.89 -19.26
C ASN B 121 -9.09 8.33 -19.70
N LEU B 122 -8.02 8.66 -20.42
CA LEU B 122 -7.83 10.02 -20.91
C LEU B 122 -8.84 10.24 -22.02
N LEU B 123 -9.11 9.17 -22.76
CA LEU B 123 -10.06 9.21 -23.84
C LEU B 123 -11.42 9.60 -23.26
N GLU B 124 -11.80 8.91 -22.19
CA GLU B 124 -13.05 9.15 -21.48
C GLU B 124 -13.17 10.58 -20.98
N ILE B 125 -12.11 11.10 -20.39
CA ILE B 125 -12.12 12.46 -19.88
C ILE B 125 -12.22 13.47 -21.01
N ALA B 126 -11.48 13.24 -22.11
CA ALA B 126 -11.50 14.16 -23.23
C ALA B 126 -12.89 14.15 -23.86
N ARG B 127 -13.47 12.96 -24.00
CA ARG B 127 -14.80 12.84 -24.60
C ARG B 127 -15.85 13.61 -23.81
N SER B 128 -15.79 13.51 -22.49
CA SER B 128 -16.76 14.20 -21.65
C SER B 128 -16.58 15.70 -21.81
N LYS B 129 -15.33 16.13 -21.91
CA LYS B 129 -15.03 17.55 -22.09
C LYS B 129 -15.13 17.94 -23.55
N LYS B 130 -15.55 16.99 -24.39
CA LYS B 130 -15.68 17.24 -25.82
C LYS B 130 -14.43 17.93 -26.35
N ALA B 131 -13.26 17.45 -25.93
CA ALA B 131 -12.01 18.01 -26.38
C ALA B 131 -11.43 17.06 -27.41
N LYS B 132 -11.01 17.59 -28.56
CA LYS B 132 -10.45 16.76 -29.60
C LYS B 132 -9.20 16.05 -29.08
N VAL B 133 -8.97 14.83 -29.53
CA VAL B 133 -7.82 14.02 -29.10
C VAL B 133 -6.87 13.71 -30.25
N ILE B 134 -5.58 13.94 -30.02
CA ILE B 134 -4.55 13.64 -31.00
C ILE B 134 -3.52 12.84 -30.22
N TYR B 135 -3.33 11.58 -30.55
CA TYR B 135 -2.39 10.79 -29.78
C TYR B 135 -1.27 10.18 -30.59
N ALA B 136 -0.20 9.84 -29.89
CA ALA B 136 0.98 9.25 -30.53
C ALA B 136 0.92 7.73 -30.52
N SER B 137 1.00 7.13 -31.71
CA SER B 137 1.02 5.69 -31.81
C SER B 137 2.46 5.38 -32.21
N SER B 138 2.67 4.30 -32.92
CA SER B 138 4.03 3.96 -33.29
C SER B 138 4.08 3.10 -34.55
N ALA B 139 5.22 3.16 -35.23
CA ALA B 139 5.44 2.37 -36.43
C ALA B 139 5.72 0.95 -35.95
N GLY B 140 5.83 0.82 -34.63
CA GLY B 140 6.10 -0.48 -34.04
C GLY B 140 4.95 -1.45 -34.20
N VAL B 141 3.78 -0.93 -34.55
CA VAL B 141 2.61 -1.76 -34.73
C VAL B 141 2.79 -2.70 -35.92
N TYR B 142 3.73 -2.38 -36.79
CA TYR B 142 3.98 -3.21 -37.96
C TYR B 142 4.95 -4.37 -37.71
N GLY B 143 5.72 -4.31 -36.63
CA GLY B 143 6.65 -5.39 -36.36
C GLY B 143 7.56 -5.56 -37.55
N ASN B 144 7.99 -6.79 -37.82
CA ASN B 144 8.88 -7.05 -38.96
C ASN B 144 8.11 -7.42 -40.23
N THR B 145 7.28 -6.52 -40.74
CA THR B 145 6.55 -6.85 -41.95
C THR B 145 7.08 -6.07 -43.13
N LYS B 146 6.72 -6.52 -44.32
CA LYS B 146 7.16 -5.88 -45.55
C LYS B 146 6.83 -4.41 -45.59
N ALA B 147 7.79 -3.61 -46.04
CA ALA B 147 7.60 -2.18 -46.20
C ALA B 147 7.19 -2.02 -47.67
N PRO B 148 6.50 -0.91 -48.03
CA PRO B 148 6.09 0.20 -47.16
C PRO B 148 5.07 -0.26 -46.15
N ASN B 149 5.00 0.45 -45.03
CA ASN B 149 4.07 0.10 -43.97
C ASN B 149 2.78 0.89 -44.13
N VAL B 150 1.70 0.16 -44.41
CA VAL B 150 0.41 0.76 -44.62
C VAL B 150 -0.54 0.49 -43.45
N VAL B 151 -1.19 1.56 -42.97
CA VAL B 151 -2.11 1.44 -41.87
C VAL B 151 -3.23 0.52 -42.33
N GLY B 152 -3.55 -0.47 -41.51
CA GLY B 152 -4.60 -1.41 -41.83
C GLY B 152 -4.05 -2.74 -42.35
N LYS B 153 -2.76 -2.75 -42.71
CA LYS B 153 -2.13 -3.94 -43.24
C LYS B 153 -0.88 -4.34 -42.50
N ASN B 154 -0.72 -5.65 -42.35
CA ASN B 154 0.44 -6.23 -41.72
C ASN B 154 0.89 -5.62 -40.41
N GLU B 155 -0.06 -5.30 -39.54
CA GLU B 155 0.32 -4.76 -38.24
C GLU B 155 0.51 -5.94 -37.29
N SER B 156 1.73 -6.46 -37.29
CA SER B 156 2.13 -7.57 -36.45
C SER B 156 3.25 -7.16 -35.49
N PRO B 157 2.88 -6.54 -34.35
CA PRO B 157 3.85 -6.11 -33.36
C PRO B 157 4.78 -7.25 -32.99
N GLU B 158 5.97 -6.91 -32.55
CA GLU B 158 6.92 -7.94 -32.13
C GLU B 158 7.17 -7.82 -30.64
N ASN B 159 6.78 -6.70 -30.05
CA ASN B 159 6.95 -6.47 -28.62
C ASN B 159 5.70 -5.86 -28.02
N VAL B 160 5.59 -5.89 -26.69
CA VAL B 160 4.42 -5.36 -26.01
C VAL B 160 4.19 -3.91 -26.36
N TYR B 161 5.26 -3.11 -26.28
CA TYR B 161 5.17 -1.70 -26.59
C TYR B 161 4.47 -1.49 -27.94
N GLY B 162 4.90 -2.19 -28.98
CA GLY B 162 4.25 -2.04 -30.28
C GLY B 162 2.79 -2.46 -30.24
N PHE B 163 2.51 -3.55 -29.53
CA PHE B 163 1.17 -4.06 -29.40
C PHE B 163 0.27 -3.05 -28.69
N SER B 164 0.76 -2.53 -27.57
CA SER B 164 0.00 -1.55 -26.79
C SER B 164 -0.44 -0.41 -27.71
N LYS B 165 0.45 0.06 -28.55
CA LYS B 165 0.13 1.13 -29.48
C LYS B 165 -0.96 0.70 -30.45
N LEU B 166 -0.89 -0.55 -30.89
CA LEU B 166 -1.86 -1.07 -31.82
C LEU B 166 -3.23 -1.10 -31.16
N CYS B 167 -3.26 -1.48 -29.89
CA CYS B 167 -4.52 -1.53 -29.14
C CYS B 167 -5.17 -0.15 -29.07
N MET B 168 -4.34 0.90 -28.97
CA MET B 168 -4.84 2.26 -28.92
C MET B 168 -5.60 2.55 -30.19
N ASP B 169 -4.99 2.19 -31.31
CA ASP B 169 -5.62 2.43 -32.59
C ASP B 169 -6.84 1.57 -32.80
N GLU B 170 -6.72 0.27 -32.51
CA GLU B 170 -7.87 -0.64 -32.69
C GLU B 170 -9.08 -0.17 -31.86
N PHE B 171 -8.81 0.58 -30.81
CA PHE B 171 -9.87 1.10 -29.96
C PHE B 171 -10.51 2.33 -30.56
N VAL B 172 -9.71 3.33 -30.93
CA VAL B 172 -10.29 4.52 -31.50
C VAL B 172 -11.03 4.19 -32.80
N LEU B 173 -10.54 3.19 -33.54
CA LEU B 173 -11.19 2.80 -34.78
C LEU B 173 -12.55 2.18 -34.47
N SER B 174 -12.64 1.43 -33.39
CA SER B 174 -13.88 0.82 -32.96
C SER B 174 -14.82 1.91 -32.41
N HIS B 175 -14.24 3.00 -31.91
CA HIS B 175 -15.00 4.12 -31.35
C HIS B 175 -14.76 5.43 -32.10
N SER B 176 -14.69 5.33 -33.42
CA SER B 176 -14.41 6.48 -34.26
C SER B 176 -15.42 7.62 -34.15
N ASN B 177 -16.58 7.38 -33.55
CA ASN B 177 -17.59 8.43 -33.44
C ASN B 177 -17.88 8.91 -32.03
N ASP B 178 -17.12 8.41 -31.06
CA ASP B 178 -17.30 8.82 -29.68
C ASP B 178 -16.82 10.26 -29.53
N ASN B 179 -15.81 10.60 -30.33
CA ASN B 179 -15.22 11.91 -30.30
C ASN B 179 -14.24 11.91 -31.47
N VAL B 180 -13.65 13.05 -31.80
CA VAL B 180 -12.68 13.12 -32.90
C VAL B 180 -11.35 12.73 -32.28
N GLN B 181 -10.90 11.51 -32.57
CA GLN B 181 -9.64 11.00 -32.03
C GLN B 181 -8.69 10.59 -33.16
N VAL B 182 -7.54 11.26 -33.23
CA VAL B 182 -6.56 11.04 -34.31
C VAL B 182 -5.24 10.42 -33.87
N GLY B 183 -4.97 9.18 -34.28
CA GLY B 183 -3.72 8.51 -33.92
C GLY B 183 -2.61 8.77 -34.91
N LEU B 184 -1.41 9.00 -34.40
CA LEU B 184 -0.28 9.28 -35.26
C LEU B 184 0.86 8.27 -35.07
N ARG B 185 1.10 7.43 -36.08
CA ARG B 185 2.15 6.42 -36.03
C ARG B 185 3.50 6.99 -36.46
N TYR B 186 4.33 7.36 -35.48
CA TYR B 186 5.64 7.92 -35.81
C TYR B 186 6.67 6.84 -36.20
N PHE B 187 7.57 7.21 -37.11
CA PHE B 187 8.64 6.31 -37.59
C PHE B 187 10.00 6.93 -37.27
N ASN B 188 10.82 6.29 -36.44
CA ASN B 188 12.16 6.83 -36.13
C ASN B 188 12.25 8.35 -36.17
N VAL B 189 11.77 9.01 -35.13
CA VAL B 189 11.79 10.45 -35.05
C VAL B 189 13.14 10.89 -34.49
N TYR B 190 13.63 12.01 -34.97
CA TYR B 190 14.90 12.55 -34.48
C TYR B 190 14.77 14.07 -34.45
N GLY B 191 15.68 14.72 -33.74
CA GLY B 191 15.61 16.16 -33.64
C GLY B 191 15.85 16.61 -32.21
N PRO B 192 15.86 17.93 -31.96
CA PRO B 192 16.07 18.51 -30.63
C PRO B 192 15.20 17.99 -29.49
N ARG B 193 15.83 17.85 -28.32
CA ARG B 193 15.19 17.40 -27.10
C ARG B 193 14.94 15.89 -26.96
N GLU B 194 15.77 15.08 -27.61
CA GLU B 194 15.60 13.64 -27.50
C GLU B 194 16.82 13.10 -26.76
N PHE B 195 17.71 14.00 -26.38
CA PHE B 195 18.94 13.62 -25.70
C PHE B 195 18.70 12.85 -24.42
N TYR B 196 17.77 13.35 -23.59
CA TYR B 196 17.47 12.73 -22.31
C TYR B 196 16.72 11.40 -22.39
N LYS B 197 16.50 10.90 -23.61
CA LYS B 197 15.87 9.61 -23.80
C LYS B 197 16.98 8.59 -23.63
N GLU B 198 18.17 9.10 -23.31
CA GLU B 198 19.36 8.29 -23.08
C GLU B 198 19.69 7.37 -24.24
N LYS B 199 19.81 6.08 -23.91
CA LYS B 199 20.15 5.07 -24.89
C LYS B 199 19.08 4.85 -25.94
N THR B 200 17.90 5.39 -25.72
CA THR B 200 16.83 5.21 -26.69
C THR B 200 16.67 6.44 -27.57
N ALA B 201 17.68 7.29 -27.60
CA ALA B 201 17.63 8.48 -28.43
C ALA B 201 17.96 8.05 -29.87
N SER B 202 17.43 8.77 -30.86
CA SER B 202 17.65 8.44 -32.29
C SER B 202 19.09 8.13 -32.68
N MET B 203 19.24 7.31 -33.73
CA MET B 203 20.56 6.94 -34.22
C MET B 203 21.30 8.15 -34.76
N VAL B 204 20.56 9.10 -35.32
CA VAL B 204 21.24 10.27 -35.84
C VAL B 204 21.88 10.96 -34.65
N LEU B 205 21.18 10.97 -33.51
CA LEU B 205 21.74 11.59 -32.32
C LEU B 205 22.90 10.74 -31.81
N GLN B 206 22.71 9.42 -31.84
CA GLN B 206 23.72 8.45 -31.39
C GLN B 206 25.01 8.56 -32.22
N LEU B 207 24.89 8.36 -33.53
CA LEU B 207 26.03 8.44 -34.41
C LEU B 207 26.71 9.80 -34.31
N ALA B 208 25.94 10.86 -34.52
CA ALA B 208 26.46 12.23 -34.48
C ALA B 208 27.26 12.52 -33.22
N LEU B 209 26.87 11.88 -32.13
CA LEU B 209 27.55 12.08 -30.85
C LEU B 209 28.82 11.27 -30.76
N GLY B 210 28.79 10.03 -31.25
CA GLY B 210 29.96 9.18 -31.23
C GLY B 210 31.04 9.80 -32.11
N ALA B 211 30.61 10.30 -33.26
CA ALA B 211 31.51 10.94 -34.20
C ALA B 211 32.14 12.16 -33.55
N MET B 212 31.31 13.05 -33.02
CA MET B 212 31.79 14.27 -32.37
C MET B 212 32.70 13.98 -31.18
N ALA B 213 32.44 12.89 -30.50
CA ALA B 213 33.23 12.52 -29.33
C ALA B 213 34.43 11.68 -29.70
N PHE B 214 34.23 10.37 -29.68
CA PHE B 214 35.27 9.41 -29.97
C PHE B 214 35.76 9.41 -31.42
N LYS B 215 35.23 10.31 -32.25
CA LYS B 215 35.64 10.38 -33.65
C LYS B 215 35.50 9.02 -34.34
N GLU B 216 34.90 8.08 -33.63
CA GLU B 216 34.66 6.73 -34.13
C GLU B 216 33.21 6.39 -33.85
N VAL B 217 32.61 5.58 -34.71
CA VAL B 217 31.21 5.22 -34.53
C VAL B 217 30.99 3.72 -34.76
N LYS B 218 30.28 3.08 -33.84
CA LYS B 218 29.99 1.64 -33.99
C LYS B 218 28.69 1.53 -34.77
N LEU B 219 28.43 0.36 -35.35
CA LEU B 219 27.21 0.16 -36.13
C LEU B 219 27.09 -1.32 -36.45
N PHE B 220 25.92 -1.90 -36.22
CA PHE B 220 25.74 -3.32 -36.50
C PHE B 220 25.96 -3.73 -37.94
N GLU B 221 25.82 -5.03 -38.17
CA GLU B 221 25.99 -5.65 -39.48
C GLU B 221 25.82 -4.70 -40.66
N PHE B 222 26.94 -4.11 -41.11
CA PHE B 222 26.96 -3.19 -42.24
C PHE B 222 26.08 -1.94 -42.14
N GLY B 223 25.26 -1.86 -41.08
CA GLY B 223 24.41 -0.71 -40.87
C GLY B 223 23.74 -0.14 -42.11
N GLU B 224 23.30 -1.01 -43.00
CA GLU B 224 22.65 -0.55 -44.22
C GLU B 224 21.14 -0.80 -44.19
N GLN B 225 20.63 -1.19 -43.03
CA GLN B 225 19.21 -1.42 -42.83
C GLN B 225 18.48 -0.08 -42.92
N LEU B 226 17.35 -0.09 -43.61
CA LEU B 226 16.58 1.12 -43.82
C LEU B 226 15.47 1.42 -42.83
N ARG B 227 15.41 2.68 -42.43
CA ARG B 227 14.41 3.18 -41.50
C ARG B 227 13.88 4.48 -42.10
N ASP B 228 12.60 4.74 -41.90
CA ASP B 228 12.02 5.97 -42.39
C ASP B 228 12.26 6.95 -41.28
N PHE B 229 13.28 7.79 -41.43
CA PHE B 229 13.60 8.80 -40.41
C PHE B 229 12.81 10.05 -40.67
N VAL B 230 11.99 10.45 -39.69
CA VAL B 230 11.18 11.64 -39.85
C VAL B 230 11.65 12.70 -38.84
N TYR B 231 11.90 13.92 -39.32
CA TYR B 231 12.38 14.97 -38.45
C TYR B 231 11.28 15.45 -37.51
N ILE B 232 11.69 15.75 -36.27
CA ILE B 232 10.77 16.21 -35.24
C ILE B 232 9.83 17.31 -35.73
N GLU B 233 10.29 18.11 -36.68
CA GLU B 233 9.44 19.19 -37.18
C GLU B 233 8.25 18.70 -37.97
N ASP B 234 8.42 17.63 -38.73
CA ASP B 234 7.33 17.10 -39.52
C ASP B 234 6.34 16.42 -38.61
N VAL B 235 6.85 15.86 -37.52
CA VAL B 235 5.99 15.20 -36.54
C VAL B 235 5.08 16.26 -35.93
N ILE B 236 5.67 17.44 -35.70
CA ILE B 236 4.95 18.57 -35.13
C ILE B 236 3.87 19.04 -36.12
N GLN B 237 4.24 19.15 -37.38
CA GLN B 237 3.30 19.55 -38.43
C GLN B 237 2.10 18.62 -38.37
N ALA B 238 2.37 17.33 -38.25
CA ALA B 238 1.33 16.31 -38.20
C ALA B 238 0.36 16.51 -37.06
N ASN B 239 0.87 16.83 -35.88
CA ASN B 239 0.00 17.04 -34.71
C ASN B 239 -0.92 18.25 -34.86
N VAL B 240 -0.35 19.38 -35.28
CA VAL B 240 -1.14 20.59 -35.44
C VAL B 240 -2.11 20.47 -36.62
N LYS B 241 -1.72 19.76 -37.67
CA LYS B 241 -2.62 19.57 -38.82
C LYS B 241 -3.74 18.66 -38.34
N ALA B 242 -3.39 17.69 -37.50
CA ALA B 242 -4.35 16.74 -36.97
C ALA B 242 -5.44 17.36 -36.11
N MET B 243 -5.18 18.53 -35.51
CA MET B 243 -6.18 19.16 -34.67
C MET B 243 -7.30 19.88 -35.42
N LYS B 244 -7.30 19.73 -36.74
CA LYS B 244 -8.34 20.34 -37.57
C LYS B 244 -9.16 19.23 -38.19
N ALA B 245 -8.82 17.99 -37.82
CA ALA B 245 -9.53 16.83 -38.34
C ALA B 245 -10.95 16.84 -37.80
N GLN B 246 -11.91 16.57 -38.68
CA GLN B 246 -13.31 16.55 -38.31
C GLN B 246 -13.82 15.12 -38.15
N LYS B 247 -12.89 14.16 -38.23
CA LYS B 247 -13.22 12.77 -38.10
C LYS B 247 -12.06 12.00 -37.51
N SER B 248 -12.35 10.91 -36.81
CA SER B 248 -11.33 10.06 -36.20
C SER B 248 -10.54 9.29 -37.26
N GLY B 249 -9.36 8.82 -36.91
CA GLY B 249 -8.55 8.05 -37.85
C GLY B 249 -7.12 7.87 -37.34
N VAL B 250 -6.41 6.89 -37.89
CA VAL B 250 -5.01 6.66 -37.51
C VAL B 250 -4.14 6.75 -38.76
N TYR B 251 -3.09 7.55 -38.67
CA TYR B 251 -2.21 7.80 -39.80
C TYR B 251 -0.74 7.50 -39.59
N ASN B 252 -0.06 7.15 -40.67
CA ASN B 252 1.37 6.92 -40.61
C ASN B 252 1.95 8.30 -40.70
N VAL B 253 3.02 8.55 -39.95
CA VAL B 253 3.66 9.85 -40.03
C VAL B 253 5.17 9.67 -40.03
N GLY B 254 5.71 9.70 -41.25
CA GLY B 254 7.14 9.57 -41.48
C GLY B 254 7.43 10.45 -42.67
N TYR B 255 8.61 10.32 -43.26
CA TYR B 255 8.92 11.14 -44.42
C TYR B 255 8.50 10.37 -45.67
N SER B 256 8.16 9.11 -45.46
CA SER B 256 7.75 8.17 -46.51
C SER B 256 8.92 7.83 -47.43
N GLN B 257 10.12 7.92 -46.89
CA GLN B 257 11.32 7.63 -47.66
C GLN B 257 12.36 7.00 -46.75
N ALA B 258 12.61 5.71 -46.94
CA ALA B 258 13.56 4.99 -46.10
C ALA B 258 15.02 5.37 -46.41
N ARG B 259 15.86 5.36 -45.38
CA ARG B 259 17.27 5.68 -45.52
C ARG B 259 18.07 4.74 -44.64
N SER B 260 19.28 4.37 -45.09
CA SER B 260 20.14 3.45 -44.34
C SER B 260 20.94 4.18 -43.27
N TYR B 261 21.38 3.44 -42.24
CA TYR B 261 22.16 4.05 -41.17
C TYR B 261 23.45 4.59 -41.74
N ASN B 262 23.83 4.09 -42.91
CA ASN B 262 25.05 4.54 -43.55
C ASN B 262 24.88 5.92 -44.14
N GLU B 263 23.70 6.18 -44.71
CA GLU B 263 23.42 7.47 -45.30
C GLU B 263 23.49 8.55 -44.23
N ILE B 264 23.23 8.16 -42.98
CA ILE B 264 23.31 9.10 -41.86
C ILE B 264 24.79 9.39 -41.69
N VAL B 265 25.57 8.32 -41.51
CA VAL B 265 27.01 8.41 -41.34
C VAL B 265 27.59 9.29 -42.45
N SER B 266 27.06 9.09 -43.66
CA SER B 266 27.48 9.83 -44.82
C SER B 266 27.14 11.31 -44.65
N ILE B 267 25.85 11.64 -44.61
CA ILE B 267 25.40 13.03 -44.43
C ILE B 267 26.09 13.66 -43.21
N LEU B 268 26.54 12.80 -42.30
CA LEU B 268 27.18 13.25 -41.09
C LEU B 268 28.64 13.62 -41.35
N LYS B 269 29.33 12.78 -42.13
CA LYS B 269 30.72 13.07 -42.48
C LYS B 269 30.77 14.35 -43.30
N GLU B 270 29.77 14.50 -44.17
CA GLU B 270 29.66 15.66 -45.02
C GLU B 270 29.58 16.93 -44.20
N HIS B 271 29.44 16.78 -42.89
CA HIS B 271 29.36 17.94 -41.99
C HIS B 271 30.51 17.87 -40.99
N LEU B 272 30.50 16.83 -40.17
CA LEU B 272 31.51 16.63 -39.13
C LEU B 272 32.87 16.15 -39.65
N GLY B 273 33.05 16.15 -40.97
CA GLY B 273 34.31 15.68 -41.51
C GLY B 273 34.29 14.16 -41.44
N ASP B 274 35.45 13.51 -41.55
CA ASP B 274 35.50 12.04 -41.51
C ASP B 274 35.69 11.51 -40.08
N PHE B 275 35.34 10.24 -39.89
CA PHE B 275 35.47 9.57 -38.60
C PHE B 275 35.48 8.05 -38.80
N LYS B 276 35.84 7.29 -37.77
CA LYS B 276 35.90 5.84 -37.92
C LYS B 276 34.53 5.20 -38.01
N VAL B 277 34.44 4.15 -38.82
CA VAL B 277 33.19 3.44 -39.03
C VAL B 277 33.31 1.96 -38.66
N THR B 278 33.44 1.70 -37.37
CA THR B 278 33.58 0.35 -36.85
C THR B 278 32.23 -0.36 -36.83
N TYR B 279 32.20 -1.61 -37.27
CA TYR B 279 30.98 -2.40 -37.27
C TYR B 279 30.89 -3.39 -36.12
N ILE B 280 30.03 -4.38 -36.30
CA ILE B 280 29.83 -5.42 -35.31
C ILE B 280 28.77 -6.35 -35.89
N LYS B 281 28.87 -7.63 -35.57
CA LYS B 281 27.91 -8.61 -36.07
C LYS B 281 27.25 -9.41 -34.95
N GLN B 288 17.17 -7.06 -39.31
CA GLN B 288 16.25 -7.64 -40.27
C GLN B 288 14.87 -6.99 -40.17
N LYS B 289 14.83 -5.68 -40.45
CA LYS B 289 13.61 -4.86 -40.42
C LYS B 289 13.77 -3.78 -41.49
N HIS B 290 12.65 -3.29 -42.00
CA HIS B 290 12.68 -2.28 -43.04
C HIS B 290 11.39 -1.46 -42.98
N THR B 291 11.49 -0.18 -42.65
CA THR B 291 10.30 0.64 -42.55
C THR B 291 10.27 1.78 -43.55
N GLN B 292 9.07 2.08 -44.02
CA GLN B 292 8.86 3.18 -44.93
C GLN B 292 7.39 3.49 -44.91
N ALA B 293 7.08 4.64 -44.33
CA ALA B 293 5.72 5.08 -44.17
C ALA B 293 4.91 5.32 -45.43
N HIS B 294 3.77 4.64 -45.54
CA HIS B 294 2.88 4.88 -46.66
C HIS B 294 2.13 6.05 -46.08
N ILE B 295 2.37 7.22 -46.65
CA ILE B 295 1.83 8.46 -46.13
C ILE B 295 0.61 9.07 -46.84
N GLU B 296 0.13 8.40 -47.88
CA GLU B 296 -0.98 8.93 -48.68
C GLU B 296 -2.22 9.45 -47.96
N PRO B 297 -2.85 8.61 -47.12
CA PRO B 297 -4.06 8.98 -46.38
C PRO B 297 -3.85 10.17 -45.45
N THR B 298 -2.65 10.24 -44.88
CA THR B 298 -2.27 11.30 -43.97
C THR B 298 -2.31 12.61 -44.74
N ILE B 299 -1.68 12.61 -45.92
CA ILE B 299 -1.64 13.77 -46.80
C ILE B 299 -3.07 14.12 -47.14
N LEU B 300 -3.74 13.12 -47.71
CA LEU B 300 -5.13 13.25 -48.11
C LEU B 300 -6.02 13.82 -47.01
N ASP B 301 -5.95 13.25 -45.80
CA ASP B 301 -6.81 13.69 -44.70
C ASP B 301 -6.31 14.85 -43.85
N LEU B 302 -5.02 14.90 -43.59
CA LEU B 302 -4.49 15.95 -42.72
C LEU B 302 -3.73 17.06 -43.44
N ASP B 303 -3.60 16.96 -44.75
CA ASP B 303 -2.86 17.97 -45.51
C ASP B 303 -1.40 17.88 -45.14
N TYR B 304 -1.03 16.77 -44.53
CA TYR B 304 0.35 16.52 -44.14
C TYR B 304 1.23 16.53 -45.37
N THR B 305 2.37 17.20 -45.26
CA THR B 305 3.32 17.31 -46.34
C THR B 305 4.70 17.48 -45.70
N PRO B 306 5.39 16.37 -45.48
CA PRO B 306 6.71 16.46 -44.86
C PRO B 306 7.75 17.20 -45.66
N LEU B 307 8.57 17.96 -44.95
CA LEU B 307 9.68 18.71 -45.52
C LEU B 307 10.82 17.91 -44.85
N TYR B 308 12.04 18.41 -44.85
CA TYR B 308 13.10 17.70 -44.15
C TYR B 308 13.38 16.24 -44.53
N ASP B 309 14.29 16.01 -45.46
CA ASP B 309 14.67 14.65 -45.78
C ASP B 309 15.78 14.39 -44.76
N LEU B 310 16.41 13.22 -44.79
CA LEU B 310 17.46 12.96 -43.82
C LEU B 310 18.51 14.07 -43.85
N GLU B 311 18.73 14.66 -45.02
CA GLU B 311 19.71 15.73 -45.17
C GLU B 311 19.29 17.00 -44.48
N SER B 312 18.15 17.53 -44.90
CA SER B 312 17.60 18.76 -44.32
C SER B 312 17.44 18.57 -42.81
N GLY B 313 17.10 17.34 -42.42
CA GLY B 313 16.93 17.02 -41.01
C GLY B 313 18.25 17.08 -40.28
N ILE B 314 19.19 16.24 -40.67
CA ILE B 314 20.50 16.21 -40.03
C ILE B 314 21.12 17.59 -40.03
N LYS B 315 20.85 18.35 -41.08
CA LYS B 315 21.41 19.68 -41.19
C LYS B 315 20.88 20.54 -40.05
N ASP B 316 19.56 20.71 -40.02
CA ASP B 316 18.90 21.53 -39.00
C ASP B 316 19.15 21.09 -37.56
N TYR B 317 19.28 19.78 -37.36
CA TYR B 317 19.49 19.21 -36.04
C TYR B 317 20.92 19.41 -35.51
N LEU B 318 21.88 19.16 -36.38
CA LEU B 318 23.30 19.24 -36.06
C LEU B 318 23.81 20.40 -35.19
N PRO B 319 23.29 21.62 -35.37
CA PRO B 319 23.79 22.71 -34.53
C PRO B 319 23.56 22.43 -33.04
N HIS B 320 22.37 21.91 -32.72
CA HIS B 320 22.00 21.58 -31.36
C HIS B 320 22.88 20.47 -30.82
N ILE B 321 23.14 19.47 -31.66
CA ILE B 321 23.98 18.34 -31.27
C ILE B 321 25.36 18.85 -30.88
N HIS B 322 25.73 20.00 -31.42
CA HIS B 322 27.03 20.59 -31.12
C HIS B 322 27.10 21.07 -29.68
N ALA B 323 25.94 21.28 -29.06
CA ALA B 323 25.91 21.70 -27.67
C ALA B 323 26.46 20.54 -26.82
N ILE B 324 27.78 20.53 -26.65
CA ILE B 324 28.49 19.49 -25.87
C ILE B 324 29.23 20.22 -24.73
N MET C 1 -25.03 -38.24 12.78
CA MET C 1 -26.07 -38.41 13.84
C MET C 1 -26.60 -37.05 14.31
N ARG C 2 -27.90 -36.81 14.10
CA ARG C 2 -28.52 -35.55 14.51
C ARG C 2 -28.35 -35.29 15.99
N TYR C 3 -28.00 -34.06 16.34
CA TYR C 3 -27.83 -33.69 17.73
C TYR C 3 -28.98 -32.80 18.20
N ILE C 4 -29.88 -32.49 17.28
CA ILE C 4 -31.08 -31.72 17.56
C ILE C 4 -32.11 -32.17 16.51
N ASP C 5 -33.34 -32.38 16.95
CA ASP C 5 -34.37 -32.83 16.03
C ASP C 5 -34.99 -31.67 15.25
N ASP C 6 -34.14 -30.74 14.84
CA ASP C 6 -34.62 -29.62 14.05
C ASP C 6 -34.18 -29.91 12.62
N GLU C 7 -35.03 -29.57 11.67
CA GLU C 7 -34.74 -29.81 10.27
C GLU C 7 -33.75 -28.79 9.69
N LEU C 8 -33.79 -27.59 10.26
CA LEU C 8 -32.94 -26.46 9.81
C LEU C 8 -33.28 -26.26 8.35
N GLU C 9 -34.52 -26.57 8.00
CA GLU C 9 -35.02 -26.51 6.63
C GLU C 9 -34.52 -25.39 5.70
N ASN C 10 -34.86 -24.13 5.98
CA ASN C 10 -34.42 -23.08 5.06
C ASN C 10 -33.41 -22.14 5.70
N GLN C 11 -32.64 -22.68 6.62
CA GLN C 11 -31.63 -21.91 7.34
C GLN C 11 -30.31 -21.85 6.60
N THR C 12 -29.62 -20.72 6.72
CA THR C 12 -28.33 -20.57 6.10
C THR C 12 -27.31 -20.55 7.23
N ILE C 13 -26.34 -21.47 7.15
CA ILE C 13 -25.32 -21.62 8.17
C ILE C 13 -23.96 -21.15 7.68
N LEU C 14 -23.40 -20.16 8.36
CA LEU C 14 -22.10 -19.63 7.98
C LEU C 14 -21.01 -20.11 8.92
N ILE C 15 -20.03 -20.82 8.36
CA ILE C 15 -18.92 -21.35 9.14
C ILE C 15 -17.63 -20.72 8.69
N THR C 16 -17.02 -19.90 9.55
CA THR C 16 -15.76 -19.27 9.22
C THR C 16 -14.66 -20.25 9.65
N GLY C 17 -13.52 -20.22 8.95
CA GLY C 17 -12.45 -21.16 9.27
C GLY C 17 -12.92 -22.53 8.81
N GLY C 18 -13.85 -22.53 7.84
CA GLY C 18 -14.42 -23.77 7.32
C GLY C 18 -13.44 -24.69 6.61
N ALA C 19 -12.29 -24.18 6.23
CA ALA C 19 -11.31 -25.01 5.56
C ALA C 19 -10.37 -25.64 6.60
N GLY C 20 -10.61 -25.32 7.86
CA GLY C 20 -9.80 -25.83 8.96
C GLY C 20 -10.40 -27.08 9.61
N PHE C 21 -9.74 -27.55 10.66
CA PHE C 21 -10.15 -28.75 11.39
C PHE C 21 -11.61 -28.79 11.83
N VAL C 22 -11.96 -28.11 12.90
CA VAL C 22 -13.35 -28.14 13.37
C VAL C 22 -14.36 -27.55 12.39
N GLY C 23 -13.99 -26.47 11.72
CA GLY C 23 -14.91 -25.86 10.78
C GLY C 23 -15.35 -26.81 9.68
N SER C 24 -14.39 -27.51 9.08
CA SER C 24 -14.72 -28.45 8.00
C SER C 24 -15.54 -29.62 8.52
N ASN C 25 -15.17 -30.15 9.69
CA ASN C 25 -15.93 -31.26 10.26
C ASN C 25 -17.39 -30.85 10.49
N LEU C 26 -17.54 -29.66 11.04
CA LEU C 26 -18.83 -29.07 11.36
C LEU C 26 -19.67 -28.90 10.08
N ALA C 27 -19.06 -28.36 9.03
CA ALA C 27 -19.75 -28.15 7.76
C ALA C 27 -20.28 -29.48 7.20
N PHE C 28 -19.51 -30.55 7.39
CA PHE C 28 -19.90 -31.88 6.90
C PHE C 28 -21.03 -32.45 7.74
N HIS C 29 -21.00 -32.20 9.05
CA HIS C 29 -22.05 -32.70 9.91
C HIS C 29 -23.40 -32.16 9.40
N PHE C 30 -23.50 -30.86 9.22
CA PHE C 30 -24.73 -30.24 8.74
C PHE C 30 -25.11 -30.77 7.37
N GLN C 31 -24.09 -30.96 6.52
CA GLN C 31 -24.31 -31.47 5.17
C GLN C 31 -25.03 -32.82 5.21
N GLU C 32 -24.49 -33.72 6.02
CA GLU C 32 -25.02 -35.07 6.19
C GLU C 32 -26.26 -35.19 7.07
N ASN C 33 -26.29 -34.43 8.16
CA ASN C 33 -27.39 -34.51 9.10
C ASN C 33 -28.56 -33.54 8.92
N HIS C 34 -28.30 -32.37 8.32
CA HIS C 34 -29.39 -31.42 8.08
C HIS C 34 -29.23 -30.96 6.65
N PRO C 35 -29.47 -31.87 5.72
CA PRO C 35 -29.37 -31.67 4.28
C PRO C 35 -30.25 -30.54 3.75
N LYS C 36 -31.23 -30.09 4.54
CA LYS C 36 -32.09 -29.00 4.09
C LYS C 36 -31.47 -27.61 4.35
N ALA C 37 -30.55 -27.54 5.31
CA ALA C 37 -29.89 -26.28 5.66
C ALA C 37 -28.85 -25.92 4.60
N LYS C 38 -28.63 -24.62 4.40
CA LYS C 38 -27.64 -24.12 3.44
C LYS C 38 -26.34 -23.95 4.21
N VAL C 39 -25.32 -24.71 3.86
CA VAL C 39 -24.05 -24.61 4.55
C VAL C 39 -23.06 -23.84 3.70
N VAL C 40 -22.69 -22.65 4.16
CA VAL C 40 -21.69 -21.86 3.44
C VAL C 40 -20.41 -21.74 4.27
N VAL C 41 -19.31 -22.25 3.72
CA VAL C 41 -18.03 -22.22 4.40
C VAL C 41 -17.17 -21.03 3.93
N LEU C 42 -16.56 -20.32 4.88
CA LEU C 42 -15.70 -19.17 4.55
C LEU C 42 -14.30 -19.41 5.08
N ASP C 43 -13.29 -19.08 4.28
CA ASP C 43 -11.91 -19.27 4.70
C ASP C 43 -10.91 -18.52 3.84
N LYS C 44 -9.81 -18.11 4.47
CA LYS C 44 -8.69 -17.39 3.82
C LYS C 44 -8.00 -18.39 2.90
N PHE C 45 -7.84 -19.61 3.42
CA PHE C 45 -7.28 -20.74 2.69
C PHE C 45 -5.77 -20.97 2.63
N ARG C 46 -5.11 -21.06 3.77
CA ARG C 46 -3.68 -21.36 3.75
C ARG C 46 -2.79 -20.38 3.04
N SER C 47 -2.13 -19.53 3.83
CA SER C 47 -1.22 -18.53 3.29
C SER C 47 0.23 -18.91 3.62
N ASN C 48 0.93 -19.48 2.64
CA ASN C 48 2.34 -19.88 2.79
C ASN C 48 3.02 -20.01 1.42
N PRO C 56 2.64 -21.69 8.84
CA PRO C 56 2.43 -20.31 9.33
C PRO C 56 1.05 -19.71 9.02
N SER C 57 0.65 -18.73 9.83
CA SER C 57 -0.62 -18.03 9.68
C SER C 57 -1.88 -18.90 9.59
N SER C 58 -2.55 -18.90 8.44
CA SER C 58 -3.77 -19.68 8.27
C SER C 58 -3.50 -21.09 7.75
N LEU C 59 -3.88 -22.10 8.52
CA LEU C 59 -3.64 -23.45 8.09
C LEU C 59 -4.87 -24.19 7.61
N GLY C 60 -5.71 -23.47 6.85
CA GLY C 60 -6.90 -24.08 6.27
C GLY C 60 -6.43 -24.83 5.03
N HIS C 61 -7.19 -25.82 4.56
CA HIS C 61 -6.73 -26.60 3.41
C HIS C 61 -7.89 -27.26 2.69
N PHE C 62 -8.00 -27.03 1.39
CA PHE C 62 -9.08 -27.59 0.61
C PHE C 62 -9.27 -29.09 0.78
N LYS C 63 -8.21 -29.79 1.17
CA LYS C 63 -8.30 -31.23 1.35
C LYS C 63 -9.35 -31.58 2.39
N ASN C 64 -9.54 -30.67 3.35
CA ASN C 64 -10.51 -30.90 4.42
C ASN C 64 -11.94 -30.69 3.94
N LEU C 65 -12.10 -30.28 2.69
CA LEU C 65 -13.43 -30.03 2.14
C LEU C 65 -13.71 -30.90 0.93
N ILE C 66 -12.88 -31.92 0.74
CA ILE C 66 -13.03 -32.79 -0.42
C ILE C 66 -14.43 -33.28 -0.79
N GLY C 67 -15.27 -33.65 0.17
CA GLY C 67 -16.61 -34.09 -0.21
C GLY C 67 -17.73 -33.09 0.01
N PHE C 68 -17.37 -31.81 0.17
CA PHE C 68 -18.35 -30.75 0.42
C PHE C 68 -19.16 -30.33 -0.80
N LYS C 69 -20.49 -30.45 -0.70
CA LYS C 69 -21.40 -30.09 -1.79
C LYS C 69 -22.01 -28.69 -1.59
N GLY C 70 -21.74 -28.05 -0.44
CA GLY C 70 -22.29 -26.73 -0.18
C GLY C 70 -21.53 -25.64 -0.94
N GLU C 71 -21.46 -24.43 -0.40
CA GLU C 71 -20.68 -23.39 -1.09
C GLU C 71 -19.57 -22.75 -0.26
N VAL C 72 -18.58 -22.21 -0.96
CA VAL C 72 -17.42 -21.61 -0.33
C VAL C 72 -17.33 -20.10 -0.54
N ILE C 73 -16.63 -19.45 0.38
CA ILE C 73 -16.38 -18.01 0.30
C ILE C 73 -14.92 -17.83 0.63
N ALA C 74 -14.15 -17.44 -0.38
CA ALA C 74 -12.73 -17.19 -0.21
C ALA C 74 -12.64 -15.78 0.34
N ALA C 75 -12.36 -15.66 1.63
CA ALA C 75 -12.28 -14.34 2.24
C ALA C 75 -11.36 -14.31 3.43
N ASP C 76 -10.84 -13.11 3.71
CA ASP C 76 -9.97 -12.89 4.86
C ASP C 76 -10.77 -11.97 5.78
N ILE C 77 -11.14 -12.48 6.95
CA ILE C 77 -11.96 -11.73 7.91
C ILE C 77 -11.38 -10.39 8.33
N ASN C 78 -10.11 -10.15 8.02
CA ASN C 78 -9.44 -8.90 8.36
C ASN C 78 -9.56 -7.90 7.23
N ASN C 79 -9.99 -8.37 6.07
CA ASN C 79 -10.13 -7.54 4.89
C ASN C 79 -11.50 -6.85 4.84
N PRO C 80 -11.52 -5.52 5.03
CA PRO C 80 -12.77 -4.73 5.02
C PRO C 80 -13.65 -5.00 3.81
N LEU C 81 -13.03 -5.10 2.64
CA LEU C 81 -13.74 -5.34 1.40
C LEU C 81 -14.46 -6.71 1.46
N ASP C 82 -13.76 -7.72 1.96
CA ASP C 82 -14.34 -9.06 2.07
C ASP C 82 -15.50 -9.05 3.06
N LEU C 83 -15.32 -8.38 4.18
CA LEU C 83 -16.35 -8.31 5.21
C LEU C 83 -17.56 -7.54 4.69
N ARG C 84 -17.29 -6.49 3.92
CA ARG C 84 -18.35 -5.66 3.36
C ARG C 84 -19.18 -6.47 2.38
N ARG C 85 -18.51 -7.36 1.68
CA ARG C 85 -19.13 -8.20 0.67
C ARG C 85 -19.94 -9.30 1.34
N LEU C 86 -19.47 -9.69 2.51
CA LEU C 86 -20.09 -10.71 3.33
C LEU C 86 -21.47 -10.28 3.82
N GLU C 87 -21.68 -8.97 3.92
CA GLU C 87 -22.94 -8.45 4.39
C GLU C 87 -24.04 -8.70 3.37
N LYS C 88 -23.64 -8.99 2.14
CA LYS C 88 -24.60 -9.28 1.07
C LYS C 88 -25.29 -10.61 1.35
N LEU C 89 -24.57 -11.50 2.01
CA LEU C 89 -25.07 -12.83 2.35
C LEU C 89 -26.03 -12.83 3.50
N HIS C 90 -27.16 -13.48 3.32
CA HIS C 90 -28.10 -13.55 4.42
C HIS C 90 -27.94 -14.91 5.09
N PHE C 91 -27.45 -14.91 6.33
CA PHE C 91 -27.27 -16.17 7.05
C PHE C 91 -28.01 -16.14 8.39
N ASP C 92 -28.44 -17.30 8.85
CA ASP C 92 -29.20 -17.43 10.09
C ASP C 92 -28.33 -17.77 11.29
N TYR C 93 -27.21 -18.42 11.03
CA TYR C 93 -26.27 -18.80 12.08
C TYR C 93 -24.83 -18.55 11.67
N LEU C 94 -24.02 -18.19 12.65
CA LEU C 94 -22.62 -17.97 12.40
C LEU C 94 -21.83 -18.79 13.40
N PHE C 95 -21.04 -19.72 12.88
CA PHE C 95 -20.16 -20.52 13.71
C PHE C 95 -18.77 -19.98 13.42
N HIS C 96 -18.27 -19.14 14.33
CA HIS C 96 -16.96 -18.54 14.12
C HIS C 96 -15.83 -19.42 14.58
N GLN C 97 -15.24 -20.16 13.63
CA GLN C 97 -14.13 -21.07 13.94
C GLN C 97 -12.78 -20.54 13.47
N ALA C 98 -12.81 -19.52 12.63
CA ALA C 98 -11.58 -18.94 12.08
C ALA C 98 -10.71 -18.20 13.10
N ALA C 99 -9.43 -18.58 13.16
CA ALA C 99 -8.50 -17.95 14.07
C ALA C 99 -7.08 -18.27 13.60
N VAL C 100 -6.09 -17.73 14.30
CA VAL C 100 -4.69 -17.93 13.95
C VAL C 100 -4.02 -19.15 14.56
N SER C 101 -3.13 -19.77 13.78
CA SER C 101 -2.39 -20.96 14.21
C SER C 101 -1.35 -20.59 15.27
N ASP C 102 -1.51 -21.17 16.46
CA ASP C 102 -0.60 -20.90 17.55
C ASP C 102 0.84 -21.18 17.15
N THR C 103 1.02 -22.03 16.14
CA THR C 103 2.35 -22.39 15.68
C THR C 103 3.23 -21.14 15.46
N THR C 104 2.82 -20.28 14.53
CA THR C 104 3.60 -19.08 14.23
C THR C 104 3.04 -17.83 14.91
N MET C 105 2.33 -17.99 16.02
CA MET C 105 1.78 -16.82 16.71
C MET C 105 2.93 -16.03 17.33
N LEU C 106 3.60 -15.29 16.46
CA LEU C 106 4.75 -14.48 16.81
C LEU C 106 4.31 -13.10 17.31
N ASN C 107 3.90 -12.24 16.39
CA ASN C 107 3.48 -10.90 16.74
C ASN C 107 2.21 -10.84 17.58
N GLN C 108 2.29 -10.14 18.70
CA GLN C 108 1.16 -10.00 19.62
C GLN C 108 0.01 -9.16 19.04
N GLU C 109 0.34 -8.09 18.34
CA GLU C 109 -0.67 -7.21 17.77
C GLU C 109 -1.52 -7.92 16.73
N LEU C 110 -0.87 -8.76 15.92
CA LEU C 110 -1.56 -9.49 14.86
C LEU C 110 -2.49 -10.58 15.32
N VAL C 111 -2.13 -11.25 16.41
CA VAL C 111 -3.00 -12.29 16.93
C VAL C 111 -4.31 -11.62 17.36
N MET C 112 -4.18 -10.48 18.04
CA MET C 112 -5.33 -9.74 18.50
C MET C 112 -6.21 -9.27 17.36
N LYS C 113 -5.57 -8.82 16.27
CA LYS C 113 -6.31 -8.32 15.11
C LYS C 113 -7.21 -9.38 14.55
N THR C 114 -6.66 -10.52 14.17
CA THR C 114 -7.49 -11.55 13.58
C THR C 114 -8.32 -12.38 14.57
N ASN C 115 -7.82 -12.58 15.77
CA ASN C 115 -8.57 -13.37 16.75
C ASN C 115 -9.62 -12.60 17.54
N TYR C 116 -9.43 -11.30 17.70
CA TYR C 116 -10.36 -10.51 18.46
C TYR C 116 -11.03 -9.36 17.66
N GLN C 117 -10.21 -8.48 17.11
CA GLN C 117 -10.71 -7.36 16.34
C GLN C 117 -11.61 -7.83 15.20
N ALA C 118 -11.13 -8.79 14.43
CA ALA C 118 -11.90 -9.35 13.32
C ALA C 118 -13.18 -9.97 13.84
N PHE C 119 -13.11 -10.56 15.03
CA PHE C 119 -14.26 -11.21 15.67
C PHE C 119 -15.38 -10.22 15.97
N LEU C 120 -15.01 -9.10 16.59
CA LEU C 120 -15.97 -8.06 16.94
C LEU C 120 -16.80 -7.58 15.74
N ASN C 121 -16.14 -7.48 14.59
CA ASN C 121 -16.78 -7.05 13.36
C ASN C 121 -17.81 -8.07 12.89
N LEU C 122 -17.50 -9.34 13.08
CA LEU C 122 -18.41 -10.41 12.68
C LEU C 122 -19.60 -10.39 13.62
N LEU C 123 -19.31 -10.01 14.86
CA LEU C 123 -20.33 -9.93 15.88
C LEU C 123 -21.33 -8.87 15.43
N GLU C 124 -20.81 -7.72 15.00
CA GLU C 124 -21.60 -6.59 14.54
C GLU C 124 -22.47 -6.97 13.34
N ILE C 125 -21.88 -7.69 12.39
CA ILE C 125 -22.61 -8.11 11.20
C ILE C 125 -23.68 -9.10 11.58
N ALA C 126 -23.35 -10.08 12.41
CA ALA C 126 -24.33 -11.07 12.80
C ALA C 126 -25.49 -10.40 13.56
N ARG C 127 -25.16 -9.47 14.47
CA ARG C 127 -26.19 -8.82 15.25
C ARG C 127 -27.18 -8.06 14.34
N SER C 128 -26.66 -7.39 13.32
CA SER C 128 -27.51 -6.63 12.43
C SER C 128 -28.40 -7.58 11.67
N LYS C 129 -27.88 -8.75 11.33
CA LYS C 129 -28.65 -9.74 10.60
C LYS C 129 -29.42 -10.60 11.56
N LYS C 130 -29.36 -10.25 12.84
CA LYS C 130 -30.06 -11.00 13.88
C LYS C 130 -29.82 -12.50 13.69
N ALA C 131 -28.56 -12.86 13.44
CA ALA C 131 -28.19 -14.26 13.26
C ALA C 131 -27.51 -14.71 14.52
N LYS C 132 -27.89 -15.87 15.03
CA LYS C 132 -27.30 -16.40 16.25
C LYS C 132 -25.82 -16.65 16.02
N VAL C 133 -25.02 -16.41 17.04
CA VAL C 133 -23.58 -16.58 16.96
C VAL C 133 -23.05 -17.66 17.90
N ILE C 134 -22.24 -18.58 17.36
CA ILE C 134 -21.64 -19.64 18.15
C ILE C 134 -20.16 -19.57 17.78
N TYR C 135 -19.31 -19.25 18.74
CA TYR C 135 -17.90 -19.11 18.42
C TYR C 135 -16.99 -20.01 19.23
N ALA C 136 -15.80 -20.24 18.68
CA ALA C 136 -14.82 -21.09 19.32
C ALA C 136 -13.86 -20.29 20.18
N SER C 137 -13.82 -20.64 21.46
CA SER C 137 -12.88 -19.98 22.36
C SER C 137 -11.78 -21.04 22.59
N SER C 138 -11.17 -21.02 23.76
CA SER C 138 -10.13 -21.98 24.03
C SER C 138 -9.93 -22.20 25.52
N ALA C 139 -9.40 -23.36 25.85
CA ALA C 139 -9.11 -23.73 27.22
C ALA C 139 -7.81 -22.99 27.57
N GLY C 140 -7.24 -22.33 26.56
CA GLY C 140 -6.01 -21.58 26.76
C GLY C 140 -6.21 -20.37 27.65
N VAL C 141 -7.49 -20.00 27.84
CA VAL C 141 -7.83 -18.85 28.67
C VAL C 141 -7.44 -19.10 30.12
N TYR C 142 -7.25 -20.36 30.47
CA TYR C 142 -6.89 -20.72 31.85
C TYR C 142 -5.41 -20.69 32.14
N GLY C 143 -4.60 -20.68 31.10
CA GLY C 143 -3.17 -20.69 31.34
C GLY C 143 -2.81 -21.85 32.24
N ASN C 144 -1.80 -21.66 33.09
CA ASN C 144 -1.37 -22.73 33.99
C ASN C 144 -2.04 -22.65 35.34
N THR C 145 -3.36 -22.77 35.38
CA THR C 145 -4.04 -22.71 36.67
C THR C 145 -4.55 -24.08 37.08
N LYS C 146 -4.87 -24.21 38.36
CA LYS C 146 -5.37 -25.46 38.92
C LYS C 146 -6.59 -25.99 38.17
N ALA C 147 -6.57 -27.29 37.90
CA ALA C 147 -7.70 -27.94 37.25
C ALA C 147 -8.54 -28.44 38.43
N PRO C 148 -9.85 -28.70 38.20
CA PRO C 148 -10.55 -28.56 36.93
C PRO C 148 -10.63 -27.08 36.54
N ASN C 149 -10.83 -26.83 35.25
CA ASN C 149 -10.91 -25.46 34.77
C ASN C 149 -12.37 -25.04 34.66
N VAL C 150 -12.73 -24.07 35.49
CA VAL C 150 -14.09 -23.55 35.54
C VAL C 150 -14.19 -22.18 34.93
N VAL C 151 -15.20 -22.01 34.08
CA VAL C 151 -15.42 -20.75 33.42
C VAL C 151 -15.73 -19.73 34.49
N GLY C 152 -15.04 -18.60 34.45
CA GLY C 152 -15.24 -17.55 35.44
C GLY C 152 -14.17 -17.52 36.51
N LYS C 153 -13.39 -18.61 36.59
CA LYS C 153 -12.33 -18.73 37.58
C LYS C 153 -10.96 -19.03 37.00
N ASN C 154 -9.96 -18.40 37.58
CA ASN C 154 -8.59 -18.62 37.19
C ASN C 154 -8.26 -18.58 35.72
N GLU C 155 -8.85 -17.64 35.00
CA GLU C 155 -8.55 -17.52 33.60
C GLU C 155 -7.36 -16.57 33.46
N SER C 156 -6.17 -17.15 33.55
CA SER C 156 -4.90 -16.43 33.42
C SER C 156 -4.11 -16.95 32.24
N PRO C 157 -4.40 -16.44 31.04
CA PRO C 157 -3.71 -16.85 29.82
C PRO C 157 -2.21 -16.72 30.00
N GLU C 158 -1.47 -17.50 29.24
CA GLU C 158 -0.02 -17.44 29.34
C GLU C 158 0.56 -16.93 28.04
N ASN C 159 -0.26 -16.91 26.99
CA ASN C 159 0.15 -16.42 25.67
C ASN C 159 -0.94 -15.53 25.07
N VAL C 160 -0.57 -14.78 24.04
CA VAL C 160 -1.53 -13.87 23.41
C VAL C 160 -2.73 -14.64 22.91
N TYR C 161 -2.49 -15.73 22.19
CA TYR C 161 -3.56 -16.53 21.64
C TYR C 161 -4.60 -16.83 22.73
N GLY C 162 -4.16 -17.29 23.90
CA GLY C 162 -5.11 -17.59 24.97
C GLY C 162 -5.85 -16.34 25.43
N PHE C 163 -5.11 -15.24 25.53
CA PHE C 163 -5.66 -13.96 25.95
C PHE C 163 -6.72 -13.47 24.96
N SER C 164 -6.37 -13.50 23.67
CA SER C 164 -7.28 -13.09 22.62
C SER C 164 -8.62 -13.81 22.80
N LYS C 165 -8.58 -15.11 23.05
CA LYS C 165 -9.80 -15.87 23.22
C LYS C 165 -10.55 -15.40 24.44
N LEU C 166 -9.81 -15.03 25.46
CA LEU C 166 -10.41 -14.55 26.70
C LEU C 166 -11.19 -13.27 26.42
N CYS C 167 -10.57 -12.38 25.63
CA CYS C 167 -11.19 -11.09 25.29
C CYS C 167 -12.51 -11.34 24.56
N MET C 168 -12.54 -12.37 23.73
CA MET C 168 -13.75 -12.69 22.99
C MET C 168 -14.87 -12.92 23.99
N ASP C 169 -14.59 -13.75 24.98
CA ASP C 169 -15.58 -14.07 26.00
C ASP C 169 -15.91 -12.89 26.89
N GLU C 170 -14.90 -12.15 27.35
CA GLU C 170 -15.15 -11.00 28.21
C GLU C 170 -16.03 -9.97 27.51
N PHE C 171 -16.00 -10.01 26.18
CA PHE C 171 -16.79 -9.09 25.38
C PHE C 171 -18.23 -9.56 25.30
N VAL C 172 -18.44 -10.81 24.85
CA VAL C 172 -19.81 -11.30 24.73
C VAL C 172 -20.51 -11.28 26.10
N LEU C 173 -19.75 -11.47 27.17
CA LEU C 173 -20.33 -11.45 28.51
C LEU C 173 -20.80 -10.05 28.83
N SER C 174 -20.01 -9.06 28.41
CA SER C 174 -20.34 -7.65 28.63
C SER C 174 -21.54 -7.26 27.74
N HIS C 175 -21.69 -7.95 26.61
CA HIS C 175 -22.76 -7.70 25.65
C HIS C 175 -23.65 -8.91 25.47
N SER C 176 -23.97 -9.57 26.57
CA SER C 176 -24.81 -10.77 26.55
C SER C 176 -26.23 -10.59 26.00
N ASN C 177 -26.68 -9.35 25.86
CA ASN C 177 -28.02 -9.12 25.34
C ASN C 177 -28.11 -8.45 23.99
N ASP C 178 -26.96 -8.21 23.37
CA ASP C 178 -26.92 -7.59 22.05
C ASP C 178 -27.48 -8.58 21.03
N ASN C 179 -27.26 -9.87 21.29
CA ASN C 179 -27.69 -10.95 20.42
C ASN C 179 -27.40 -12.23 21.22
N VAL C 180 -27.82 -13.39 20.71
CA VAL C 180 -27.53 -14.65 21.40
C VAL C 180 -26.14 -15.07 20.90
N GLN C 181 -25.13 -14.93 21.75
CA GLN C 181 -23.76 -15.28 21.37
C GLN C 181 -23.23 -16.32 22.34
N VAL C 182 -22.85 -17.48 21.82
CA VAL C 182 -22.37 -18.57 22.65
C VAL C 182 -20.92 -18.98 22.41
N GLY C 183 -20.06 -18.78 23.40
CA GLY C 183 -18.66 -19.14 23.28
C GLY C 183 -18.37 -20.56 23.74
N LEU C 184 -17.51 -21.27 23.01
CA LEU C 184 -17.18 -22.65 23.33
C LEU C 184 -15.69 -22.83 23.57
N ARG C 185 -15.29 -23.08 24.80
CA ARG C 185 -13.87 -23.28 25.14
C ARG C 185 -13.45 -24.72 24.92
N TYR C 186 -12.78 -24.98 23.79
CA TYR C 186 -12.34 -26.34 23.48
C TYR C 186 -11.07 -26.73 24.25
N PHE C 187 -10.95 -28.01 24.60
CA PHE C 187 -9.77 -28.54 25.31
C PHE C 187 -9.16 -29.64 24.46
N ASN C 188 -7.92 -29.47 24.00
CA ASN C 188 -7.25 -30.53 23.22
C ASN C 188 -8.19 -31.38 22.40
N VAL C 189 -8.63 -30.84 21.28
CA VAL C 189 -9.53 -31.57 20.40
C VAL C 189 -8.72 -32.45 19.45
N TYR C 190 -9.26 -33.62 19.11
CA TYR C 190 -8.60 -34.52 18.17
C TYR C 190 -9.67 -35.15 17.31
N GLY C 191 -9.23 -35.75 16.21
CA GLY C 191 -10.18 -36.40 15.32
C GLY C 191 -9.85 -36.08 13.88
N PRO C 192 -10.64 -36.59 12.93
CA PRO C 192 -10.46 -36.38 11.49
C PRO C 192 -10.38 -34.93 11.01
N ARG C 193 -9.45 -34.71 10.07
CA ARG C 193 -9.23 -33.41 9.45
C ARG C 193 -8.39 -32.40 10.24
N GLU C 194 -7.49 -32.91 11.08
CA GLU C 194 -6.62 -32.02 11.84
C GLU C 194 -5.19 -32.22 11.35
N PHE C 195 -5.04 -33.11 10.37
CA PHE C 195 -3.75 -33.42 9.81
C PHE C 195 -3.00 -32.20 9.25
N TYR C 196 -3.72 -31.38 8.48
CA TYR C 196 -3.13 -30.21 7.87
C TYR C 196 -2.79 -29.07 8.81
N LYS C 197 -3.00 -29.30 10.11
CA LYS C 197 -2.65 -28.29 11.09
C LYS C 197 -1.16 -28.49 11.35
N GLU C 198 -0.58 -29.42 10.59
CA GLU C 198 0.85 -29.75 10.67
C GLU C 198 1.30 -30.10 12.06
N LYS C 199 2.33 -29.37 12.51
CA LYS C 199 2.93 -29.58 13.80
C LYS C 199 2.02 -29.25 14.97
N THR C 200 0.90 -28.58 14.69
CA THR C 200 -0.02 -28.24 15.76
C THR C 200 -1.22 -29.18 15.81
N ALA C 201 -1.09 -30.33 15.17
CA ALA C 201 -2.16 -31.32 15.17
C ALA C 201 -2.10 -32.06 16.52
N SER C 202 -3.24 -32.58 16.98
CA SER C 202 -3.32 -33.28 18.26
C SER C 202 -2.24 -34.33 18.49
N MET C 203 -1.92 -34.55 19.76
CA MET C 203 -0.91 -35.53 20.15
C MET C 203 -1.37 -36.92 19.79
N VAL C 204 -2.67 -37.19 19.84
CA VAL C 204 -3.13 -38.51 19.46
C VAL C 204 -2.78 -38.69 17.99
N LEU C 205 -2.91 -37.64 17.20
CA LEU C 205 -2.58 -37.74 15.79
C LEU C 205 -1.06 -37.85 15.67
N GLN C 206 -0.35 -37.08 16.49
CA GLN C 206 1.12 -37.08 16.52
C GLN C 206 1.70 -38.46 16.87
N LEU C 207 1.33 -38.94 18.05
CA LEU C 207 1.81 -40.23 18.53
C LEU C 207 1.42 -41.33 17.55
N ALA C 208 0.13 -41.44 17.27
CA ALA C 208 -0.38 -42.48 16.35
C ALA C 208 0.36 -42.54 15.04
N LEU C 209 0.88 -41.40 14.60
CA LEU C 209 1.61 -41.32 13.33
C LEU C 209 3.05 -41.75 13.51
N GLY C 210 3.66 -41.36 14.63
CA GLY C 210 5.03 -41.75 14.88
C GLY C 210 5.12 -43.25 15.05
N ALA C 211 4.13 -43.80 15.75
CA ALA C 211 4.03 -45.23 15.98
C ALA C 211 3.87 -45.96 14.66
N MET C 212 2.87 -45.56 13.88
CA MET C 212 2.61 -46.18 12.59
C MET C 212 3.79 -46.05 11.62
N ALA C 213 4.56 -44.96 11.74
CA ALA C 213 5.69 -44.75 10.86
C ALA C 213 6.97 -45.35 11.43
N PHE C 214 7.68 -44.54 12.20
CA PHE C 214 8.94 -44.95 12.83
C PHE C 214 8.84 -46.03 13.91
N LYS C 215 7.62 -46.52 14.15
CA LYS C 215 7.40 -47.55 15.16
C LYS C 215 7.98 -47.13 16.52
N GLU C 216 8.42 -45.88 16.58
CA GLU C 216 8.97 -45.29 17.78
C GLU C 216 8.27 -43.96 17.99
N VAL C 217 8.10 -43.56 19.25
CA VAL C 217 7.43 -42.31 19.57
C VAL C 217 8.18 -41.51 20.64
N LYS C 218 8.39 -40.23 20.39
CA LYS C 218 9.09 -39.39 21.36
C LYS C 218 8.02 -38.81 22.29
N LEU C 219 8.42 -38.33 23.46
CA LEU C 219 7.46 -37.77 24.41
C LEU C 219 8.25 -37.11 25.53
N PHE C 220 7.88 -35.89 25.90
CA PHE C 220 8.59 -35.18 26.95
C PHE C 220 8.57 -35.86 28.31
N GLU C 221 9.25 -35.23 29.26
CA GLU C 221 9.38 -35.71 30.64
C GLU C 221 8.27 -36.67 31.06
N PHE C 222 8.52 -37.96 30.91
CA PHE C 222 7.57 -39.01 31.29
C PHE C 222 6.18 -38.96 30.64
N GLY C 223 5.91 -37.89 29.91
CA GLY C 223 4.62 -37.76 29.23
C GLY C 223 3.41 -38.23 30.01
N GLU C 224 3.37 -37.95 31.30
CA GLU C 224 2.23 -38.35 32.12
C GLU C 224 1.38 -37.15 32.50
N GLN C 225 1.66 -36.00 31.89
CA GLN C 225 0.90 -34.77 32.12
C GLN C 225 -0.51 -34.97 31.55
N LEU C 226 -1.50 -34.50 32.31
CA LEU C 226 -2.90 -34.69 31.93
C LEU C 226 -3.54 -33.55 31.12
N ARG C 227 -4.29 -33.94 30.11
CA ARG C 227 -5.00 -33.00 29.25
C ARG C 227 -6.39 -33.56 29.09
N ASP C 228 -7.39 -32.70 28.99
CA ASP C 228 -8.75 -33.16 28.78
C ASP C 228 -8.89 -33.27 27.28
N PHE C 229 -8.77 -34.49 26.75
CA PHE C 229 -8.89 -34.70 25.31
C PHE C 229 -10.35 -34.90 24.94
N VAL C 230 -10.85 -34.03 24.08
CA VAL C 230 -12.23 -34.16 23.64
C VAL C 230 -12.28 -34.50 22.16
N TYR C 231 -13.05 -35.52 21.81
CA TYR C 231 -13.13 -35.95 20.43
C TYR C 231 -13.91 -34.94 19.59
N ILE C 232 -13.43 -34.75 18.36
CA ILE C 232 -14.05 -33.81 17.44
C ILE C 232 -15.58 -33.96 17.37
N GLU C 233 -16.09 -35.16 17.59
CA GLU C 233 -17.52 -35.36 17.51
C GLU C 233 -18.28 -34.69 18.64
N ASP C 234 -17.68 -34.67 19.82
CA ASP C 234 -18.34 -34.04 20.96
C ASP C 234 -18.32 -32.54 20.78
N VAL C 235 -17.24 -32.05 20.16
CA VAL C 235 -17.10 -30.61 19.90
C VAL C 235 -18.25 -30.21 18.95
N ILE C 236 -18.53 -31.09 17.99
CA ILE C 236 -19.59 -30.86 17.01
C ILE C 236 -20.95 -30.84 17.71
N GLN C 237 -21.15 -31.79 18.61
CA GLN C 237 -22.39 -31.88 19.38
C GLN C 237 -22.60 -30.53 20.08
N ALA C 238 -21.51 -30.04 20.68
CA ALA C 238 -21.53 -28.78 21.39
C ALA C 238 -21.99 -27.60 20.53
N ASN C 239 -21.47 -27.49 19.30
CA ASN C 239 -21.85 -26.40 18.40
C ASN C 239 -23.33 -26.45 17.98
N VAL C 240 -23.79 -27.63 17.57
CA VAL C 240 -25.18 -27.77 17.16
C VAL C 240 -26.14 -27.61 18.35
N LYS C 241 -25.74 -28.06 19.53
CA LYS C 241 -26.60 -27.92 20.71
C LYS C 241 -26.66 -26.43 21.03
N ALA C 242 -25.51 -25.77 20.85
CA ALA C 242 -25.40 -24.34 21.14
C ALA C 242 -26.29 -23.45 20.29
N MET C 243 -26.69 -23.92 19.11
CA MET C 243 -27.52 -23.09 18.25
C MET C 243 -28.98 -23.06 18.64
N LYS C 244 -29.30 -23.66 19.77
CA LYS C 244 -30.67 -23.67 20.26
C LYS C 244 -30.70 -22.87 21.55
N ALA C 245 -29.55 -22.29 21.89
CA ALA C 245 -29.43 -21.47 23.10
C ALA C 245 -30.26 -20.18 22.90
N GLN C 246 -31.03 -19.82 23.91
CA GLN C 246 -31.88 -18.62 23.87
C GLN C 246 -31.26 -17.48 24.65
N LYS C 247 -30.02 -17.71 25.12
CA LYS C 247 -29.28 -16.72 25.89
C LYS C 247 -27.79 -16.85 25.62
N SER C 248 -27.06 -15.74 25.74
CA SER C 248 -25.62 -15.74 25.51
C SER C 248 -24.91 -16.43 26.68
N GLY C 249 -23.67 -16.87 26.46
CA GLY C 249 -22.90 -17.51 27.51
C GLY C 249 -21.63 -18.13 26.98
N VAL C 250 -20.67 -18.45 27.84
CA VAL C 250 -19.44 -19.11 27.40
C VAL C 250 -19.29 -20.39 28.21
N TYR C 251 -19.07 -21.50 27.51
CA TYR C 251 -18.98 -22.79 28.15
C TYR C 251 -17.73 -23.59 27.88
N ASN C 252 -17.36 -24.42 28.85
CA ASN C 252 -16.21 -25.29 28.69
C ASN C 252 -16.72 -26.46 27.85
N VAL C 253 -15.92 -26.94 26.93
CA VAL C 253 -16.32 -28.08 26.14
C VAL C 253 -15.14 -29.05 25.98
N GLY C 254 -15.16 -30.06 26.84
CA GLY C 254 -14.16 -31.10 26.85
C GLY C 254 -14.93 -32.35 27.25
N TYR C 255 -14.22 -33.41 27.59
CA TYR C 255 -14.88 -34.64 27.99
C TYR C 255 -15.05 -34.60 29.52
N SER C 256 -14.39 -33.61 30.12
CA SER C 256 -14.39 -33.35 31.57
C SER C 256 -13.66 -34.47 32.32
N GLN C 257 -12.73 -35.11 31.64
CA GLN C 257 -11.96 -36.20 32.22
C GLN C 257 -10.54 -36.15 31.66
N ALA C 258 -9.58 -35.76 32.48
CA ALA C 258 -8.18 -35.66 32.07
C ALA C 258 -7.54 -37.03 31.85
N ARG C 259 -6.62 -37.09 30.90
CA ARG C 259 -5.91 -38.33 30.55
C ARG C 259 -4.46 -37.97 30.25
N SER C 260 -3.53 -38.85 30.61
CA SER C 260 -2.10 -38.61 30.37
C SER C 260 -1.71 -38.99 28.95
N TYR C 261 -0.61 -38.42 28.47
CA TYR C 261 -0.13 -38.73 27.13
C TYR C 261 0.22 -40.21 27.06
N ASN C 262 0.47 -40.81 28.22
CA ASN C 262 0.83 -42.22 28.27
C ASN C 262 -0.38 -43.08 27.99
N GLU C 263 -1.53 -42.68 28.51
CA GLU C 263 -2.75 -43.43 28.28
C GLU C 263 -3.08 -43.48 26.79
N ILE C 264 -2.61 -42.48 26.05
CA ILE C 264 -2.84 -42.45 24.60
C ILE C 264 -1.94 -43.53 24.04
N VAL C 265 -0.65 -43.44 24.38
CA VAL C 265 0.35 -44.42 23.95
C VAL C 265 -0.17 -45.81 24.25
N SER C 266 -0.78 -45.95 25.42
CA SER C 266 -1.36 -47.21 25.86
C SER C 266 -2.50 -47.63 24.93
N ILE C 267 -3.59 -46.88 24.94
CA ILE C 267 -4.75 -47.17 24.08
C ILE C 267 -4.31 -47.34 22.63
N LEU C 268 -3.17 -46.76 22.31
CA LEU C 268 -2.62 -46.81 20.97
C LEU C 268 -1.94 -48.18 20.72
N LYS C 269 -1.16 -48.64 21.69
CA LYS C 269 -0.48 -49.94 21.58
C LYS C 269 -1.55 -51.03 21.50
N GLU C 270 -2.60 -50.83 22.29
CA GLU C 270 -3.71 -51.78 22.32
C GLU C 270 -4.34 -51.93 20.95
N HIS C 271 -3.92 -51.10 20.00
CA HIS C 271 -4.45 -51.16 18.64
C HIS C 271 -3.31 -51.43 17.67
N LEU C 272 -2.38 -50.48 17.60
CA LEU C 272 -1.22 -50.57 16.71
C LEU C 272 -0.13 -51.54 17.17
N GLY C 273 -0.43 -52.34 18.19
CA GLY C 273 0.58 -53.25 18.69
C GLY C 273 1.59 -52.44 19.50
N ASP C 274 2.76 -53.01 19.77
CA ASP C 274 3.78 -52.30 20.55
C ASP C 274 4.70 -51.41 19.69
N PHE C 275 5.36 -50.44 20.32
CA PHE C 275 6.29 -49.53 19.64
C PHE C 275 7.22 -48.89 20.66
N LYS C 276 8.27 -48.23 20.20
CA LYS C 276 9.21 -47.63 21.13
C LYS C 276 8.65 -46.39 21.80
N VAL C 277 9.02 -46.21 23.05
CA VAL C 277 8.56 -45.09 23.86
C VAL C 277 9.72 -44.24 24.37
N THR C 278 10.39 -43.56 23.45
CA THR C 278 11.53 -42.71 23.77
C THR C 278 11.06 -41.39 24.39
N TYR C 279 11.72 -40.97 25.46
CA TYR C 279 11.39 -39.71 26.12
C TYR C 279 12.34 -38.58 25.79
N ILE C 280 12.33 -37.56 26.63
CA ILE C 280 13.19 -36.39 26.48
C ILE C 280 12.87 -35.48 27.65
N LYS C 281 13.89 -34.74 28.11
CA LYS C 281 13.70 -33.84 29.23
C LYS C 281 14.12 -32.41 28.91
N LYS C 289 1.40 -28.27 33.38
CA LYS C 289 0.03 -27.90 33.03
C LYS C 289 -0.90 -29.11 33.26
N HIS C 290 -2.14 -28.82 33.60
CA HIS C 290 -3.13 -29.87 33.86
C HIS C 290 -4.51 -29.31 33.57
N THR C 291 -5.18 -29.87 32.57
CA THR C 291 -6.51 -29.40 32.25
C THR C 291 -7.58 -30.45 32.42
N GLN C 292 -8.77 -30.00 32.84
CA GLN C 292 -9.91 -30.86 32.99
C GLN C 292 -11.13 -29.96 33.02
N ALA C 293 -11.90 -30.03 31.95
CA ALA C 293 -13.07 -29.21 31.81
C ALA C 293 -14.18 -29.40 32.83
N HIS C 294 -14.55 -28.32 33.51
CA HIS C 294 -15.68 -28.36 34.44
C HIS C 294 -16.80 -28.15 33.41
N ILE C 295 -17.56 -29.20 33.16
CA ILE C 295 -18.60 -29.19 32.14
C ILE C 295 -20.05 -29.01 32.58
N GLU C 296 -20.28 -28.87 33.88
CA GLU C 296 -21.62 -28.73 34.44
C GLU C 296 -22.61 -27.77 33.77
N PRO C 297 -22.24 -26.47 33.68
CA PRO C 297 -23.10 -25.45 33.07
C PRO C 297 -23.41 -25.74 31.60
N THR C 298 -22.45 -26.33 30.91
CA THR C 298 -22.57 -26.68 29.51
C THR C 298 -23.70 -27.69 29.37
N ILE C 299 -23.63 -28.72 30.21
CA ILE C 299 -24.64 -29.77 30.25
C ILE C 299 -25.97 -29.11 30.59
N LEU C 300 -25.95 -28.38 31.70
CA LEU C 300 -27.13 -27.67 32.20
C LEU C 300 -27.78 -26.78 31.14
N ASP C 301 -27.00 -25.92 30.50
CA ASP C 301 -27.53 -25.00 29.50
C ASP C 301 -27.68 -25.49 28.08
N LEU C 302 -26.74 -26.31 27.62
CA LEU C 302 -26.79 -26.77 26.25
C LEU C 302 -27.21 -28.21 26.04
N ASP C 303 -27.46 -28.92 27.13
CA ASP C 303 -27.86 -30.33 27.03
C ASP C 303 -26.65 -31.13 26.51
N TYR C 304 -25.48 -30.51 26.63
CA TYR C 304 -24.25 -31.16 26.21
C TYR C 304 -24.04 -32.42 27.03
N THR C 305 -23.66 -33.49 26.37
CA THR C 305 -23.41 -34.78 27.01
C THR C 305 -22.36 -35.51 26.16
N PRO C 306 -21.06 -35.32 26.51
CA PRO C 306 -19.99 -35.97 25.75
C PRO C 306 -20.00 -37.49 25.78
N LEU C 307 -19.73 -38.07 24.61
CA LEU C 307 -19.63 -39.51 24.44
C LEU C 307 -18.12 -39.59 24.16
N TYR C 308 -17.60 -40.70 23.65
CA TYR C 308 -16.17 -40.74 23.32
C TYR C 308 -15.15 -40.38 24.40
N ASP C 309 -14.68 -41.36 25.16
CA ASP C 309 -13.63 -41.10 26.12
C ASP C 309 -12.39 -41.25 25.26
N LEU C 310 -11.20 -41.13 25.84
CA LEU C 310 -9.99 -41.24 25.04
C LEU C 310 -10.00 -42.53 24.22
N GLU C 311 -10.59 -43.57 24.78
CA GLU C 311 -10.68 -44.89 24.14
C GLU C 311 -11.61 -44.89 22.93
N SER C 312 -12.87 -44.55 23.16
CA SER C 312 -13.85 -44.50 22.07
C SER C 312 -13.35 -43.52 21.00
N GLY C 313 -12.67 -42.47 21.46
CA GLY C 313 -12.13 -41.48 20.55
C GLY C 313 -11.03 -42.06 19.69
N ILE C 314 -9.94 -42.49 20.33
CA ILE C 314 -8.82 -43.08 19.60
C ILE C 314 -9.31 -44.22 18.71
N LYS C 315 -10.30 -44.96 19.17
CA LYS C 315 -10.81 -46.06 18.38
C LYS C 315 -11.39 -45.55 17.07
N ASP C 316 -12.41 -44.67 17.18
CA ASP C 316 -13.09 -44.10 16.01
C ASP C 316 -12.18 -43.32 15.06
N TYR C 317 -11.18 -42.66 15.63
CA TYR C 317 -10.25 -41.86 14.86
C TYR C 317 -9.24 -42.69 14.07
N LEU C 318 -8.67 -43.69 14.74
CA LEU C 318 -7.62 -44.57 14.18
C LEU C 318 -7.75 -45.08 12.74
N PRO C 319 -8.97 -45.40 12.28
CA PRO C 319 -9.08 -45.88 10.90
C PRO C 319 -8.58 -44.81 9.91
N HIS C 320 -8.98 -43.56 10.14
CA HIS C 320 -8.59 -42.45 9.30
C HIS C 320 -7.08 -42.23 9.34
N ILE C 321 -6.51 -42.34 10.54
CA ILE C 321 -5.08 -42.18 10.73
C ILE C 321 -4.33 -43.20 9.91
N HIS C 322 -5.00 -44.30 9.60
CA HIS C 322 -4.39 -45.35 8.81
C HIS C 322 -4.20 -44.90 7.37
N ALA C 323 -4.95 -43.88 6.94
CA ALA C 323 -4.80 -43.37 5.59
C ALA C 323 -3.40 -42.74 5.49
N ILE C 324 -2.43 -43.58 5.12
CA ILE C 324 -1.03 -43.17 4.95
C ILE C 324 -0.62 -43.48 3.50
N MET D 1 10.95 43.08 15.83
CA MET D 1 10.65 44.43 15.27
C MET D 1 9.53 44.36 14.24
N ARG D 2 8.39 45.01 14.53
CA ARG D 2 7.25 45.01 13.62
C ARG D 2 7.62 45.54 12.25
N TYR D 3 7.17 44.84 11.21
CA TYR D 3 7.44 45.27 9.85
C TYR D 3 6.19 45.87 9.20
N ILE D 4 5.09 45.82 9.93
CA ILE D 4 3.81 46.39 9.51
C ILE D 4 3.11 46.78 10.80
N ASP D 5 2.47 47.94 10.80
CA ASP D 5 1.79 48.37 12.01
C ASP D 5 0.38 47.82 12.08
N ASP D 6 0.25 46.53 11.74
CA ASP D 6 -1.04 45.88 11.82
C ASP D 6 -0.94 44.97 13.05
N GLU D 7 -2.02 44.87 13.80
CA GLU D 7 -2.05 44.06 15.01
C GLU D 7 -2.19 42.57 14.70
N LEU D 8 -2.83 42.29 13.58
CA LEU D 8 -3.09 40.92 13.13
C LEU D 8 -3.89 40.28 14.25
N GLU D 9 -4.67 41.11 14.94
CA GLU D 9 -5.44 40.67 16.09
C GLU D 9 -6.10 39.31 16.11
N ASN D 10 -7.07 39.04 15.24
CA ASN D 10 -7.70 37.73 15.30
C ASN D 10 -7.42 36.86 14.09
N GLN D 11 -6.26 37.10 13.49
CA GLN D 11 -5.82 36.39 12.32
C GLN D 11 -5.14 35.06 12.61
N THR D 12 -5.38 34.07 11.75
CA THR D 12 -4.72 32.78 11.90
C THR D 12 -3.72 32.68 10.77
N ILE D 13 -2.46 32.43 11.15
CA ILE D 13 -1.36 32.36 10.21
C ILE D 13 -0.84 30.95 10.09
N LEU D 14 -0.94 30.41 8.88
CA LEU D 14 -0.45 29.05 8.63
C LEU D 14 0.92 29.09 7.92
N ILE D 15 1.91 28.46 8.56
CA ILE D 15 3.29 28.39 8.05
C ILE D 15 3.67 26.95 7.81
N THR D 16 3.77 26.56 6.54
CA THR D 16 4.14 25.20 6.18
C THR D 16 5.68 25.18 6.17
N GLY D 17 6.28 24.04 6.52
CA GLY D 17 7.73 23.94 6.58
C GLY D 17 8.16 24.72 7.80
N GLY D 18 7.27 24.84 8.77
CA GLY D 18 7.52 25.60 9.98
C GLY D 18 8.58 25.04 10.90
N ALA D 19 8.99 23.80 10.68
CA ALA D 19 10.02 23.19 11.52
C ALA D 19 11.36 23.44 10.87
N GLY D 20 11.33 24.09 9.72
CA GLY D 20 12.54 24.39 8.98
C GLY D 20 13.12 25.76 9.26
N PHE D 21 14.17 26.10 8.52
CA PHE D 21 14.88 27.37 8.71
C PHE D 21 14.01 28.63 8.67
N VAL D 22 13.62 29.10 7.49
CA VAL D 22 12.82 30.31 7.42
C VAL D 22 11.45 30.18 8.05
N GLY D 23 10.83 29.02 7.92
CA GLY D 23 9.51 28.81 8.50
C GLY D 23 9.48 29.03 10.00
N SER D 24 10.43 28.41 10.71
CA SER D 24 10.50 28.55 12.15
C SER D 24 10.83 29.99 12.56
N ASN D 25 11.79 30.62 11.88
CA ASN D 25 12.13 32.01 12.21
C ASN D 25 10.90 32.89 12.04
N LEU D 26 10.18 32.66 10.95
CA LEU D 26 8.98 33.41 10.60
C LEU D 26 7.92 33.24 11.69
N ALA D 27 7.72 32.01 12.13
CA ALA D 27 6.74 31.71 13.17
C ALA D 27 7.07 32.45 14.46
N PHE D 28 8.37 32.57 14.77
CA PHE D 28 8.82 33.27 15.98
C PHE D 28 8.61 34.76 15.85
N HIS D 29 8.84 35.29 14.67
CA HIS D 29 8.65 36.72 14.44
C HIS D 29 7.22 37.12 14.81
N PHE D 30 6.25 36.42 14.23
CA PHE D 30 4.86 36.69 14.51
C PHE D 30 4.55 36.49 15.99
N GLN D 31 5.16 35.47 16.58
CA GLN D 31 4.94 35.16 17.98
C GLN D 31 5.32 36.35 18.85
N GLU D 32 6.50 36.89 18.59
CA GLU D 32 7.03 38.01 19.34
C GLU D 32 6.49 39.38 18.93
N ASN D 33 6.27 39.59 17.63
CA ASN D 33 5.81 40.89 17.17
C ASN D 33 4.30 41.08 16.98
N HIS D 34 3.57 40.00 16.77
CA HIS D 34 2.13 40.11 16.61
C HIS D 34 1.53 39.02 17.46
N PRO D 35 1.69 39.15 18.78
CA PRO D 35 1.20 38.21 19.79
C PRO D 35 -0.30 37.96 19.76
N LYS D 36 -1.05 38.83 19.07
CA LYS D 36 -2.49 38.63 18.98
C LYS D 36 -2.88 37.64 17.87
N ALA D 37 -2.01 37.46 16.89
CA ALA D 37 -2.24 36.54 15.78
C ALA D 37 -2.06 35.10 16.20
N LYS D 38 -2.80 34.19 15.58
CA LYS D 38 -2.70 32.75 15.87
C LYS D 38 -1.68 32.18 14.91
N VAL D 39 -0.55 31.71 15.42
CA VAL D 39 0.47 31.14 14.58
C VAL D 39 0.43 29.63 14.61
N VAL D 40 0.05 29.00 13.49
CA VAL D 40 0.04 27.55 13.45
C VAL D 40 1.09 27.06 12.45
N VAL D 41 2.04 26.28 12.96
CA VAL D 41 3.13 25.72 12.18
C VAL D 41 2.85 24.28 11.71
N LEU D 42 3.06 24.01 10.42
CA LEU D 42 2.82 22.69 9.86
C LEU D 42 4.08 22.13 9.30
N ASP D 43 4.36 20.84 9.56
CA ASP D 43 5.57 20.21 9.05
C ASP D 43 5.56 18.69 9.11
N LYS D 44 6.29 18.08 8.18
CA LYS D 44 6.41 16.62 8.09
C LYS D 44 7.28 16.17 9.27
N PHE D 45 8.32 16.96 9.51
CA PHE D 45 9.24 16.76 10.62
C PHE D 45 10.43 15.82 10.51
N ARG D 46 11.30 16.01 9.53
CA ARG D 46 12.49 15.18 9.43
C ARG D 46 12.27 13.69 9.27
N SER D 47 12.43 13.22 8.04
CA SER D 47 12.25 11.82 7.71
C SER D 47 13.62 11.22 7.39
N ASN D 48 14.19 10.49 8.37
CA ASN D 48 15.49 9.82 8.19
C ASN D 48 15.68 8.71 9.22
N PRO D 56 18.61 13.72 4.28
CA PRO D 56 17.71 13.42 3.16
C PRO D 56 16.27 13.87 3.35
N SER D 57 15.59 14.08 2.22
CA SER D 57 14.19 14.50 2.20
C SER D 57 13.85 15.75 3.00
N SER D 58 13.05 15.60 4.05
CA SER D 58 12.64 16.74 4.88
C SER D 58 13.59 17.00 6.03
N LEU D 59 14.21 18.18 6.04
CA LEU D 59 15.13 18.48 7.10
C LEU D 59 14.59 19.45 8.15
N GLY D 60 13.33 19.25 8.52
CA GLY D 60 12.73 20.07 9.54
C GLY D 60 13.18 19.49 10.87
N HIS D 61 13.18 20.27 11.95
CA HIS D 61 13.65 19.74 13.22
C HIS D 61 13.05 20.51 14.40
N PHE D 62 12.47 19.78 15.35
CA PHE D 62 11.84 20.41 16.51
C PHE D 62 12.74 21.38 17.25
N LYS D 63 14.05 21.19 17.15
CA LYS D 63 14.96 22.10 17.83
C LYS D 63 14.75 23.54 17.38
N ASN D 64 14.30 23.72 16.15
CA ASN D 64 14.05 25.04 15.59
C ASN D 64 12.78 25.68 16.14
N LEU D 65 12.02 24.92 16.93
CA LEU D 65 10.77 25.45 17.49
C LEU D 65 10.80 25.43 19.01
N ILE D 66 11.98 25.31 19.58
CA ILE D 66 12.10 25.21 21.03
C ILE D 66 11.35 26.23 21.86
N GLY D 67 11.26 27.48 21.45
CA GLY D 67 10.53 28.42 22.28
C GLY D 67 9.14 28.78 21.75
N PHE D 68 8.60 27.96 20.86
CA PHE D 68 7.31 28.20 20.24
C PHE D 68 6.10 27.90 21.14
N LYS D 69 5.27 28.92 21.38
CA LYS D 69 4.07 28.81 22.23
C LYS D 69 2.78 28.63 21.40
N GLY D 70 2.90 28.72 20.08
CA GLY D 70 1.74 28.53 19.22
C GLY D 70 1.37 27.07 19.07
N GLU D 71 0.76 26.67 17.96
CA GLU D 71 0.42 25.26 17.77
C GLU D 71 1.03 24.62 16.52
N VAL D 72 1.16 23.30 16.58
CA VAL D 72 1.78 22.54 15.51
C VAL D 72 0.82 21.59 14.80
N ILE D 73 1.13 21.30 13.55
CA ILE D 73 0.35 20.34 12.77
C ILE D 73 1.35 19.39 12.10
N ALA D 74 1.38 18.16 12.58
CA ALA D 74 2.27 17.16 12.03
C ALA D 74 1.58 16.67 10.76
N ALA D 75 2.09 17.08 9.61
CA ALA D 75 1.46 16.68 8.36
C ALA D 75 2.40 16.65 7.18
N ASP D 76 2.08 15.81 6.19
CA ASP D 76 2.84 15.70 4.96
C ASP D 76 1.95 16.28 3.86
N ILE D 77 2.37 17.39 3.26
CA ILE D 77 1.60 18.07 2.25
C ILE D 77 1.25 17.22 1.05
N ASN D 78 1.90 16.07 0.93
CA ASN D 78 1.63 15.16 -0.19
C ASN D 78 0.60 14.13 0.17
N ASN D 79 0.25 14.07 1.44
CA ASN D 79 -0.71 13.10 1.96
C ASN D 79 -2.12 13.64 1.88
N PRO D 80 -2.95 13.07 0.99
CA PRO D 80 -4.34 13.51 0.82
C PRO D 80 -5.12 13.63 2.10
N LEU D 81 -4.95 12.65 2.97
CA LEU D 81 -5.66 12.62 4.23
C LEU D 81 -5.29 13.83 5.07
N ASP D 82 -3.99 14.13 5.13
CA ASP D 82 -3.50 15.26 5.90
C ASP D 82 -4.02 16.58 5.33
N LEU D 83 -4.00 16.69 4.02
CA LEU D 83 -4.49 17.89 3.35
C LEU D 83 -6.00 18.05 3.59
N ARG D 84 -6.71 16.93 3.56
CA ARG D 84 -8.15 16.94 3.75
C ARG D 84 -8.50 17.39 5.14
N ARG D 85 -7.68 17.01 6.09
CA ARG D 85 -7.87 17.36 7.50
C ARG D 85 -7.52 18.82 7.72
N LEU D 86 -6.59 19.31 6.91
CA LEU D 86 -6.12 20.69 6.94
C LEU D 86 -7.22 21.66 6.57
N GLU D 87 -8.20 21.18 5.81
CA GLU D 87 -9.32 22.01 5.38
C GLU D 87 -10.21 22.35 6.54
N LYS D 88 -10.11 21.59 7.62
CA LYS D 88 -10.89 21.85 8.82
C LYS D 88 -10.43 23.16 9.47
N LEU D 89 -9.14 23.47 9.28
CA LEU D 89 -8.53 24.66 9.87
C LEU D 89 -8.88 25.92 9.12
N HIS D 90 -9.30 26.93 9.85
CA HIS D 90 -9.63 28.18 9.21
C HIS D 90 -8.45 29.10 9.42
N PHE D 91 -7.75 29.44 8.34
CA PHE D 91 -6.59 30.33 8.43
C PHE D 91 -6.77 31.53 7.50
N ASP D 92 -6.19 32.67 7.89
CA ASP D 92 -6.29 33.88 7.09
C ASP D 92 -5.12 34.06 6.14
N TYR D 93 -3.97 33.52 6.52
CA TYR D 93 -2.76 33.62 5.71
C TYR D 93 -2.05 32.28 5.59
N LEU D 94 -1.41 32.06 4.46
CA LEU D 94 -0.64 30.87 4.26
C LEU D 94 0.74 31.27 3.76
N PHE D 95 1.75 30.91 4.54
CA PHE D 95 3.14 31.19 4.17
C PHE D 95 3.67 29.82 3.82
N HIS D 96 3.75 29.53 2.52
CA HIS D 96 4.21 28.23 2.09
C HIS D 96 5.75 28.14 1.98
N GLN D 97 6.38 27.65 3.04
CA GLN D 97 7.84 27.51 3.10
C GLN D 97 8.31 26.07 2.92
N ALA D 98 7.38 25.13 2.99
CA ALA D 98 7.68 23.70 2.85
C ALA D 98 8.13 23.28 1.47
N ALA D 99 9.28 22.62 1.40
CA ALA D 99 9.82 22.13 0.14
C ALA D 99 10.87 21.08 0.42
N VAL D 100 11.43 20.50 -0.64
CA VAL D 100 12.45 19.46 -0.50
C VAL D 100 13.89 19.96 -0.44
N SER D 101 14.70 19.26 0.37
CA SER D 101 16.12 19.58 0.54
C SER D 101 16.91 19.25 -0.72
N ASP D 102 17.51 20.27 -1.33
CA ASP D 102 18.29 20.08 -2.54
C ASP D 102 19.38 19.03 -2.33
N THR D 103 19.77 18.82 -1.08
CA THR D 103 20.81 17.85 -0.76
C THR D 103 20.57 16.51 -1.45
N THR D 104 19.45 15.84 -1.13
CA THR D 104 19.16 14.54 -1.72
C THR D 104 18.15 14.64 -2.88
N MET D 105 18.06 15.81 -3.53
CA MET D 105 17.12 15.93 -4.62
C MET D 105 17.59 15.07 -5.79
N LEU D 106 17.33 13.77 -5.63
CA LEU D 106 17.70 12.76 -6.59
C LEU D 106 16.63 12.64 -7.68
N ASN D 107 15.53 11.98 -7.35
CA ASN D 107 14.43 11.76 -8.28
C ASN D 107 13.74 13.04 -8.74
N GLN D 108 13.66 13.21 -10.04
CA GLN D 108 13.05 14.39 -10.63
C GLN D 108 11.54 14.44 -10.43
N GLU D 109 10.89 13.29 -10.53
CA GLU D 109 9.43 13.20 -10.38
C GLU D 109 8.99 13.61 -9.00
N LEU D 110 9.73 13.17 -7.99
CA LEU D 110 9.41 13.47 -6.60
C LEU D 110 9.61 14.92 -6.18
N VAL D 111 10.61 15.59 -6.74
CA VAL D 111 10.82 16.99 -6.38
C VAL D 111 9.60 17.77 -6.88
N MET D 112 9.12 17.42 -8.06
CA MET D 112 7.97 18.11 -8.63
C MET D 112 6.73 17.85 -7.81
N LYS D 113 6.57 16.61 -7.34
CA LYS D 113 5.40 16.26 -6.54
C LYS D 113 5.29 17.14 -5.33
N THR D 114 6.28 17.12 -4.48
CA THR D 114 6.21 17.92 -3.27
C THR D 114 6.43 19.41 -3.43
N ASN D 115 7.29 19.83 -4.35
CA ASN D 115 7.55 21.26 -4.54
C ASN D 115 6.54 21.98 -5.43
N TYR D 116 5.88 21.24 -6.31
CA TYR D 116 4.91 21.89 -7.19
C TYR D 116 3.50 21.34 -7.07
N GLN D 117 3.34 20.04 -7.30
CA GLN D 117 2.03 19.43 -7.22
C GLN D 117 1.39 19.71 -5.87
N ALA D 118 2.14 19.47 -4.81
CA ALA D 118 1.65 19.68 -3.44
C ALA D 118 1.26 21.13 -3.25
N PHE D 119 2.03 22.01 -3.87
CA PHE D 119 1.79 23.45 -3.80
C PHE D 119 0.47 23.88 -4.40
N LEU D 120 0.18 23.35 -5.58
CA LEU D 120 -1.07 23.67 -6.28
C LEU D 120 -2.29 23.34 -5.43
N ASN D 121 -2.21 22.25 -4.69
CA ASN D 121 -3.31 21.84 -3.83
C ASN D 121 -3.48 22.79 -2.66
N LEU D 122 -2.37 23.32 -2.15
CA LEU D 122 -2.45 24.27 -1.05
C LEU D 122 -3.03 25.57 -1.57
N LEU D 123 -2.74 25.85 -2.84
CA LEU D 123 -3.23 27.06 -3.50
C LEU D 123 -4.76 26.96 -3.57
N GLU D 124 -5.25 25.79 -3.98
CA GLU D 124 -6.68 25.51 -4.09
C GLU D 124 -7.39 25.65 -2.73
N ILE D 125 -6.78 25.11 -1.68
CA ILE D 125 -7.37 25.21 -0.35
C ILE D 125 -7.36 26.64 0.13
N ALA D 126 -6.26 27.35 -0.09
CA ALA D 126 -6.19 28.73 0.35
C ALA D 126 -7.22 29.59 -0.39
N ARG D 127 -7.34 29.37 -1.69
CA ARG D 127 -8.28 30.13 -2.50
C ARG D 127 -9.71 29.95 -2.01
N SER D 128 -10.07 28.72 -1.68
CA SER D 128 -11.42 28.44 -1.21
C SER D 128 -11.64 29.12 0.13
N LYS D 129 -10.60 29.17 0.95
CA LYS D 129 -10.70 29.80 2.25
C LYS D 129 -10.43 31.29 2.12
N LYS D 130 -10.25 31.75 0.88
CA LYS D 130 -9.98 33.15 0.63
C LYS D 130 -8.89 33.66 1.55
N ALA D 131 -7.85 32.85 1.73
CA ALA D 131 -6.72 33.21 2.58
C ALA D 131 -5.58 33.65 1.69
N LYS D 132 -4.97 34.79 1.98
CA LYS D 132 -3.87 35.28 1.17
C LYS D 132 -2.70 34.27 1.21
N VAL D 133 -2.00 34.14 0.09
CA VAL D 133 -0.88 33.21 -0.02
C VAL D 133 0.45 33.89 -0.27
N ILE D 134 1.45 33.53 0.54
CA ILE D 134 2.80 34.07 0.39
C ILE D 134 3.69 32.84 0.35
N TYR D 135 4.36 32.60 -0.77
CA TYR D 135 5.18 31.40 -0.85
C TYR D 135 6.63 31.65 -1.17
N ALA D 136 7.45 30.66 -0.84
CA ALA D 136 8.87 30.75 -1.07
C ALA D 136 9.27 30.17 -2.40
N SER D 137 9.90 30.98 -3.23
CA SER D 137 10.39 30.51 -4.51
C SER D 137 11.92 30.43 -4.31
N SER D 138 12.68 30.56 -5.39
CA SER D 138 14.11 30.50 -5.27
C SER D 138 14.82 31.28 -6.36
N ALA D 139 16.06 31.67 -6.07
CA ALA D 139 16.88 32.39 -7.03
C ALA D 139 17.40 31.32 -7.96
N GLY D 140 17.08 30.06 -7.65
CA GLY D 140 17.52 28.94 -8.47
C GLY D 140 16.83 28.93 -9.82
N VAL D 141 15.75 29.71 -9.95
CA VAL D 141 15.01 29.77 -11.18
C VAL D 141 15.85 30.41 -12.29
N TYR D 142 16.90 31.12 -11.90
CA TYR D 142 17.77 31.78 -12.87
C TYR D 142 18.89 30.90 -13.41
N GLY D 143 19.19 29.79 -12.75
CA GLY D 143 20.26 28.93 -13.22
C GLY D 143 21.52 29.77 -13.36
N ASN D 144 22.39 29.43 -14.31
CA ASN D 144 23.63 30.18 -14.51
C ASN D 144 23.51 31.30 -15.52
N THR D 145 22.64 32.27 -15.24
CA THR D 145 22.49 33.36 -16.18
C THR D 145 23.15 34.63 -15.63
N LYS D 146 23.37 35.58 -16.52
CA LYS D 146 23.99 36.84 -16.17
C LYS D 146 23.26 37.55 -15.05
N ALA D 147 24.03 38.07 -14.11
CA ALA D 147 23.48 38.84 -12.99
C ALA D 147 23.53 40.28 -13.49
N PRO D 148 22.71 41.18 -12.91
CA PRO D 148 21.75 40.94 -11.83
C PRO D 148 20.63 40.04 -12.33
N ASN D 149 19.96 39.37 -11.40
CA ASN D 149 18.89 38.48 -11.78
C ASN D 149 17.55 39.20 -11.66
N VAL D 150 16.89 39.35 -12.79
CA VAL D 150 15.62 40.05 -12.85
C VAL D 150 14.47 39.09 -13.11
N VAL D 151 13.41 39.24 -12.32
CA VAL D 151 12.25 38.39 -12.45
C VAL D 151 11.68 38.66 -13.84
N GLY D 152 11.41 37.59 -14.58
CA GLY D 152 10.88 37.71 -15.93
C GLY D 152 11.93 37.53 -17.01
N LYS D 153 13.20 37.59 -16.61
CA LYS D 153 14.30 37.45 -17.55
C LYS D 153 15.29 36.37 -17.18
N ASN D 154 15.77 35.67 -18.19
CA ASN D 154 16.77 34.63 -18.01
C ASN D 154 16.55 33.61 -16.92
N GLU D 155 15.31 33.17 -16.76
CA GLU D 155 15.05 32.16 -15.75
C GLU D 155 15.24 30.80 -16.41
N SER D 156 16.49 30.34 -16.38
CA SER D 156 16.87 29.05 -16.94
C SER D 156 17.42 28.15 -15.86
N PRO D 157 16.53 27.45 -15.13
CA PRO D 157 16.94 26.55 -14.06
C PRO D 157 17.99 25.57 -14.58
N GLU D 158 18.80 25.05 -13.67
CA GLU D 158 19.82 24.09 -14.05
C GLU D 158 19.52 22.76 -13.39
N ASN D 159 18.61 22.78 -12.41
CA ASN D 159 18.22 21.55 -11.69
C ASN D 159 16.70 21.50 -11.51
N VAL D 160 16.20 20.33 -11.17
CA VAL D 160 14.76 20.17 -10.99
C VAL D 160 14.26 21.11 -9.94
N TYR D 161 14.92 21.13 -8.78
CA TYR D 161 14.54 22.00 -7.68
C TYR D 161 14.30 23.42 -8.18
N GLY D 162 15.24 23.99 -8.94
CA GLY D 162 15.06 25.34 -9.45
C GLY D 162 13.88 25.45 -10.40
N PHE D 163 13.72 24.43 -11.23
CA PHE D 163 12.62 24.36 -12.19
C PHE D 163 11.28 24.33 -11.46
N SER D 164 11.17 23.45 -10.47
CA SER D 164 9.95 23.30 -9.69
C SER D 164 9.52 24.66 -9.16
N LYS D 165 10.47 25.42 -8.64
CA LYS D 165 10.16 26.74 -8.11
C LYS D 165 9.65 27.66 -9.22
N LEU D 166 10.24 27.53 -10.40
CA LEU D 166 9.85 28.34 -11.53
C LEU D 166 8.39 28.05 -11.90
N CYS D 167 8.03 26.76 -11.87
CA CYS D 167 6.69 26.33 -12.18
C CYS D 167 5.70 26.96 -11.23
N MET D 168 6.08 27.07 -9.96
CA MET D 168 5.21 27.67 -8.97
C MET D 168 4.88 29.08 -9.39
N ASP D 169 5.91 29.82 -9.81
CA ASP D 169 5.74 31.20 -10.25
C ASP D 169 4.95 31.31 -11.55
N GLU D 170 5.32 30.51 -12.55
CA GLU D 170 4.64 30.54 -13.84
C GLU D 170 3.15 30.23 -13.66
N PHE D 171 2.82 29.53 -12.57
CA PHE D 171 1.44 29.19 -12.30
C PHE D 171 0.69 30.34 -11.67
N VAL D 172 1.25 30.92 -10.61
CA VAL D 172 0.56 32.02 -9.96
C VAL D 172 0.42 33.20 -10.92
N LEU D 173 1.38 33.34 -11.83
CA LEU D 173 1.35 34.44 -12.80
C LEU D 173 0.21 34.21 -13.78
N SER D 174 -0.01 32.96 -14.15
CA SER D 174 -1.09 32.59 -15.05
C SER D 174 -2.42 32.73 -14.32
N HIS D 175 -2.40 32.58 -13.00
CA HIS D 175 -3.61 32.68 -12.17
C HIS D 175 -3.51 33.81 -11.16
N SER D 176 -2.98 34.94 -11.61
CA SER D 176 -2.79 36.11 -10.77
C SER D 176 -4.05 36.70 -10.14
N ASN D 177 -5.24 36.33 -10.64
CA ASN D 177 -6.49 36.84 -10.07
C ASN D 177 -7.36 35.82 -9.34
N ASP D 178 -6.87 34.60 -9.20
CA ASP D 178 -7.61 33.57 -8.50
C ASP D 178 -7.67 33.92 -7.02
N ASN D 179 -6.60 34.56 -6.54
CA ASN D 179 -6.46 34.94 -5.15
C ASN D 179 -5.21 35.81 -5.13
N VAL D 180 -4.90 36.41 -3.99
CA VAL D 180 -3.70 37.22 -3.86
C VAL D 180 -2.56 36.25 -3.50
N GLN D 181 -1.72 35.91 -4.46
CA GLN D 181 -0.61 34.98 -4.23
C GLN D 181 0.72 35.66 -4.54
N VAL D 182 1.60 35.72 -3.54
CA VAL D 182 2.89 36.38 -3.68
C VAL D 182 4.12 35.48 -3.55
N GLY D 183 4.86 35.32 -4.65
CA GLY D 183 6.04 34.48 -4.65
C GLY D 183 7.29 35.23 -4.26
N LEU D 184 8.13 34.62 -3.42
CA LEU D 184 9.34 35.27 -2.95
C LEU D 184 10.62 34.47 -3.31
N ARG D 185 11.40 34.99 -4.25
CA ARG D 185 12.61 34.32 -4.68
C ARG D 185 13.79 34.66 -3.79
N TYR D 186 14.11 33.75 -2.87
CA TYR D 186 15.22 33.97 -1.94
C TYR D 186 16.59 33.69 -2.57
N PHE D 187 17.59 34.46 -2.16
CA PHE D 187 18.97 34.30 -2.66
C PHE D 187 19.90 33.99 -1.48
N ASN D 188 20.52 32.83 -1.46
CA ASN D 188 21.47 32.51 -0.37
C ASN D 188 21.13 33.15 0.98
N VAL D 189 20.13 32.60 1.66
CA VAL D 189 19.72 33.12 2.96
C VAL D 189 20.58 32.49 4.04
N TYR D 190 20.87 33.27 5.08
CA TYR D 190 21.66 32.79 6.20
C TYR D 190 21.06 33.39 7.46
N GLY D 191 21.43 32.83 8.60
CA GLY D 191 20.91 33.33 9.85
C GLY D 191 20.57 32.20 10.78
N PRO D 192 20.06 32.50 11.97
CA PRO D 192 19.66 31.51 12.97
C PRO D 192 18.65 30.45 12.53
N ARG D 193 18.87 29.23 13.00
CA ARG D 193 18.00 28.12 12.72
C ARG D 193 18.19 27.43 11.35
N GLU D 194 19.39 27.52 10.78
CA GLU D 194 19.65 26.87 9.50
C GLU D 194 20.65 25.74 9.73
N PHE D 195 21.04 25.58 10.99
CA PHE D 195 21.99 24.54 11.36
C PHE D 195 21.55 23.14 10.96
N TYR D 196 20.32 22.80 11.28
CA TYR D 196 19.79 21.47 10.99
C TYR D 196 19.57 21.16 9.52
N LYS D 197 19.93 22.08 8.64
CA LYS D 197 19.79 21.84 7.21
C LYS D 197 21.04 21.07 6.83
N GLU D 198 21.85 20.75 7.85
CA GLU D 198 23.09 19.99 7.69
C GLU D 198 24.04 20.59 6.67
N LYS D 199 24.43 19.74 5.72
CA LYS D 199 25.35 20.13 4.68
C LYS D 199 24.83 21.21 3.76
N THR D 200 23.53 21.47 3.81
CA THR D 200 22.94 22.48 2.94
C THR D 200 22.74 23.81 3.66
N ALA D 201 23.39 23.98 4.81
CA ALA D 201 23.30 25.22 5.56
C ALA D 201 24.20 26.26 4.90
N SER D 202 23.84 27.54 5.02
CA SER D 202 24.60 28.63 4.39
C SER D 202 26.12 28.55 4.57
N MET D 203 26.84 29.13 3.62
CA MET D 203 28.29 29.14 3.66
C MET D 203 28.78 29.97 4.84
N VAL D 204 28.04 31.02 5.22
CA VAL D 204 28.47 31.81 6.35
C VAL D 204 28.44 30.88 7.56
N LEU D 205 27.43 30.02 7.63
CA LEU D 205 27.34 29.09 8.74
C LEU D 205 28.46 28.05 8.60
N GLN D 206 28.68 27.61 7.37
CA GLN D 206 29.72 26.60 7.09
C GLN D 206 31.12 27.12 7.45
N LEU D 207 31.51 28.23 6.85
CA LEU D 207 32.81 28.82 7.10
C LEU D 207 32.99 29.14 8.59
N ALA D 208 32.07 29.94 9.13
CA ALA D 208 32.14 30.35 10.53
C ALA D 208 32.32 29.16 11.48
N LEU D 209 31.79 28.01 11.09
CA LEU D 209 31.89 26.80 11.90
C LEU D 209 33.26 26.12 11.74
N GLY D 210 33.76 26.10 10.50
CA GLY D 210 35.04 25.49 10.26
C GLY D 210 36.11 26.29 10.98
N ALA D 211 35.99 27.60 10.87
CA ALA D 211 36.91 28.53 11.51
C ALA D 211 36.89 28.31 13.03
N MET D 212 35.71 28.38 13.63
CA MET D 212 35.57 28.19 15.06
C MET D 212 36.04 26.82 15.53
N ALA D 213 35.92 25.80 14.68
CA ALA D 213 36.33 24.46 15.05
C ALA D 213 37.77 24.20 14.68
N PHE D 214 37.97 23.71 13.46
CA PHE D 214 39.29 23.37 12.96
C PHE D 214 40.22 24.57 12.72
N LYS D 215 39.77 25.78 13.03
CA LYS D 215 40.58 26.97 12.85
C LYS D 215 41.10 27.09 11.41
N GLU D 216 40.60 26.19 10.56
CA GLU D 216 40.96 26.14 9.15
C GLU D 216 39.66 26.05 8.37
N VAL D 217 39.64 26.63 7.18
CA VAL D 217 38.44 26.62 6.35
C VAL D 217 38.76 26.25 4.89
N LYS D 218 38.02 25.31 4.33
CA LYS D 218 38.23 24.91 2.93
C LYS D 218 37.37 25.85 2.07
N LEU D 219 37.67 25.95 0.78
CA LEU D 219 36.90 26.82 -0.10
C LEU D 219 37.35 26.53 -1.53
N PHE D 220 36.40 26.33 -2.45
CA PHE D 220 36.74 26.03 -3.83
C PHE D 220 37.54 27.10 -4.53
N GLU D 221 37.88 26.82 -5.78
CA GLU D 221 38.67 27.70 -6.64
C GLU D 221 38.64 29.17 -6.23
N PHE D 222 39.60 29.57 -5.41
CA PHE D 222 39.73 30.96 -4.96
C PHE D 222 38.54 31.55 -4.19
N GLY D 223 37.45 30.79 -4.14
CA GLY D 223 36.26 31.25 -3.42
C GLY D 223 35.93 32.73 -3.55
N GLU D 224 36.09 33.29 -4.75
CA GLU D 224 35.78 34.69 -4.97
C GLU D 224 34.49 34.88 -5.77
N GLN D 225 33.78 33.78 -5.99
CA GLN D 225 32.51 33.80 -6.72
C GLN D 225 31.48 34.55 -5.88
N LEU D 226 30.70 35.41 -6.53
CA LEU D 226 29.71 36.23 -5.85
C LEU D 226 28.29 35.68 -5.72
N ARG D 227 27.72 35.84 -4.54
CA ARG D 227 26.38 35.40 -4.23
C ARG D 227 25.70 36.55 -3.52
N ASP D 228 24.41 36.73 -3.74
CA ASP D 228 23.68 37.79 -3.06
C ASP D 228 23.24 37.15 -1.76
N PHE D 229 23.96 37.44 -0.67
CA PHE D 229 23.63 36.87 0.63
C PHE D 229 22.63 37.77 1.32
N VAL D 230 21.46 37.22 1.64
CA VAL D 230 20.43 37.99 2.31
C VAL D 230 20.21 37.40 3.70
N TYR D 231 20.24 38.27 4.72
CA TYR D 231 20.04 37.81 6.08
C TYR D 231 18.60 37.38 6.34
N ILE D 232 18.46 36.32 7.11
CA ILE D 232 17.16 35.78 7.46
C ILE D 232 16.15 36.85 7.90
N GLU D 233 16.64 37.94 8.50
CA GLU D 233 15.74 38.98 8.96
C GLU D 233 15.08 39.74 7.81
N ASP D 234 15.82 39.95 6.73
CA ASP D 234 15.25 40.66 5.60
C ASP D 234 14.26 39.78 4.89
N VAL D 235 14.52 38.47 4.91
CA VAL D 235 13.63 37.50 4.30
C VAL D 235 12.29 37.60 5.05
N ILE D 236 12.38 37.72 6.37
CA ILE D 236 11.22 37.83 7.23
C ILE D 236 10.46 39.10 6.91
N GLN D 237 11.20 40.21 6.76
CA GLN D 237 10.56 41.49 6.43
C GLN D 237 9.74 41.32 5.16
N ALA D 238 10.32 40.63 4.19
CA ALA D 238 9.69 40.38 2.89
C ALA D 238 8.36 39.65 3.02
N ASN D 239 8.32 38.59 3.83
CA ASN D 239 7.09 37.83 4.02
C ASN D 239 5.98 38.63 4.69
N VAL D 240 6.31 39.34 5.76
CA VAL D 240 5.30 40.13 6.44
C VAL D 240 4.84 41.33 5.61
N LYS D 241 5.74 41.91 4.83
CA LYS D 241 5.38 43.05 3.97
C LYS D 241 4.48 42.47 2.87
N ALA D 242 4.80 41.27 2.43
CA ALA D 242 4.06 40.59 1.38
C ALA D 242 2.63 40.32 1.72
N MET D 243 2.31 40.20 3.02
CA MET D 243 0.94 39.90 3.43
C MET D 243 -0.04 41.09 3.36
N LYS D 244 0.46 42.22 2.87
CA LYS D 244 -0.37 43.40 2.72
C LYS D 244 -0.57 43.67 1.24
N ALA D 245 -0.04 42.78 0.41
CA ALA D 245 -0.14 42.91 -1.03
C ALA D 245 -1.59 42.72 -1.42
N GLN D 246 -2.08 43.59 -2.31
CA GLN D 246 -3.46 43.53 -2.77
C GLN D 246 -3.50 42.94 -4.18
N LYS D 247 -2.36 42.44 -4.65
CA LYS D 247 -2.29 41.84 -5.98
C LYS D 247 -1.23 40.76 -5.99
N SER D 248 -1.40 39.75 -6.83
CA SER D 248 -0.44 38.65 -6.93
C SER D 248 0.84 39.13 -7.61
N GLY D 249 1.94 38.39 -7.45
CA GLY D 249 3.20 38.76 -8.07
C GLY D 249 4.35 37.94 -7.54
N VAL D 250 5.47 37.90 -8.27
CA VAL D 250 6.64 37.17 -7.79
C VAL D 250 7.83 38.14 -7.74
N TYR D 251 8.50 38.18 -6.59
CA TYR D 251 9.58 39.12 -6.38
C TYR D 251 10.92 38.52 -5.97
N ASN D 252 11.99 39.21 -6.34
CA ASN D 252 13.31 38.76 -5.95
C ASN D 252 13.45 39.29 -4.54
N VAL D 253 14.07 38.51 -3.67
CA VAL D 253 14.30 38.96 -2.31
C VAL D 253 15.71 38.57 -1.86
N GLY D 254 16.59 39.56 -1.97
CA GLY D 254 17.98 39.41 -1.57
C GLY D 254 18.39 40.78 -1.06
N TYR D 255 19.68 41.00 -0.88
CA TYR D 255 20.15 42.29 -0.40
C TYR D 255 20.41 43.19 -1.62
N SER D 256 20.41 42.56 -2.79
CA SER D 256 20.65 43.21 -4.08
C SER D 256 22.10 43.68 -4.19
N GLN D 257 22.98 42.98 -3.48
CA GLN D 257 24.39 43.31 -3.48
C GLN D 257 25.19 42.04 -3.32
N ALA D 258 25.86 41.63 -4.39
CA ALA D 258 26.66 40.41 -4.39
C ALA D 258 27.95 40.55 -3.57
N ARG D 259 28.36 39.46 -2.94
CA ARG D 259 29.58 39.44 -2.13
C ARG D 259 30.27 38.10 -2.34
N SER D 260 31.60 38.10 -2.33
CA SER D 260 32.37 36.88 -2.54
C SER D 260 32.50 36.06 -1.27
N TYR D 261 32.73 34.76 -1.42
CA TYR D 261 32.90 33.91 -0.26
C TYR D 261 34.10 34.38 0.55
N ASN D 262 34.99 35.12 -0.10
CA ASN D 262 36.17 35.63 0.58
C ASN D 262 35.80 36.74 1.54
N GLU D 263 34.87 37.59 1.13
CA GLU D 263 34.43 38.68 1.97
C GLU D 263 33.81 38.15 3.25
N ILE D 264 33.28 36.93 3.19
CA ILE D 264 32.70 36.31 4.37
C ILE D 264 33.88 35.97 5.26
N VAL D 265 34.82 35.22 4.70
CA VAL D 265 36.03 34.81 5.41
C VAL D 265 36.68 36.04 6.05
N SER D 266 36.66 37.14 5.31
CA SER D 266 37.21 38.39 5.77
C SER D 266 36.40 38.89 6.98
N ILE D 267 35.13 39.25 6.74
CA ILE D 267 34.26 39.75 7.82
C ILE D 267 34.29 38.78 9.00
N LEU D 268 34.62 37.53 8.70
CA LEU D 268 34.67 36.48 9.71
C LEU D 268 35.95 36.59 10.54
N LYS D 269 37.07 36.80 9.87
CA LYS D 269 38.36 36.94 10.56
C LYS D 269 38.31 38.18 11.46
N GLU D 270 37.67 39.23 10.92
CA GLU D 270 37.51 40.48 11.62
C GLU D 270 36.78 40.27 12.97
N HIS D 271 36.27 39.06 13.17
CA HIS D 271 35.55 38.72 14.39
C HIS D 271 36.25 37.57 15.10
N LEU D 272 36.27 36.42 14.45
CA LEU D 272 36.88 35.20 15.00
C LEU D 272 38.41 35.21 14.95
N GLY D 273 39.00 36.35 14.63
CA GLY D 273 40.45 36.39 14.55
C GLY D 273 40.87 35.71 13.26
N ASP D 274 42.14 35.33 13.14
CA ASP D 274 42.62 34.69 11.93
C ASP D 274 42.44 33.17 11.94
N PHE D 275 42.47 32.56 10.76
CA PHE D 275 42.33 31.11 10.59
C PHE D 275 42.87 30.68 9.22
N LYS D 276 43.06 29.37 9.01
CA LYS D 276 43.59 28.91 7.75
C LYS D 276 42.58 29.01 6.62
N VAL D 277 43.07 29.34 5.43
CA VAL D 277 42.23 29.49 4.25
C VAL D 277 42.66 28.54 3.13
N THR D 278 42.44 27.25 3.36
CA THR D 278 42.79 26.22 2.39
C THR D 278 41.79 26.18 1.25
N TYR D 279 42.28 26.07 0.02
CA TYR D 279 41.41 26.02 -1.15
C TYR D 279 41.25 24.61 -1.71
N ILE D 280 40.82 24.55 -2.95
CA ILE D 280 40.62 23.29 -3.66
C ILE D 280 40.15 23.65 -5.05
N LYS D 281 40.52 22.83 -6.02
CA LYS D 281 40.11 23.09 -7.38
C LYS D 281 39.25 21.97 -7.97
N ASN D 282 38.55 22.37 -9.05
CA ASN D 282 37.62 21.54 -9.84
C ASN D 282 36.65 22.43 -10.64
N PHE D 286 32.67 28.44 -16.92
CA PHE D 286 32.14 27.09 -16.81
C PHE D 286 31.67 26.78 -15.40
N PHE D 287 32.59 26.42 -14.51
CA PHE D 287 32.23 26.14 -13.13
C PHE D 287 31.73 27.42 -12.45
N GLN D 288 31.15 28.35 -13.23
CA GLN D 288 30.72 29.65 -12.68
C GLN D 288 29.25 30.03 -12.55
N LYS D 289 28.98 30.80 -11.47
CA LYS D 289 27.65 31.33 -11.14
C LYS D 289 27.85 32.70 -10.46
N HIS D 290 26.89 33.59 -10.66
CA HIS D 290 26.97 34.93 -10.08
C HIS D 290 25.55 35.46 -9.89
N THR D 291 25.14 35.65 -8.64
CA THR D 291 23.80 36.16 -8.39
C THR D 291 23.77 37.52 -7.71
N GLN D 292 22.79 38.31 -8.08
CA GLN D 292 22.59 39.61 -7.48
C GLN D 292 21.14 40.02 -7.78
N ALA D 293 20.34 40.01 -6.73
CA ALA D 293 18.94 40.31 -6.86
C ALA D 293 18.59 41.67 -7.37
N HIS D 294 17.80 41.72 -8.44
CA HIS D 294 17.29 43.00 -8.93
C HIS D 294 16.07 43.12 -8.01
N ILE D 295 16.14 44.06 -7.08
CA ILE D 295 15.11 44.22 -6.06
C ILE D 295 14.10 45.35 -6.25
N GLU D 296 14.22 46.10 -7.33
CA GLU D 296 13.36 47.24 -7.58
C GLU D 296 11.84 47.07 -7.40
N PRO D 297 11.26 46.11 -8.12
CA PRO D 297 9.81 45.84 -8.06
C PRO D 297 9.33 45.43 -6.66
N THR D 298 10.19 44.72 -5.94
CA THR D 298 9.92 44.26 -4.59
C THR D 298 9.76 45.49 -3.70
N ILE D 299 10.71 46.41 -3.81
CA ILE D 299 10.68 47.64 -3.04
C ILE D 299 9.41 48.38 -3.44
N LEU D 300 9.27 48.56 -4.75
CA LEU D 300 8.13 49.27 -5.31
C LEU D 300 6.80 48.72 -4.82
N ASP D 301 6.62 47.41 -4.94
CA ASP D 301 5.36 46.77 -4.56
C ASP D 301 5.15 46.37 -3.11
N LEU D 302 6.21 45.91 -2.46
CA LEU D 302 6.09 45.45 -1.08
C LEU D 302 6.68 46.37 -0.03
N ASP D 303 7.27 47.48 -0.45
CA ASP D 303 7.87 48.42 0.49
C ASP D 303 9.10 47.73 1.13
N TYR D 304 9.57 46.68 0.48
CA TYR D 304 10.73 45.97 0.95
C TYR D 304 11.91 46.91 0.93
N THR D 305 12.72 46.84 1.97
CA THR D 305 13.93 47.66 2.10
C THR D 305 14.87 46.87 2.99
N PRO D 306 15.76 46.10 2.39
CA PRO D 306 16.71 45.29 3.16
C PRO D 306 17.70 46.09 4.00
N LEU D 307 17.96 45.59 5.20
CA LEU D 307 18.92 46.20 6.13
C LEU D 307 19.94 45.05 6.10
N TYR D 308 20.87 44.99 7.04
CA TYR D 308 21.82 43.85 7.04
C TYR D 308 22.63 43.54 5.77
N ASP D 309 23.81 44.11 5.66
CA ASP D 309 24.66 43.76 4.54
C ASP D 309 25.38 42.54 5.06
N LEU D 310 26.30 41.96 4.29
CA LEU D 310 27.00 40.78 4.77
C LEU D 310 27.60 41.03 6.15
N GLU D 311 28.02 42.26 6.39
CA GLU D 311 28.62 42.64 7.66
C GLU D 311 27.63 42.64 8.81
N SER D 312 26.58 43.44 8.67
CA SER D 312 25.55 43.54 9.71
C SER D 312 24.97 42.14 9.93
N GLY D 313 24.91 41.37 8.85
CA GLY D 313 24.38 40.03 8.91
C GLY D 313 25.28 39.12 9.70
N ILE D 314 26.51 38.92 9.23
CA ILE D 314 27.47 38.06 9.93
C ILE D 314 27.61 38.50 11.38
N LYS D 315 27.54 39.80 11.63
CA LYS D 315 27.67 40.30 12.99
C LYS D 315 26.54 39.74 13.85
N ASP D 316 25.30 40.05 13.49
CA ASP D 316 24.13 39.61 14.23
C ASP D 316 23.99 38.09 14.38
N TYR D 317 24.43 37.37 13.36
CA TYR D 317 24.34 35.93 13.33
C TYR D 317 25.36 35.27 14.23
N LEU D 318 26.59 35.74 14.14
CA LEU D 318 27.74 35.19 14.88
C LEU D 318 27.57 34.78 16.35
N PRO D 319 26.78 35.54 17.13
CA PRO D 319 26.61 35.12 18.53
C PRO D 319 26.01 33.72 18.62
N HIS D 320 24.98 33.47 17.81
CA HIS D 320 24.29 32.19 17.79
C HIS D 320 25.22 31.08 17.34
N ILE D 321 26.04 31.39 16.34
CA ILE D 321 27.00 30.42 15.81
C ILE D 321 27.97 29.98 16.91
N HIS D 322 28.14 30.85 17.91
CA HIS D 322 29.01 30.54 19.02
C HIS D 322 28.44 29.44 19.88
N ALA D 323 27.14 29.21 19.78
CA ALA D 323 26.52 28.13 20.55
C ALA D 323 27.06 26.82 20.01
N ILE D 324 28.19 26.39 20.58
CA ILE D 324 28.85 25.14 20.22
C ILE D 324 28.92 24.24 21.48
N MET E 1 -15.69 -21.62 -38.88
CA MET E 1 -16.95 -22.37 -39.12
C MET E 1 -18.00 -22.09 -38.04
N ARG E 2 -19.12 -21.47 -38.43
CA ARG E 2 -20.19 -21.15 -37.49
C ARG E 2 -20.68 -22.38 -36.76
N TYR E 3 -20.89 -22.23 -35.45
CA TYR E 3 -21.38 -23.33 -34.64
C TYR E 3 -22.82 -23.08 -34.24
N ILE E 4 -23.33 -21.91 -34.61
CA ILE E 4 -24.72 -21.54 -34.38
C ILE E 4 -25.09 -20.58 -35.50
N ASP E 5 -26.29 -20.73 -36.04
CA ASP E 5 -26.69 -19.87 -37.13
C ASP E 5 -27.27 -18.57 -36.63
N ASP E 6 -26.63 -18.01 -35.61
CA ASP E 6 -27.05 -16.74 -35.08
C ASP E 6 -26.03 -15.71 -35.58
N GLU E 7 -26.52 -14.54 -35.95
CA GLU E 7 -25.67 -13.48 -36.47
C GLU E 7 -24.88 -12.79 -35.37
N LEU E 8 -25.46 -12.77 -34.16
CA LEU E 8 -24.86 -12.11 -33.01
C LEU E 8 -24.67 -10.65 -33.42
N GLU E 9 -25.54 -10.18 -34.30
CA GLU E 9 -25.46 -8.85 -34.86
C GLU E 9 -25.00 -7.68 -33.97
N ASN E 10 -25.75 -7.31 -32.95
CA ASN E 10 -25.33 -6.17 -32.14
C ASN E 10 -24.94 -6.55 -30.73
N GLN E 11 -24.45 -7.77 -30.61
CA GLN E 11 -24.06 -8.31 -29.32
C GLN E 11 -22.63 -7.97 -28.93
N THR E 12 -22.42 -7.74 -27.64
CA THR E 12 -21.09 -7.45 -27.15
C THR E 12 -20.65 -8.67 -26.36
N ILE E 13 -19.51 -9.24 -26.76
CA ILE E 13 -18.97 -10.42 -26.14
C ILE E 13 -17.72 -10.13 -25.34
N LEU E 14 -17.77 -10.44 -24.06
CA LEU E 14 -16.64 -10.20 -23.18
C LEU E 14 -15.92 -11.50 -22.86
N ILE E 15 -14.64 -11.56 -23.21
CA ILE E 15 -13.83 -12.74 -22.97
C ILE E 15 -12.68 -12.39 -22.03
N THR E 16 -12.72 -12.93 -20.82
CA THR E 16 -11.67 -12.68 -19.84
C THR E 16 -10.61 -13.73 -20.09
N GLY E 17 -9.34 -13.41 -19.80
CA GLY E 17 -8.26 -14.32 -20.04
C GLY E 17 -8.10 -14.41 -21.55
N GLY E 18 -8.50 -13.33 -22.23
CA GLY E 18 -8.45 -13.26 -23.69
C GLY E 18 -7.06 -13.25 -24.30
N ALA E 19 -6.04 -13.01 -23.50
CA ALA E 19 -4.69 -13.03 -24.03
C ALA E 19 -4.10 -14.43 -23.84
N GLY E 20 -4.90 -15.33 -23.29
CA GLY E 20 -4.46 -16.70 -23.05
C GLY E 20 -4.89 -17.65 -24.15
N PHE E 21 -4.59 -18.94 -23.97
CA PHE E 21 -4.87 -19.99 -24.96
C PHE E 21 -6.29 -20.03 -25.48
N VAL E 22 -7.24 -20.60 -24.72
CA VAL E 22 -8.62 -20.69 -25.21
C VAL E 22 -9.31 -19.34 -25.43
N GLY E 23 -9.05 -18.38 -24.55
CA GLY E 23 -9.65 -17.06 -24.66
C GLY E 23 -9.32 -16.39 -25.98
N SER E 24 -8.05 -16.40 -26.36
CA SER E 24 -7.65 -15.79 -27.62
C SER E 24 -8.24 -16.54 -28.81
N ASN E 25 -8.21 -17.87 -28.79
CA ASN E 25 -8.77 -18.66 -29.89
C ASN E 25 -10.25 -18.33 -30.05
N LEU E 26 -10.94 -18.26 -28.91
CA LEU E 26 -12.35 -17.98 -28.89
C LEU E 26 -12.65 -16.59 -29.47
N ALA E 27 -11.84 -15.62 -29.07
CA ALA E 27 -12.00 -14.26 -29.56
C ALA E 27 -11.90 -14.21 -31.08
N PHE E 28 -10.98 -15.00 -31.62
CA PHE E 28 -10.76 -15.05 -33.07
C PHE E 28 -11.91 -15.74 -33.78
N HIS E 29 -12.44 -16.78 -33.16
CA HIS E 29 -13.56 -17.48 -33.76
C HIS E 29 -14.70 -16.49 -34.02
N PHE E 30 -15.10 -15.77 -32.98
CA PHE E 30 -16.16 -14.79 -33.12
C PHE E 30 -15.80 -13.73 -34.15
N GLN E 31 -14.53 -13.33 -34.16
CA GLN E 31 -14.06 -12.33 -35.08
C GLN E 31 -14.33 -12.75 -36.51
N GLU E 32 -13.93 -13.98 -36.81
CA GLU E 32 -14.07 -14.54 -38.15
C GLU E 32 -15.47 -15.07 -38.49
N ASN E 33 -16.13 -15.69 -37.52
CA ASN E 33 -17.44 -16.27 -37.78
C ASN E 33 -18.66 -15.40 -37.49
N HIS E 34 -18.54 -14.46 -36.57
CA HIS E 34 -19.66 -13.57 -36.27
C HIS E 34 -19.11 -12.16 -36.23
N PRO E 35 -18.67 -11.68 -37.40
CA PRO E 35 -18.10 -10.36 -37.61
C PRO E 35 -19.00 -9.20 -37.16
N LYS E 36 -20.28 -9.48 -36.98
CA LYS E 36 -21.20 -8.43 -36.54
C LYS E 36 -21.14 -8.18 -35.01
N ALA E 37 -20.75 -9.22 -34.26
CA ALA E 37 -20.65 -9.14 -32.81
C ALA E 37 -19.43 -8.32 -32.39
N LYS E 38 -19.53 -7.64 -31.24
CA LYS E 38 -18.43 -6.84 -30.70
C LYS E 38 -17.64 -7.75 -29.78
N VAL E 39 -16.39 -8.02 -30.13
CA VAL E 39 -15.59 -8.89 -29.30
C VAL E 39 -14.59 -8.09 -28.48
N VAL E 40 -14.79 -8.05 -27.16
CA VAL E 40 -13.87 -7.33 -26.29
C VAL E 40 -13.13 -8.31 -25.38
N VAL E 41 -11.82 -8.33 -25.54
CA VAL E 41 -10.94 -9.21 -24.78
C VAL E 41 -10.35 -8.51 -23.53
N LEU E 42 -10.40 -9.19 -22.39
CA LEU E 42 -9.87 -8.62 -21.15
C LEU E 42 -8.77 -9.49 -20.61
N ASP E 43 -7.68 -8.88 -20.15
CA ASP E 43 -6.58 -9.65 -19.60
C ASP E 43 -5.57 -8.83 -18.78
N LYS E 44 -4.96 -9.48 -17.79
CA LYS E 44 -3.96 -8.86 -16.92
C LYS E 44 -2.71 -8.68 -17.77
N PHE E 45 -2.43 -9.68 -18.61
CA PHE E 45 -1.31 -9.67 -19.55
C PHE E 45 0.11 -10.08 -19.15
N ARG E 46 0.28 -11.27 -18.60
CA ARG E 46 1.62 -11.74 -18.28
C ARG E 46 2.39 -10.91 -17.27
N SER E 47 2.43 -11.42 -16.04
CA SER E 47 3.12 -10.75 -14.96
C SER E 47 4.38 -11.55 -14.58
N ASN E 48 5.54 -11.08 -15.05
CA ASN E 48 6.83 -11.71 -14.77
C ASN E 48 7.99 -10.76 -15.02
N PRO E 56 5.28 -17.85 -14.36
CA PRO E 56 4.52 -17.64 -13.14
C PRO E 56 3.26 -16.76 -13.30
N SER E 57 2.31 -16.96 -12.38
CA SER E 57 1.05 -16.22 -12.35
C SER E 57 0.24 -16.23 -13.64
N SER E 58 0.06 -15.05 -14.26
CA SER E 58 -0.71 -14.95 -15.49
C SER E 58 0.14 -15.16 -16.73
N LEU E 59 -0.18 -16.19 -17.52
CA LEU E 59 0.60 -16.43 -18.71
C LEU E 59 -0.09 -16.03 -19.99
N GLY E 60 -0.74 -14.87 -19.97
CA GLY E 60 -1.39 -14.34 -21.16
C GLY E 60 -0.28 -13.68 -21.99
N HIS E 61 -0.48 -13.53 -23.30
CA HIS E 61 0.59 -12.95 -24.11
C HIS E 61 0.04 -12.33 -25.39
N PHE E 62 0.40 -11.07 -25.65
CA PHE E 62 -0.10 -10.37 -26.81
C PHE E 62 0.11 -11.11 -28.10
N LYS E 63 1.10 -12.00 -28.16
CA LYS E 63 1.36 -12.74 -29.38
C LYS E 63 0.15 -13.55 -29.79
N ASN E 64 -0.65 -13.97 -28.80
CA ASN E 64 -1.85 -14.75 -29.06
C ASN E 64 -3.00 -13.91 -29.64
N LEU E 65 -2.79 -12.60 -29.76
CA LEU E 65 -3.84 -11.71 -30.27
C LEU E 65 -3.34 -10.95 -31.49
N ILE E 66 -2.25 -11.42 -32.07
CA ILE E 66 -1.66 -10.73 -33.20
C ILE E 66 -2.59 -10.29 -34.31
N GLY E 67 -3.59 -11.07 -34.69
CA GLY E 67 -4.47 -10.60 -35.76
C GLY E 67 -5.83 -10.09 -35.28
N PHE E 68 -5.94 -9.74 -33.99
CA PHE E 68 -7.19 -9.29 -33.43
C PHE E 68 -7.57 -7.84 -33.79
N LYS E 69 -8.73 -7.67 -34.42
CA LYS E 69 -9.22 -6.35 -34.82
C LYS E 69 -10.25 -5.78 -33.82
N GLY E 70 -10.67 -6.57 -32.81
CA GLY E 70 -11.62 -6.09 -31.81
C GLY E 70 -10.95 -5.16 -30.79
N GLU E 71 -11.45 -5.12 -29.55
CA GLU E 71 -10.80 -4.25 -28.56
C GLU E 71 -10.35 -4.98 -27.30
N VAL E 72 -9.39 -4.37 -26.62
CA VAL E 72 -8.79 -4.94 -25.42
C VAL E 72 -9.06 -4.13 -24.16
N ILE E 73 -8.98 -4.82 -23.03
CA ILE E 73 -9.14 -4.18 -21.74
C ILE E 73 -8.05 -4.76 -20.85
N ALA E 74 -7.09 -3.91 -20.53
CA ALA E 74 -5.99 -4.30 -19.68
C ALA E 74 -6.52 -4.21 -18.25
N ALA E 75 -6.82 -5.35 -17.66
CA ALA E 75 -7.35 -5.36 -16.31
C ALA E 75 -6.99 -6.61 -15.51
N ASP E 76 -7.03 -6.47 -14.19
CA ASP E 76 -6.77 -7.57 -13.29
C ASP E 76 -8.10 -7.78 -12.56
N ILE E 77 -8.72 -8.93 -12.79
CA ILE E 77 -10.03 -9.24 -12.20
C ILE E 77 -10.10 -9.17 -10.66
N ASN E 78 -8.93 -9.11 -10.03
CA ASN E 78 -8.86 -9.05 -8.58
C ASN E 78 -8.81 -7.60 -8.10
N ASN E 79 -8.57 -6.68 -9.04
CA ASN E 79 -8.45 -5.27 -8.75
C ASN E 79 -9.82 -4.60 -8.74
N PRO E 80 -10.31 -4.20 -7.57
CA PRO E 80 -11.63 -3.55 -7.43
C PRO E 80 -11.85 -2.40 -8.40
N LEU E 81 -10.82 -1.57 -8.58
CA LEU E 81 -10.91 -0.42 -9.46
C LEU E 81 -11.17 -0.88 -10.88
N ASP E 82 -10.45 -1.91 -11.32
CA ASP E 82 -10.63 -2.42 -12.67
C ASP E 82 -12.02 -3.01 -12.85
N LEU E 83 -12.49 -3.73 -11.84
CA LEU E 83 -13.79 -4.35 -11.91
C LEU E 83 -14.89 -3.29 -11.92
N ARG E 84 -14.67 -2.22 -11.16
CA ARG E 84 -15.64 -1.14 -11.05
C ARG E 84 -15.76 -0.42 -12.38
N ARG E 85 -14.63 -0.33 -13.07
CA ARG E 85 -14.55 0.35 -14.36
C ARG E 85 -15.20 -0.53 -15.43
N LEU E 86 -15.11 -1.84 -15.21
CA LEU E 86 -15.66 -2.83 -16.11
C LEU E 86 -17.17 -2.76 -16.16
N GLU E 87 -17.76 -2.23 -15.09
CA GLU E 87 -19.21 -2.11 -15.02
C GLU E 87 -19.71 -1.06 -16.01
N LYS E 88 -18.82 -0.20 -16.47
CA LYS E 88 -19.19 0.84 -17.45
C LYS E 88 -19.50 0.17 -18.78
N LEU E 89 -18.85 -0.97 -19.03
CA LEU E 89 -19.03 -1.70 -20.28
C LEU E 89 -20.31 -2.47 -20.32
N HIS E 90 -21.07 -2.30 -21.39
CA HIS E 90 -22.32 -3.04 -21.54
C HIS E 90 -22.02 -4.26 -22.42
N PHE E 91 -22.09 -5.45 -21.85
CA PHE E 91 -21.83 -6.67 -22.62
C PHE E 91 -23.00 -7.63 -22.49
N ASP E 92 -23.22 -8.41 -23.56
CA ASP E 92 -24.32 -9.36 -23.61
C ASP E 92 -23.91 -10.76 -23.16
N TYR E 93 -22.63 -11.09 -23.35
CA TYR E 93 -22.14 -12.39 -22.94
C TYR E 93 -20.80 -12.27 -22.25
N LEU E 94 -20.54 -13.18 -21.33
CA LEU E 94 -19.27 -13.20 -20.63
C LEU E 94 -18.73 -14.61 -20.69
N PHE E 95 -17.57 -14.76 -21.31
CA PHE E 95 -16.91 -16.06 -21.39
C PHE E 95 -15.74 -15.92 -20.42
N HIS E 96 -15.91 -16.45 -19.22
CA HIS E 96 -14.86 -16.32 -18.24
C HIS E 96 -13.76 -17.41 -18.38
N GLN E 97 -12.68 -17.05 -19.07
CA GLN E 97 -11.57 -17.97 -19.28
C GLN E 97 -10.37 -17.66 -18.41
N ALA E 98 -10.35 -16.49 -17.77
CA ALA E 98 -9.22 -16.05 -16.93
C ALA E 98 -9.07 -16.82 -15.63
N ALA E 99 -7.87 -17.34 -15.42
CA ALA E 99 -7.57 -18.10 -14.21
C ALA E 99 -6.06 -18.16 -14.02
N VAL E 100 -5.63 -18.81 -12.94
CA VAL E 100 -4.20 -18.92 -12.63
C VAL E 100 -3.50 -20.15 -13.22
N SER E 101 -2.24 -19.94 -13.64
CA SER E 101 -1.42 -21.00 -14.21
C SER E 101 -1.02 -22.02 -13.14
N ASP E 102 -1.45 -23.26 -13.33
CA ASP E 102 -1.15 -24.34 -12.39
C ASP E 102 0.35 -24.46 -12.15
N THR E 103 1.15 -23.97 -13.11
CA THR E 103 2.60 -24.05 -12.99
C THR E 103 3.10 -23.55 -11.63
N THR E 104 2.86 -22.27 -11.33
CA THR E 104 3.31 -21.69 -10.07
C THR E 104 2.19 -21.62 -9.02
N MET E 105 1.18 -22.48 -9.14
CA MET E 105 0.09 -22.43 -8.16
C MET E 105 0.62 -22.93 -6.81
N LEU E 106 1.34 -22.02 -6.17
CA LEU E 106 1.97 -22.24 -4.89
C LEU E 106 0.97 -21.99 -3.75
N ASN E 107 0.74 -20.70 -3.46
CA ASN E 107 -0.16 -20.31 -2.39
C ASN E 107 -1.61 -20.71 -2.62
N GLN E 108 -2.18 -21.41 -1.64
CA GLN E 108 -3.54 -21.89 -1.72
C GLN E 108 -4.58 -20.76 -1.64
N GLU E 109 -4.32 -19.77 -0.79
CA GLU E 109 -5.24 -18.65 -0.63
C GLU E 109 -5.39 -17.83 -1.91
N LEU E 110 -4.27 -17.62 -2.60
CA LEU E 110 -4.27 -16.84 -3.83
C LEU E 110 -4.95 -17.50 -5.01
N VAL E 111 -4.84 -18.82 -5.10
CA VAL E 111 -5.50 -19.50 -6.21
C VAL E 111 -7.01 -19.30 -6.05
N MET E 112 -7.48 -19.41 -4.81
CA MET E 112 -8.90 -19.24 -4.52
C MET E 112 -9.37 -17.82 -4.82
N LYS E 113 -8.51 -16.83 -4.50
CA LYS E 113 -8.85 -15.42 -4.73
C LYS E 113 -9.14 -15.18 -6.20
N THR E 114 -8.15 -15.42 -7.05
CA THR E 114 -8.36 -15.17 -8.45
C THR E 114 -9.20 -16.20 -9.21
N ASN E 115 -9.19 -17.47 -8.81
CA ASN E 115 -9.98 -18.47 -9.52
C ASN E 115 -11.41 -18.57 -9.04
N TYR E 116 -11.68 -18.18 -7.80
CA TYR E 116 -13.04 -18.30 -7.29
C TYR E 116 -13.66 -16.98 -6.83
N GLN E 117 -12.97 -16.30 -5.92
CA GLN E 117 -13.44 -15.03 -5.40
C GLN E 117 -13.68 -14.04 -6.53
N ALA E 118 -12.67 -13.89 -7.37
CA ALA E 118 -12.75 -12.97 -8.50
C ALA E 118 -13.90 -13.36 -9.40
N PHE E 119 -14.12 -14.66 -9.51
CA PHE E 119 -15.20 -15.21 -10.36
C PHE E 119 -16.57 -14.78 -9.88
N LEU E 120 -16.81 -14.92 -8.58
CA LEU E 120 -18.08 -14.56 -7.98
C LEU E 120 -18.47 -13.11 -8.26
N ASN E 121 -17.46 -12.25 -8.27
CA ASN E 121 -17.66 -10.84 -8.54
C ASN E 121 -18.10 -10.61 -9.97
N LEU E 122 -17.51 -11.36 -10.89
CA LEU E 122 -17.88 -11.24 -12.30
C LEU E 122 -19.30 -11.79 -12.47
N LEU E 123 -19.65 -12.79 -11.68
CA LEU E 123 -20.97 -13.37 -11.73
C LEU E 123 -21.97 -12.28 -11.37
N GLU E 124 -21.66 -11.56 -10.30
CA GLU E 124 -22.51 -10.47 -9.80
C GLU E 124 -22.71 -9.37 -10.85
N ILE E 125 -21.61 -9.00 -11.51
CA ILE E 125 -21.68 -7.97 -12.51
C ILE E 125 -22.47 -8.48 -13.71
N ALA E 126 -22.22 -9.71 -14.14
CA ALA E 126 -22.94 -10.25 -15.27
C ALA E 126 -24.44 -10.33 -14.97
N ARG E 127 -24.78 -10.80 -13.77
CA ARG E 127 -26.18 -10.93 -13.38
C ARG E 127 -26.91 -9.59 -13.42
N SER E 128 -26.27 -8.54 -12.92
CA SER E 128 -26.88 -7.22 -12.92
C SER E 128 -27.09 -6.73 -14.35
N LYS E 129 -26.14 -7.05 -15.22
CA LYS E 129 -26.24 -6.67 -16.62
C LYS E 129 -27.03 -7.70 -17.39
N LYS E 130 -27.57 -8.68 -16.67
CA LYS E 130 -28.38 -9.73 -17.30
C LYS E 130 -27.65 -10.27 -18.53
N ALA E 131 -26.36 -10.49 -18.40
CA ALA E 131 -25.56 -11.01 -19.50
C ALA E 131 -25.33 -12.49 -19.21
N LYS E 132 -25.56 -13.34 -20.20
CA LYS E 132 -25.35 -14.77 -20.03
C LYS E 132 -23.88 -15.05 -19.70
N VAL E 133 -23.64 -16.03 -18.85
CA VAL E 133 -22.28 -16.38 -18.43
C VAL E 133 -21.89 -17.78 -18.87
N ILE E 134 -20.71 -17.89 -19.47
CA ILE E 134 -20.17 -19.19 -19.88
C ILE E 134 -18.76 -19.19 -19.31
N TYR E 135 -18.47 -20.10 -18.40
CA TYR E 135 -17.14 -20.11 -17.81
C TYR E 135 -16.40 -21.43 -17.93
N ALA E 136 -15.09 -21.32 -17.80
CA ALA E 136 -14.21 -22.48 -17.92
C ALA E 136 -13.97 -23.13 -16.58
N SER E 137 -14.30 -24.40 -16.48
CA SER E 137 -14.05 -25.14 -15.26
C SER E 137 -12.88 -26.05 -15.62
N SER E 138 -12.79 -27.21 -15.00
CA SER E 138 -11.69 -28.08 -15.31
C SER E 138 -12.02 -29.53 -14.98
N ALA E 139 -11.32 -30.45 -15.67
CA ALA E 139 -11.50 -31.88 -15.44
C ALA E 139 -10.72 -32.19 -14.17
N GLY E 140 -10.03 -31.17 -13.66
CA GLY E 140 -9.26 -31.31 -12.44
C GLY E 140 -10.15 -31.53 -11.23
N VAL E 141 -11.44 -31.22 -11.37
CA VAL E 141 -12.38 -31.38 -10.27
C VAL E 141 -12.54 -32.85 -9.88
N TYR E 142 -12.14 -33.74 -10.78
CA TYR E 142 -12.25 -35.18 -10.55
C TYR E 142 -11.06 -35.78 -9.81
N GLY E 143 -9.94 -35.08 -9.78
CA GLY E 143 -8.79 -35.60 -9.09
C GLY E 143 -8.50 -36.98 -9.66
N ASN E 144 -7.96 -37.88 -8.85
CA ASN E 144 -7.63 -39.24 -9.31
C ASN E 144 -8.78 -40.22 -9.10
N THR E 145 -9.91 -39.98 -9.72
CA THR E 145 -11.02 -40.91 -9.57
C THR E 145 -11.22 -41.75 -10.82
N LYS E 146 -11.96 -42.84 -10.68
CA LYS E 146 -12.22 -43.73 -11.81
C LYS E 146 -12.86 -43.02 -12.97
N ALA E 147 -12.37 -43.33 -14.17
CA ALA E 147 -12.93 -42.77 -15.39
C ALA E 147 -13.99 -43.81 -15.83
N PRO E 148 -14.97 -43.40 -16.66
CA PRO E 148 -15.16 -42.05 -17.20
C PRO E 148 -15.51 -41.07 -16.10
N ASN E 149 -15.25 -39.79 -16.36
CA ASN E 149 -15.51 -38.76 -15.38
C ASN E 149 -16.87 -38.13 -15.66
N VAL E 150 -17.78 -38.34 -14.71
CA VAL E 150 -19.14 -37.85 -14.80
C VAL E 150 -19.38 -36.70 -13.85
N VAL E 151 -19.98 -35.64 -14.37
CA VAL E 151 -20.27 -34.46 -13.58
C VAL E 151 -21.27 -34.89 -12.52
N GLY E 152 -20.98 -34.53 -11.28
CA GLY E 152 -21.85 -34.90 -10.18
C GLY E 152 -21.33 -36.10 -9.39
N LYS E 153 -20.35 -36.80 -9.96
CA LYS E 153 -19.79 -37.97 -9.32
C LYS E 153 -18.28 -37.92 -9.21
N ASN E 154 -17.80 -38.41 -8.07
CA ASN E 154 -16.39 -38.50 -7.79
C ASN E 154 -15.53 -37.28 -8.07
N GLU E 155 -16.05 -36.10 -7.74
CA GLU E 155 -15.25 -34.91 -7.94
C GLU E 155 -14.45 -34.67 -6.67
N SER E 156 -13.28 -35.30 -6.64
CA SER E 156 -12.34 -35.21 -5.54
C SER E 156 -11.03 -34.58 -6.01
N PRO E 157 -10.99 -33.24 -6.04
CA PRO E 157 -9.79 -32.54 -6.47
C PRO E 157 -8.59 -33.01 -5.69
N GLU E 158 -7.41 -32.88 -6.28
CA GLU E 158 -6.19 -33.27 -5.60
C GLU E 158 -5.34 -32.05 -5.33
N ASN E 159 -5.66 -30.92 -5.97
CA ASN E 159 -4.91 -29.67 -5.79
C ASN E 159 -5.88 -28.50 -5.66
N VAL E 160 -5.37 -27.36 -5.18
CA VAL E 160 -6.22 -26.19 -5.00
C VAL E 160 -6.89 -25.79 -6.30
N TYR E 161 -6.08 -25.71 -7.35
CA TYR E 161 -6.58 -25.33 -8.65
C TYR E 161 -7.83 -26.14 -9.02
N GLY E 162 -7.76 -27.46 -8.86
CA GLY E 162 -8.91 -28.27 -9.18
C GLY E 162 -10.11 -27.97 -8.28
N PHE E 163 -9.80 -27.78 -7.00
CA PHE E 163 -10.83 -27.46 -6.00
C PHE E 163 -11.51 -26.13 -6.32
N SER E 164 -10.69 -25.11 -6.59
CA SER E 164 -11.19 -23.78 -6.95
C SER E 164 -12.24 -23.89 -8.06
N LYS E 165 -11.92 -24.68 -9.09
CA LYS E 165 -12.84 -24.88 -10.21
C LYS E 165 -14.13 -25.56 -9.74
N LEU E 166 -13.99 -26.48 -8.80
CA LEU E 166 -15.14 -27.21 -8.28
C LEU E 166 -16.06 -26.23 -7.55
N CYS E 167 -15.46 -25.31 -6.80
CA CYS E 167 -16.21 -24.30 -6.06
C CYS E 167 -17.04 -23.45 -7.01
N MET E 168 -16.47 -23.16 -8.17
CA MET E 168 -17.17 -22.34 -9.15
C MET E 168 -18.44 -23.05 -9.54
N ASP E 169 -18.32 -24.35 -9.82
CA ASP E 169 -19.47 -25.14 -10.22
C ASP E 169 -20.48 -25.32 -9.08
N GLU E 170 -20.00 -25.65 -7.89
CA GLU E 170 -20.88 -25.85 -6.74
C GLU E 170 -21.67 -24.58 -6.45
N PHE E 171 -21.11 -23.45 -6.86
CA PHE E 171 -21.77 -22.16 -6.65
C PHE E 171 -22.87 -21.91 -7.69
N VAL E 172 -22.54 -22.04 -8.97
CA VAL E 172 -23.55 -21.80 -9.99
C VAL E 172 -24.68 -22.81 -9.86
N LEU E 173 -24.36 -24.01 -9.38
CA LEU E 173 -25.40 -25.02 -9.21
C LEU E 173 -26.36 -24.60 -8.09
N SER E 174 -25.79 -24.01 -7.02
CA SER E 174 -26.57 -23.52 -5.88
C SER E 174 -27.37 -22.29 -6.32
N HIS E 175 -26.87 -21.56 -7.33
CA HIS E 175 -27.52 -20.35 -7.85
C HIS E 175 -27.89 -20.50 -9.32
N SER E 176 -28.40 -21.67 -9.68
CA SER E 176 -28.77 -21.96 -11.05
C SER E 176 -29.84 -21.06 -11.66
N ASN E 177 -30.53 -20.28 -10.84
CA ASN E 177 -31.58 -19.40 -11.36
C ASN E 177 -31.31 -17.92 -11.24
N ASP E 178 -30.13 -17.56 -10.75
CA ASP E 178 -29.76 -16.17 -10.60
C ASP E 178 -29.58 -15.55 -11.98
N ASN E 179 -29.10 -16.38 -12.90
CA ASN E 179 -28.83 -15.97 -14.28
C ASN E 179 -28.50 -17.27 -15.00
N VAL E 180 -28.36 -17.22 -16.33
CA VAL E 180 -28.01 -18.43 -17.09
C VAL E 180 -26.49 -18.53 -17.04
N GLN E 181 -25.98 -19.44 -16.22
CA GLN E 181 -24.54 -19.61 -16.06
C GLN E 181 -24.16 -21.04 -16.44
N VAL E 182 -23.28 -21.17 -17.44
CA VAL E 182 -22.85 -22.48 -17.94
C VAL E 182 -21.38 -22.80 -17.76
N GLY E 183 -21.07 -23.77 -16.90
CA GLY E 183 -19.69 -24.17 -16.65
C GLY E 183 -19.20 -25.23 -17.61
N LEU E 184 -17.97 -25.09 -18.10
CA LEU E 184 -17.41 -26.06 -19.04
C LEU E 184 -16.12 -26.72 -18.52
N ARG E 185 -16.19 -28.00 -18.17
CA ARG E 185 -15.01 -28.70 -17.65
C ARG E 185 -14.16 -29.23 -18.77
N TYR E 186 -13.07 -28.52 -19.07
CA TYR E 186 -12.16 -28.95 -20.14
C TYR E 186 -11.22 -30.09 -19.70
N PHE E 187 -10.89 -30.97 -20.66
CA PHE E 187 -9.99 -32.11 -20.42
C PHE E 187 -8.78 -31.99 -21.38
N ASN E 188 -7.58 -31.83 -20.84
CA ASN E 188 -6.37 -31.76 -21.70
C ASN E 188 -6.64 -31.17 -23.08
N VAL E 189 -6.76 -29.86 -23.14
CA VAL E 189 -7.00 -29.18 -24.41
C VAL E 189 -5.68 -28.92 -25.09
N TYR E 190 -5.67 -29.00 -26.42
CA TYR E 190 -4.46 -28.71 -27.18
C TYR E 190 -4.87 -27.97 -28.43
N GLY E 191 -3.89 -27.39 -29.11
CA GLY E 191 -4.22 -26.66 -30.31
C GLY E 191 -3.45 -25.35 -30.34
N PRO E 192 -3.64 -24.55 -31.41
CA PRO E 192 -2.98 -23.26 -31.58
C PRO E 192 -3.13 -22.23 -30.45
N ARG E 193 -2.02 -21.56 -30.16
CA ARG E 193 -1.97 -20.50 -29.16
C ARG E 193 -1.81 -20.97 -27.72
N GLU E 194 -1.20 -22.13 -27.53
CA GLU E 194 -0.98 -22.63 -26.17
C GLU E 194 0.50 -22.63 -25.89
N PHE E 195 1.26 -22.19 -26.89
CA PHE E 195 2.70 -22.16 -26.77
C PHE E 195 3.21 -21.34 -25.60
N TYR E 196 2.65 -20.15 -25.43
CA TYR E 196 3.09 -19.26 -24.35
C TYR E 196 2.69 -19.66 -22.96
N LYS E 197 2.06 -20.83 -22.84
CA LYS E 197 1.69 -21.33 -21.53
C LYS E 197 2.94 -22.01 -21.02
N GLU E 198 4.01 -21.90 -21.80
CA GLU E 198 5.32 -22.45 -21.48
C GLU E 198 5.29 -23.93 -21.13
N LYS E 199 5.82 -24.26 -19.95
CA LYS E 199 5.90 -25.63 -19.48
C LYS E 199 4.54 -26.27 -19.24
N THR E 200 3.49 -25.46 -19.23
CA THR E 200 2.18 -26.02 -18.99
C THR E 200 1.38 -26.16 -20.28
N ALA E 201 2.07 -26.13 -21.42
CA ALA E 201 1.41 -26.30 -22.71
C ALA E 201 1.17 -27.80 -22.92
N SER E 202 0.12 -28.16 -23.67
CA SER E 202 -0.23 -29.57 -23.91
C SER E 202 0.92 -30.48 -24.29
N MET E 203 0.78 -31.77 -23.95
CA MET E 203 1.80 -32.77 -24.26
C MET E 203 1.97 -32.95 -25.77
N VAL E 204 0.88 -32.77 -26.52
CA VAL E 204 0.99 -32.91 -27.96
C VAL E 204 1.93 -31.78 -28.42
N LEU E 205 1.82 -30.60 -27.82
CA LEU E 205 2.70 -29.50 -28.18
C LEU E 205 4.10 -29.83 -27.68
N GLN E 206 4.17 -30.38 -26.47
CA GLN E 206 5.45 -30.75 -25.85
C GLN E 206 6.20 -31.78 -26.67
N LEU E 207 5.56 -32.92 -26.88
CA LEU E 207 6.15 -34.01 -27.65
C LEU E 207 6.52 -33.55 -29.06
N ALA E 208 5.53 -33.03 -29.78
CA ALA E 208 5.73 -32.56 -31.13
C ALA E 208 6.93 -31.63 -31.26
N LEU E 209 7.20 -30.87 -30.22
CA LEU E 209 8.31 -29.92 -30.23
C LEU E 209 9.63 -30.61 -29.94
N GLY E 210 9.62 -31.55 -29.01
CA GLY E 210 10.84 -32.27 -28.70
C GLY E 210 11.28 -33.06 -29.92
N ALA E 211 10.30 -33.68 -30.58
CA ALA E 211 10.53 -34.47 -31.77
C ALA E 211 11.13 -33.59 -32.88
N MET E 212 10.44 -32.49 -33.17
CA MET E 212 10.89 -31.57 -34.21
C MET E 212 12.28 -30.97 -33.90
N ALA E 213 12.56 -30.80 -32.62
CA ALA E 213 13.83 -30.22 -32.22
C ALA E 213 14.91 -31.28 -32.02
N PHE E 214 14.99 -31.79 -30.81
CA PHE E 214 15.98 -32.79 -30.45
C PHE E 214 15.79 -34.18 -31.08
N LYS E 215 14.77 -34.31 -31.94
CA LYS E 215 14.48 -35.56 -32.61
C LYS E 215 14.36 -36.70 -31.59
N GLU E 216 14.35 -36.33 -30.32
CA GLU E 216 14.21 -37.27 -29.22
C GLU E 216 13.13 -36.72 -28.30
N VAL E 217 12.37 -37.60 -27.65
CA VAL E 217 11.29 -37.18 -26.78
C VAL E 217 11.31 -37.95 -25.45
N LYS E 218 11.24 -37.24 -24.33
CA LYS E 218 11.22 -37.90 -23.02
C LYS E 218 9.76 -38.20 -22.70
N LEU E 219 9.52 -39.11 -21.77
CA LEU E 219 8.16 -39.48 -21.40
C LEU E 219 8.22 -40.37 -20.16
N PHE E 220 7.40 -40.07 -19.16
CA PHE E 220 7.41 -40.85 -17.93
C PHE E 220 7.05 -42.32 -18.12
N GLU E 221 7.11 -43.05 -17.01
CA GLU E 221 6.82 -44.47 -16.93
C GLU E 221 5.96 -45.00 -18.08
N PHE E 222 6.62 -45.46 -19.15
CA PHE E 222 5.94 -46.02 -20.33
C PHE E 222 4.97 -45.10 -21.06
N GLY E 223 4.70 -43.93 -20.50
CA GLY E 223 3.80 -42.98 -21.12
C GLY E 223 2.56 -43.56 -21.79
N GLU E 224 1.95 -44.55 -21.16
CA GLU E 224 0.75 -45.16 -21.72
C GLU E 224 -0.50 -44.77 -20.94
N GLN E 225 -0.34 -43.81 -20.02
CA GLN E 225 -1.46 -43.31 -19.22
C GLN E 225 -2.41 -42.56 -20.15
N LEU E 226 -3.71 -42.78 -19.94
CA LEU E 226 -4.74 -42.18 -20.78
C LEU E 226 -5.34 -40.84 -20.33
N ARG E 227 -5.47 -39.93 -21.28
CA ARG E 227 -6.03 -38.61 -21.04
C ARG E 227 -7.02 -38.39 -22.17
N ASP E 228 -8.10 -37.68 -21.86
CA ASP E 228 -9.08 -37.37 -22.88
C ASP E 228 -8.59 -36.08 -23.49
N PHE E 229 -7.94 -36.16 -24.64
CA PHE E 229 -7.42 -34.98 -25.32
C PHE E 229 -8.49 -34.39 -26.20
N VAL E 230 -8.86 -33.14 -25.94
CA VAL E 230 -9.87 -32.48 -26.77
C VAL E 230 -9.23 -31.31 -27.53
N TYR E 231 -9.49 -31.27 -28.83
CA TYR E 231 -8.90 -30.22 -29.64
C TYR E 231 -9.55 -28.87 -29.35
N ILE E 232 -8.71 -27.83 -29.35
CA ILE E 232 -9.15 -26.47 -29.10
C ILE E 232 -10.42 -26.09 -29.88
N GLU E 233 -10.60 -26.69 -31.05
CA GLU E 233 -11.76 -26.35 -31.84
C GLU E 233 -13.05 -26.86 -31.23
N ASP E 234 -13.00 -28.02 -30.60
CA ASP E 234 -14.21 -28.58 -30.00
C ASP E 234 -14.55 -27.78 -28.75
N VAL E 235 -13.51 -27.30 -28.06
CA VAL E 235 -13.69 -26.49 -26.86
C VAL E 235 -14.45 -25.23 -27.30
N ILE E 236 -14.06 -24.70 -28.46
CA ILE E 236 -14.67 -23.50 -29.02
C ILE E 236 -16.14 -23.78 -29.34
N GLN E 237 -16.40 -24.91 -29.99
CA GLN E 237 -17.76 -25.28 -30.33
C GLN E 237 -18.62 -25.29 -29.06
N ALA E 238 -18.04 -25.84 -27.99
CA ALA E 238 -18.71 -25.93 -26.70
C ALA E 238 -19.12 -24.55 -26.15
N ASN E 239 -18.22 -23.57 -26.22
CA ASN E 239 -18.51 -22.23 -25.71
C ASN E 239 -19.61 -21.53 -26.50
N VAL E 240 -19.53 -21.59 -27.82
CA VAL E 240 -20.55 -20.94 -28.64
C VAL E 240 -21.91 -21.66 -28.54
N LYS E 241 -21.88 -22.99 -28.41
CA LYS E 241 -23.13 -23.74 -28.29
C LYS E 241 -23.72 -23.38 -26.93
N ALA E 242 -22.84 -23.22 -25.95
CA ALA E 242 -23.26 -22.87 -24.59
C ALA E 242 -23.98 -21.54 -24.46
N MET E 243 -23.73 -20.61 -25.38
CA MET E 243 -24.37 -19.29 -25.28
C MET E 243 -25.82 -19.27 -25.75
N LYS E 244 -26.35 -20.44 -26.06
CA LYS E 244 -27.74 -20.55 -26.48
C LYS E 244 -28.51 -21.30 -25.40
N ALA E 245 -27.80 -21.62 -24.31
CA ALA E 245 -28.39 -22.35 -23.18
C ALA E 245 -29.40 -21.43 -22.50
N GLN E 246 -30.57 -21.98 -22.19
CA GLN E 246 -31.64 -21.23 -21.54
C GLN E 246 -31.74 -21.60 -20.06
N LYS E 247 -30.75 -22.38 -19.60
CA LYS E 247 -30.70 -22.79 -18.21
C LYS E 247 -29.26 -23.01 -17.80
N SER E 248 -28.98 -22.80 -16.52
CA SER E 248 -27.63 -22.96 -15.98
C SER E 248 -27.25 -24.45 -15.93
N GLY E 249 -25.96 -24.73 -15.86
CA GLY E 249 -25.51 -26.11 -15.76
C GLY E 249 -24.00 -26.24 -15.94
N VAL E 250 -23.41 -27.35 -15.52
CA VAL E 250 -21.97 -27.54 -15.72
C VAL E 250 -21.77 -28.85 -16.51
N TYR E 251 -20.98 -28.76 -17.57
CA TYR E 251 -20.78 -29.88 -18.45
C TYR E 251 -19.33 -30.30 -18.69
N ASN E 252 -19.15 -31.60 -18.96
CA ASN E 252 -17.82 -32.09 -19.26
C ASN E 252 -17.64 -31.74 -20.73
N VAL E 253 -16.43 -31.35 -21.09
CA VAL E 253 -16.16 -31.04 -22.48
C VAL E 253 -14.80 -31.60 -22.88
N GLY E 254 -14.84 -32.77 -23.49
CA GLY E 254 -13.67 -33.47 -23.98
C GLY E 254 -14.12 -34.18 -25.23
N TYR E 255 -13.31 -35.10 -25.73
CA TYR E 255 -13.70 -35.83 -26.93
C TYR E 255 -14.46 -37.08 -26.50
N SER E 256 -14.41 -37.35 -25.20
CA SER E 256 -15.05 -38.51 -24.55
C SER E 256 -14.37 -39.82 -24.97
N GLN E 257 -13.11 -39.73 -25.33
CA GLN E 257 -12.32 -40.87 -25.76
C GLN E 257 -10.89 -40.70 -25.31
N ALA E 258 -10.49 -41.49 -24.33
CA ALA E 258 -9.14 -41.42 -23.80
C ALA E 258 -8.09 -41.95 -24.76
N ARG E 259 -6.90 -41.37 -24.72
CA ARG E 259 -5.80 -41.79 -25.59
C ARG E 259 -4.50 -41.73 -24.79
N SER E 260 -3.58 -42.66 -25.03
CA SER E 260 -2.32 -42.69 -24.29
C SER E 260 -1.30 -41.73 -24.89
N TYR E 261 -0.31 -41.34 -24.08
CA TYR E 261 0.73 -40.42 -24.55
C TYR E 261 1.49 -41.06 -25.69
N ASN E 262 1.42 -42.38 -25.75
CA ASN E 262 2.11 -43.12 -26.80
C ASN E 262 1.42 -42.95 -28.13
N GLU E 263 0.10 -42.95 -28.11
CA GLU E 263 -0.67 -42.76 -29.32
C GLU E 263 -0.37 -41.41 -29.96
N ILE E 264 0.03 -40.45 -29.13
CA ILE E 264 0.40 -39.12 -29.63
C ILE E 264 1.72 -39.30 -30.37
N VAL E 265 2.68 -39.89 -29.65
CA VAL E 265 4.01 -40.17 -30.20
C VAL E 265 3.86 -40.91 -31.53
N SER E 266 2.89 -41.82 -31.55
CA SER E 266 2.60 -42.61 -32.73
C SER E 266 2.07 -41.70 -33.85
N ILE E 267 0.88 -41.11 -33.66
CA ILE E 267 0.27 -40.23 -34.66
C ILE E 267 1.27 -39.14 -35.06
N LEU E 268 2.23 -38.89 -34.17
CA LEU E 268 3.25 -37.88 -34.40
C LEU E 268 4.33 -38.39 -35.35
N LYS E 269 4.77 -39.64 -35.12
CA LYS E 269 5.78 -40.26 -35.97
C LYS E 269 5.21 -40.40 -37.39
N GLU E 270 3.93 -40.75 -37.43
CA GLU E 270 3.20 -40.91 -38.68
C GLU E 270 3.22 -39.63 -39.50
N HIS E 271 3.73 -38.55 -38.90
CA HIS E 271 3.80 -37.26 -39.58
C HIS E 271 5.26 -36.81 -39.63
N LEU E 272 5.83 -36.58 -38.45
CA LEU E 272 7.20 -36.12 -38.29
C LEU E 272 8.26 -37.19 -38.55
N GLY E 273 7.83 -38.36 -39.02
CA GLY E 273 8.79 -39.42 -39.25
C GLY E 273 9.13 -40.02 -37.90
N ASP E 274 10.22 -40.77 -37.81
CA ASP E 274 10.60 -41.40 -36.54
C ASP E 274 11.46 -40.48 -35.67
N PHE E 275 11.53 -40.79 -34.39
CA PHE E 275 12.34 -40.05 -33.42
C PHE E 275 12.58 -40.89 -32.17
N LYS E 276 13.52 -40.48 -31.31
CA LYS E 276 13.82 -41.25 -30.11
C LYS E 276 12.71 -41.16 -29.08
N VAL E 277 12.48 -42.27 -28.38
CA VAL E 277 11.44 -42.36 -27.37
C VAL E 277 12.01 -42.74 -26.01
N THR E 278 12.75 -41.81 -25.42
CA THR E 278 13.38 -42.02 -24.13
C THR E 278 12.35 -41.88 -23.00
N TYR E 279 12.40 -42.78 -22.03
CA TYR E 279 11.48 -42.74 -20.90
C TYR E 279 12.13 -42.20 -19.63
N ILE E 280 11.49 -42.49 -18.51
CA ILE E 280 11.96 -42.08 -17.20
C ILE E 280 10.97 -42.63 -16.19
N LYS E 281 11.47 -42.97 -15.00
CA LYS E 281 10.60 -43.51 -13.97
C LYS E 281 10.67 -42.71 -12.67
N LYS E 289 -3.39 -41.73 -13.08
CA LYS E 289 -4.57 -40.95 -13.42
C LYS E 289 -5.11 -41.44 -14.77
N HIS E 290 -6.42 -41.30 -14.96
CA HIS E 290 -7.07 -41.75 -16.18
C HIS E 290 -8.34 -40.93 -16.37
N THR E 291 -8.38 -40.12 -17.42
CA THR E 291 -9.56 -39.31 -17.66
C THR E 291 -10.27 -39.62 -18.98
N GLN E 292 -11.59 -39.53 -18.93
CA GLN E 292 -12.38 -39.74 -20.12
C GLN E 292 -13.73 -39.11 -19.87
N ALA E 293 -13.97 -38.00 -20.57
CA ALA E 293 -15.19 -37.25 -20.39
C ALA E 293 -16.49 -37.96 -20.69
N HIS E 294 -17.39 -38.01 -19.69
CA HIS E 294 -18.70 -38.56 -19.94
C HIS E 294 -19.36 -37.30 -20.53
N ILE E 295 -19.63 -37.34 -21.83
CA ILE E 295 -20.15 -36.19 -22.54
C ILE E 295 -21.65 -36.13 -22.86
N GLU E 296 -22.39 -37.15 -22.42
CA GLU E 296 -23.82 -37.27 -22.69
C GLU E 296 -24.70 -36.03 -22.49
N PRO E 297 -24.72 -35.49 -21.26
CA PRO E 297 -25.53 -34.31 -20.92
C PRO E 297 -25.17 -33.06 -21.75
N THR E 298 -23.88 -32.95 -22.07
CA THR E 298 -23.35 -31.84 -22.86
C THR E 298 -24.00 -31.88 -24.23
N ILE E 299 -23.95 -33.07 -24.84
CA ILE E 299 -24.56 -33.30 -26.15
C ILE E 299 -26.05 -33.02 -26.02
N LEU E 300 -26.66 -33.67 -25.04
CA LEU E 300 -28.08 -33.53 -24.77
C LEU E 300 -28.51 -32.08 -24.60
N ASP E 301 -27.81 -31.34 -23.76
CA ASP E 301 -28.15 -29.94 -23.49
C ASP E 301 -27.59 -28.86 -24.42
N LEU E 302 -26.36 -29.03 -24.86
CA LEU E 302 -25.74 -28.02 -25.69
C LEU E 302 -25.61 -28.36 -27.17
N ASP E 303 -26.06 -29.55 -27.54
CA ASP E 303 -25.96 -29.98 -28.93
C ASP E 303 -24.47 -30.15 -29.29
N TYR E 304 -23.65 -30.25 -28.25
CA TYR E 304 -22.23 -30.45 -28.42
C TYR E 304 -22.02 -31.79 -29.16
N THR E 305 -21.08 -31.77 -30.10
CA THR E 305 -20.76 -32.94 -30.89
C THR E 305 -19.32 -32.77 -31.34
N PRO E 306 -18.38 -33.29 -30.56
CA PRO E 306 -16.96 -33.16 -30.91
C PRO E 306 -16.55 -33.82 -32.21
N LEU E 307 -15.68 -33.15 -32.93
CA LEU E 307 -15.11 -33.64 -34.18
C LEU E 307 -13.67 -33.81 -33.71
N TYR E 308 -12.70 -33.94 -34.59
CA TYR E 308 -11.30 -34.04 -34.12
C TYR E 308 -10.93 -35.07 -33.05
N ASP E 309 -10.49 -36.25 -33.48
CA ASP E 309 -10.04 -37.25 -32.52
C ASP E 309 -8.57 -36.86 -32.39
N LEU E 310 -7.79 -37.60 -31.61
CA LEU E 310 -6.38 -37.24 -31.47
C LEU E 310 -5.69 -37.09 -32.82
N GLU E 311 -6.13 -37.88 -33.79
CA GLU E 311 -5.57 -37.85 -35.15
C GLU E 311 -5.91 -36.58 -35.90
N SER E 312 -7.20 -36.31 -36.07
CA SER E 312 -7.67 -35.12 -36.76
C SER E 312 -7.11 -33.88 -36.04
N GLY E 313 -7.00 -33.99 -34.72
CA GLY E 313 -6.47 -32.90 -33.92
C GLY E 313 -5.00 -32.67 -34.22
N ILE E 314 -4.17 -33.67 -33.93
CA ILE E 314 -2.73 -33.58 -34.18
C ILE E 314 -2.47 -33.16 -35.64
N LYS E 315 -3.31 -33.65 -36.54
CA LYS E 315 -3.16 -33.30 -37.95
C LYS E 315 -3.31 -31.80 -38.13
N ASP E 316 -4.48 -31.27 -37.79
CA ASP E 316 -4.78 -29.84 -37.93
C ASP E 316 -3.85 -28.91 -37.17
N TYR E 317 -3.38 -29.37 -36.02
CA TYR E 317 -2.50 -28.57 -35.18
C TYR E 317 -1.06 -28.50 -35.70
N LEU E 318 -0.54 -29.65 -36.11
CA LEU E 318 0.84 -29.78 -36.59
C LEU E 318 1.43 -28.72 -37.52
N PRO E 319 0.63 -28.16 -38.44
CA PRO E 319 1.19 -27.12 -39.33
C PRO E 319 1.73 -25.93 -38.52
N HIS E 320 0.93 -25.52 -37.54
CA HIS E 320 1.28 -24.40 -36.68
C HIS E 320 2.51 -24.72 -35.85
N ILE E 321 2.57 -25.95 -35.34
CA ILE E 321 3.70 -26.38 -34.53
C ILE E 321 4.98 -26.27 -35.35
N HIS E 322 4.84 -26.32 -36.68
CA HIS E 322 6.00 -26.22 -37.56
C HIS E 322 6.59 -24.82 -37.52
N ALA E 323 5.81 -23.84 -37.09
CA ALA E 323 6.30 -22.48 -37.00
C ALA E 323 7.37 -22.46 -35.91
N ILE E 324 8.60 -22.73 -36.34
CA ILE E 324 9.77 -22.75 -35.45
C ILE E 324 10.77 -21.70 -35.95
PA NAD F . 3.58 2.16 27.91
O1A NAD F . 4.36 1.93 26.67
O2A NAD F . 3.49 1.08 28.92
O5B NAD F . 2.08 2.60 27.51
C5B NAD F . 1.82 3.15 26.23
C4B NAD F . 0.75 2.29 25.54
O4B NAD F . 0.46 2.88 24.27
C3B NAD F . 1.28 0.88 25.28
O3B NAD F . 0.31 -0.08 25.69
C2B NAD F . 1.43 0.86 23.76
O2B NAD F . 1.17 -0.46 23.26
C1B NAD F . 0.25 1.77 23.39
N9A NAD F . 0.37 2.23 21.98
C8A NAD F . 1.50 2.64 21.41
N7A NAD F . 1.25 2.97 20.13
C5A NAD F . -0.05 2.75 19.90
C6A NAD F . -0.86 2.90 18.80
N6A NAD F . -0.36 3.35 17.64
N1A NAD F . -2.16 2.59 18.91
C2A NAD F . -2.67 2.14 20.05
N3A NAD F . -1.91 2.00 21.13
C4A NAD F . -0.61 2.29 21.09
O3 NAD F . 4.15 3.48 28.61
PN NAD F . 3.46 4.08 29.93
O1N NAD F . 4.49 4.20 30.98
O2N NAD F . 2.21 3.35 30.21
O5D NAD F . 3.10 5.60 29.48
C5D NAD F . 1.74 5.98 29.21
C4D NAD F . 1.57 7.49 28.97
O4D NAD F . 2.23 8.21 30.04
C3D NAD F . 2.20 8.01 27.68
O3D NAD F . 1.41 9.13 27.01
C2D NAD F . 3.64 8.22 28.18
O2D NAD F . 4.39 9.03 27.28
C1D NAD F . 3.28 9.00 29.44
N1N NAD F . 4.41 9.18 30.37
C2N NAD F . 4.85 8.07 31.12
C3N NAD F . 5.91 8.24 32.01
C7N NAD F . 6.44 7.04 32.79
O7N NAD F . 7.47 7.13 33.45
N7N NAD F . 5.72 5.92 32.66
C4N NAD F . 6.52 9.48 32.14
C5N NAD F . 6.08 10.58 31.41
C6N NAD F . 5.02 10.43 30.52
PA NAD G . 9.54 10.20 -24.25
O1A NAD G . 10.41 9.23 -23.55
O2A NAD G . 9.97 11.62 -24.34
O5B NAD G . 8.08 10.13 -23.58
C5B NAD G . 7.35 11.35 -23.38
C4B NAD G . 7.03 11.55 -21.89
O4B NAD G . 6.20 10.51 -21.34
C3B NAD G . 8.26 11.61 -20.98
O3B NAD G . 8.45 12.95 -20.55
C2B NAD G . 7.85 10.75 -19.78
O2B NAD G . 8.24 11.42 -18.58
C1B NAD G . 6.33 10.79 -19.95
N9A NAD G . 5.61 9.75 -19.16
C8A NAD G . 5.81 8.43 -19.23
N7A NAD G . 4.94 7.81 -18.44
C5A NAD G . 4.19 8.73 -17.85
C6A NAD G . 3.14 8.68 -16.93
N6A NAD G . 2.72 7.51 -16.44
N1A NAD G . 2.58 9.83 -16.53
C2A NAD G . 3.02 11.00 -16.98
N3A NAD G . 4.02 11.08 -17.85
C4A NAD G . 4.62 9.97 -18.30
O3 NAD G . 9.31 9.64 -25.75
PN NAD G . 8.91 10.60 -26.99
O1N NAD G . 9.99 10.57 -28.01
O2N NAD G . 8.46 11.91 -26.47
O5D NAD G . 7.63 9.85 -27.59
C5D NAD G . 6.32 10.34 -27.27
C4D NAD G . 5.22 9.66 -28.08
O4D NAD G . 5.76 9.35 -29.38
C3D NAD G . 4.74 8.32 -27.51
O3D NAD G . 3.21 8.00 -27.41
C2D NAD G . 5.80 7.41 -28.10
O2D NAD G . 5.40 6.03 -28.03
C1D NAD G . 5.71 7.93 -29.53
N1N NAD G . 6.77 7.46 -30.46
C2N NAD G . 7.97 8.17 -30.55
C3N NAD G . 8.94 7.76 -31.47
C7N NAD G . 10.29 8.47 -31.53
O7N NAD G . 10.47 9.54 -30.94
N7N NAD G . 11.21 7.85 -32.25
C4N NAD G . 8.70 6.67 -32.28
C5N NAD G . 7.50 5.96 -32.20
C6N NAD G . 6.53 6.35 -31.28
PA NAD H . -7.51 -24.55 12.15
O1A NAD H . -6.39 -23.60 12.02
O2A NAD H . -7.34 -25.91 11.60
O5B NAD H . -8.82 -23.88 11.49
C5B NAD H . -8.98 -22.47 11.52
C4B NAD H . -9.40 -21.94 10.15
O4B NAD H . -9.42 -20.51 10.20
C3B NAD H . -8.32 -22.35 9.14
O3B NAD H . -8.93 -22.89 7.97
C2B NAD H . -7.66 -21.01 8.81
O2B NAD H . -7.19 -21.03 7.46
C1B NAD H . -8.89 -20.10 8.93
N9A NAD H . -8.51 -18.67 8.97
C8A NAD H . -7.48 -18.15 9.64
N7A NAD H . -7.43 -16.84 9.45
C5A NAD H . -8.45 -16.50 8.65
C6A NAD H . -8.90 -15.31 8.13
N6A NAD H . -8.27 -14.16 8.40
N1A NAD H . -9.99 -15.31 7.36
C2A NAD H . -10.63 -16.44 7.09
N3A NAD H . -10.21 -17.61 7.56
C4A NAD H . -9.13 -17.68 8.35
O3 NAD H . -7.89 -24.64 13.71
PN NAD H . -9.22 -25.36 14.26
O1N NAD H . -8.83 -26.61 14.95
O2N NAD H . -10.24 -25.43 13.19
O5D NAD H . -9.74 -24.35 15.40
C5D NAD H . -10.98 -23.65 15.24
C4D NAD H . -11.31 -22.76 16.44
O4D NAD H . -11.24 -23.54 17.65
C3D NAD H . -10.29 -21.63 16.61
O3D NAD H . -10.99 -20.39 16.94
C2D NAD H . -9.24 -22.38 17.43
O2D NAD H . -8.33 -21.47 18.07
C1D NAD H . -10.19 -22.99 18.45
N1N NAD H . -9.55 -23.99 19.35
C2N NAD H . -9.26 -25.27 18.85
C3N NAD H . -8.63 -26.19 19.69
C7N NAD H . -8.34 -27.60 19.16
O7N NAD H . -8.17 -28.54 19.93
N7N NAD H . -8.33 -27.73 17.83
C4N NAD H . -8.30 -25.86 20.99
C5N NAD H . -8.60 -24.58 21.48
C6N NAD H . -9.22 -23.65 20.65
PA NAD I . 14.26 23.73 5.11
O1A NAD I . 15.18 22.57 4.96
O2A NAD I . 14.09 24.30 6.47
O5B NAD I . 12.81 23.27 4.57
C5B NAD I . 11.63 23.89 5.10
C4B NAD I . 10.66 22.84 5.67
O4B NAD I . 9.94 22.11 4.66
C3B NAD I . 11.35 21.80 6.54
O3B NAD I . 10.79 21.85 7.85
C2B NAD I . 10.93 20.50 5.87
O2B NAD I . 10.80 19.45 6.84
C1B NAD I . 9.55 20.93 5.37
N9A NAD I . 8.94 19.93 4.47
C8A NAD I . 9.56 19.29 3.47
N7A NAD I . 8.71 18.45 2.88
C5A NAD I . 7.54 18.54 3.51
C6A NAD I . 6.31 17.91 3.36
N6A NAD I . 6.14 16.95 2.46
N1A NAD I . 5.31 18.24 4.19
C2A NAD I . 5.49 19.15 5.14
N3A NAD I . 6.64 19.75 5.31
C4A NAD I . 7.69 19.48 4.52
O3 NAD I . 14.72 24.88 4.09
PN NAD I . 14.37 26.45 4.33
O1N NAD I . 15.65 27.20 4.40
O2N NAD I . 13.41 26.59 5.44
O5D NAD I . 13.64 26.92 2.98
C5D NAD I . 12.27 27.37 3.02
C4D NAD I . 11.81 27.95 1.69
O4D NAD I . 12.84 28.85 1.24
C3D NAD I . 11.64 26.93 0.55
O3D NAD I . 10.50 27.12 -0.15
C2D NAD I . 13.07 26.88 0.04
O2D NAD I . 13.13 26.28 -1.26
C1D NAD I . 13.26 28.40 -0.06
N1N NAD I . 14.63 28.85 -0.38
C2N NAD I . 15.61 28.88 0.63
C3N NAD I . 16.86 29.42 0.36
C7N NAD I . 17.88 29.53 1.50
O7N NAD I . 17.63 29.08 2.61
N7N NAD I . 19.02 30.14 1.18
C4N NAD I . 17.16 29.90 -0.91
C5N NAD I . 16.20 29.86 -1.91
C6N NAD I . 14.94 29.33 -1.65
PA NAD J . -4.05 -19.42 -20.27
O1A NAD J . -3.19 -19.07 -19.11
O2A NAD J . -3.39 -19.60 -21.57
O5B NAD J . -5.24 -18.34 -20.39
C5B NAD J . -5.83 -17.78 -19.22
C4B NAD J . -5.70 -16.25 -19.20
O4B NAD J . -6.10 -15.74 -17.91
C3B NAD J . -4.24 -15.82 -19.38
O3B NAD J . -4.11 -14.95 -20.51
C2B NAD J . -3.93 -15.04 -18.10
O2B NAD J . -3.09 -13.93 -18.42
C1B NAD J . -5.33 -14.55 -17.75
N9A NAD J . -5.36 -14.04 -16.35
C8A NAD J . -4.72 -14.60 -15.31
N7A NAD J . -4.95 -13.87 -14.22
C5A NAD J . -5.72 -12.85 -14.56
C6A NAD J . -6.25 -11.76 -13.86
N6A NAD J . -6.05 -11.63 -12.55
N1A NAD J . -7.00 -10.87 -14.53
C2A NAD J . -7.22 -11.01 -15.82
N3A NAD J . -6.74 -12.02 -16.51
C4A NAD J . -5.98 -12.95 -15.92
O3 NAD J . -4.86 -20.76 -19.88
PN NAD J . -6.10 -21.32 -20.76
O1N NAD J . -5.71 -22.62 -21.34
O2N NAD J . -6.58 -20.25 -21.66
O5D NAD J . -7.27 -21.62 -19.69
C5D NAD J . -8.53 -20.96 -19.82
C4D NAD J . -9.61 -21.54 -18.91
O4D NAD J . -9.76 -22.94 -19.21
C3D NAD J . -9.23 -21.48 -17.43
O3D NAD J . -10.25 -21.02 -16.55
C2D NAD J . -8.47 -22.79 -17.30
O2D NAD J . -8.31 -23.18 -15.93
C1D NAD J . -9.47 -23.69 -18.02
N1N NAD J . -8.97 -25.05 -18.31
C2N NAD J . -8.00 -25.25 -19.29
C3N NAD J . -7.49 -26.53 -19.53
C7N NAD J . -6.36 -26.75 -20.54
O7N NAD J . -6.04 -25.86 -21.34
N7N NAD J . -5.78 -27.94 -20.48
C4N NAD J . -7.98 -27.61 -18.79
C5N NAD J . -8.94 -27.42 -17.82
C6N NAD J . -9.45 -26.14 -17.57
#